data_6XKT
#
_entry.id   6XKT
#
_cell.length_a   1.00
_cell.length_b   1.00
_cell.length_c   1.00
_cell.angle_alpha   90.00
_cell.angle_beta   90.00
_cell.angle_gamma   90.00
#
_symmetry.space_group_name_H-M   'P 1'
#
loop_
_entity.id
_entity.type
_entity.pdbx_description
1 polymer 'Cytochrome b'
2 polymer 'Cytochrome c1'
3 polymer 'Ubiquinol-cytochrome c reductase iron-sulfur subunit'
4 non-polymer 'HEME C'
5 non-polymer 'FE2/S2 (INORGANIC) CLUSTER'
#
loop_
_entity_poly.entity_id
_entity_poly.type
_entity_poly.pdbx_seq_one_letter_code
_entity_poly.pdbx_strand_id
1 'polypeptide(L)'
;MSGIPHDHYEPKTGIEKWLHDRLPIVGLVYDTIMIPTPKNLNWWWIWGIVLAFTLVLQIVTGIVLAMHYTPHVDLAFASV
EHIMRDVNGGWAMRYIHANGASLFFLAVYIHIFRGLYYGSYKAPREITWIVGMVIYLLMMGTAFMGYVLPWGQMSFWGAT
VITGLFGAIPGIGPSIQAWLLGGPAVDNATLNRFFSLHYLLPFVIAALVAIHIWAFHTTGNNNPTGVEVRRTSKADAEKD
TLPFWPYFVIKDLFALALVLLGFFAVVAYMPNYLGHPDNYVQANPLSTPAHIVPEWYFLPFYAILRAFAADVWVVILVDG
LTFGIVDAKFFGVIAMFGAIAVMALAPWLDTSKVRSGAYRPKFRMWFWFLVLDFVVLTWVGAMPTEYPYDWISLIASTYW
FAYFLVILPLLGATEKPEPIPASIEEDFNSHYGNPAE
;
C,P
2 'polypeptide(L)'
;MKKLLISAVSALVLGSGAAFANSNVPDHAFSFEGIFGKYDQAQLRRGFQVYNEVCSACHGMKFVPIRTLADDGGPQLDPT
FVREYAAGLDTIIDKDSGEERDRKETDMFPTRVGDGMGPDLSVMAKARAGFSGPAGSGMNQLFKGMGGPEYIYNYVIGFE
ENPECAPEGIDGYYYNKTFQIGGVPDTCKDAAGVKITHGSWARMPPPLVDDQVTYEDGTPATVDQMAQDVSAFLMWAAEP
KLVARKQMGLVAMVMLGLLSVMLYLTNKRLWAPYKGHKA
;
D,Q
3 'polypeptide(L)'
;MSHAEDNAGTRRDFLYHATAATGVVVTGAAVWPLINQMNASADVKAMASIFVDVSAVEVGTQLTVKWRGKPVFIRRRDEK
DIELARSVPLGALRDTSAENANKPGAEATDENRTLPAFDGTNTGEWLVMLGVCTHLGCVPMGDKSGDFGGWFCPCHGSHY
DSAGRIRKGPAPRNLDIPVAAFVDETTIKLG
;
E,R
#
loop_
_chem_comp.id
_chem_comp.type
_chem_comp.name
_chem_comp.formula
FES non-polymer 'FE2/S2 (INORGANIC) CLUSTER' 'Fe2 S2'
HEC non-polymer 'HEME C' 'C34 H34 Fe N4 O4'
#
# COMPACT_ATOMS: atom_id res chain seq x y z
N SER A 2 -35.01 -38.13 -1.12
CA SER A 2 -34.58 -37.12 -2.08
C SER A 2 -33.99 -35.84 -1.48
N GLY A 3 -32.85 -35.41 -2.01
CA GLY A 3 -32.16 -34.24 -1.51
C GLY A 3 -32.16 -34.15 0.01
N ILE A 4 -31.97 -35.28 0.68
CA ILE A 4 -32.04 -35.34 2.14
C ILE A 4 -31.14 -34.27 2.74
N PRO A 5 -31.70 -33.21 3.33
CA PRO A 5 -30.86 -32.21 4.01
C PRO A 5 -30.46 -32.66 5.41
N HIS A 6 -31.36 -33.35 6.11
CA HIS A 6 -31.11 -33.86 7.45
C HIS A 6 -30.56 -32.75 8.37
N ASP A 7 -31.43 -31.77 8.61
CA ASP A 7 -31.04 -30.57 9.34
C ASP A 7 -30.48 -30.85 10.72
N HIS A 8 -30.56 -32.10 11.20
CA HIS A 8 -30.13 -32.55 12.51
C HIS A 8 -31.14 -32.19 13.60
N TYR A 9 -32.18 -31.41 13.29
CA TYR A 9 -33.28 -31.11 14.19
C TYR A 9 -32.82 -30.44 15.48
N GLU A 10 -31.55 -30.05 15.57
CA GLU A 10 -31.01 -29.43 16.78
C GLU A 10 -31.38 -30.26 18.00
N PRO A 11 -31.29 -31.59 17.92
CA PRO A 11 -31.61 -32.44 19.08
C PRO A 11 -30.41 -32.86 19.92
N LYS A 12 -29.20 -32.38 19.61
CA LYS A 12 -28.01 -32.84 20.30
C LYS A 12 -28.12 -32.61 21.81
N THR A 13 -28.21 -31.36 22.21
CA THR A 13 -28.21 -31.01 23.63
C THR A 13 -28.61 -29.54 23.78
N GLY A 14 -28.44 -29.00 24.99
CA GLY A 14 -28.80 -27.61 25.23
C GLY A 14 -27.97 -26.65 24.42
N ILE A 15 -26.71 -26.99 24.15
CA ILE A 15 -25.87 -26.12 23.31
C ILE A 15 -26.44 -26.04 21.91
N GLU A 16 -26.78 -27.18 21.32
CA GLU A 16 -27.37 -27.21 20.00
C GLU A 16 -28.82 -26.73 19.98
N LYS A 17 -29.39 -26.40 21.13
CA LYS A 17 -30.74 -25.85 21.21
C LYS A 17 -30.77 -24.36 21.42
N TRP A 18 -29.80 -23.82 22.19
CA TRP A 18 -29.67 -22.38 22.30
C TRP A 18 -29.07 -21.76 21.05
N LEU A 19 -28.46 -22.57 20.20
CA LEU A 19 -27.99 -22.11 18.90
C LEU A 19 -29.13 -21.81 17.95
N HIS A 20 -30.37 -21.90 18.40
CA HIS A 20 -31.53 -21.44 17.65
C HIS A 20 -31.60 -19.93 17.54
N ASP A 21 -30.62 -19.21 18.08
CA ASP A 21 -30.50 -17.77 17.88
C ASP A 21 -29.79 -17.46 16.57
N ARG A 22 -28.62 -18.04 16.35
CA ARG A 22 -27.90 -17.99 15.08
C ARG A 22 -27.78 -19.41 14.55
N LEU A 23 -28.47 -19.68 13.44
CA LEU A 23 -28.56 -20.98 12.81
C LEU A 23 -27.21 -21.58 12.45
N PRO A 24 -26.13 -20.77 12.38
CA PRO A 24 -24.96 -21.15 11.57
C PRO A 24 -24.64 -22.62 11.44
N ILE A 25 -24.57 -23.37 12.55
CA ILE A 25 -24.18 -24.77 12.45
C ILE A 25 -25.20 -25.55 11.62
N VAL A 26 -26.47 -25.14 11.68
CA VAL A 26 -27.49 -25.76 10.84
C VAL A 26 -27.07 -25.69 9.38
N GLY A 27 -26.67 -24.51 8.93
CA GLY A 27 -26.24 -24.34 7.55
C GLY A 27 -25.12 -25.30 7.21
N LEU A 28 -24.01 -25.18 7.93
CA LEU A 28 -22.85 -26.03 7.68
C LEU A 28 -23.27 -27.49 7.56
N VAL A 29 -23.84 -28.06 8.64
CA VAL A 29 -24.16 -29.48 8.67
C VAL A 29 -25.11 -29.82 7.53
N TYR A 30 -26.32 -29.24 7.56
CA TYR A 30 -27.35 -29.66 6.65
C TYR A 30 -26.94 -29.54 5.19
N ASP A 31 -26.11 -28.55 4.85
CA ASP A 31 -25.91 -28.21 3.45
C ASP A 31 -24.48 -28.41 2.97
N THR A 32 -23.49 -27.81 3.64
CA THR A 32 -22.17 -27.66 3.06
C THR A 32 -21.21 -28.77 3.48
N ILE A 33 -21.70 -29.78 4.19
CA ILE A 33 -20.86 -30.88 4.62
C ILE A 33 -21.50 -32.19 4.20
N MET A 34 -22.76 -32.37 4.56
CA MET A 34 -23.51 -33.57 4.17
C MET A 34 -24.35 -33.29 2.93
N ILE A 35 -23.66 -32.89 1.87
CA ILE A 35 -24.28 -32.66 0.57
C ILE A 35 -24.16 -33.94 -0.24
N PRO A 36 -25.25 -34.67 -0.49
CA PRO A 36 -25.16 -35.92 -1.25
C PRO A 36 -24.48 -35.74 -2.59
N THR A 37 -23.33 -36.41 -2.77
CA THR A 37 -22.63 -36.43 -4.03
C THR A 37 -22.56 -37.84 -4.58
N PRO A 38 -22.66 -38.02 -5.89
CA PRO A 38 -22.66 -39.36 -6.46
C PRO A 38 -21.40 -40.14 -6.11
N LYS A 39 -21.45 -41.43 -6.40
CA LYS A 39 -20.31 -42.32 -6.21
C LYS A 39 -19.38 -42.34 -7.41
N ASN A 40 -19.85 -41.91 -8.57
CA ASN A 40 -19.17 -42.11 -9.84
C ASN A 40 -18.10 -41.05 -10.11
N LEU A 41 -17.57 -40.40 -9.08
CA LEU A 41 -16.66 -39.29 -9.27
C LEU A 41 -15.23 -39.79 -9.48
N ASN A 42 -14.62 -39.36 -10.58
CA ASN A 42 -13.23 -39.62 -10.86
C ASN A 42 -12.37 -38.57 -10.16
N TRP A 43 -11.09 -38.52 -10.54
CA TRP A 43 -10.12 -37.62 -9.94
C TRP A 43 -10.13 -36.24 -10.55
N TRP A 44 -11.08 -35.94 -11.41
CA TRP A 44 -11.18 -34.61 -12.01
C TRP A 44 -12.06 -33.65 -11.21
N TRP A 45 -12.76 -34.15 -10.18
CA TRP A 45 -13.64 -33.33 -9.36
C TRP A 45 -12.96 -32.88 -8.07
N ILE A 46 -11.64 -32.70 -8.10
CA ILE A 46 -10.91 -32.28 -6.92
C ILE A 46 -10.46 -30.83 -7.06
N TRP A 47 -10.25 -30.41 -8.31
CA TRP A 47 -9.55 -29.16 -8.57
C TRP A 47 -10.26 -27.94 -7.98
N GLY A 48 -11.53 -28.06 -7.62
CA GLY A 48 -12.18 -26.95 -6.95
C GLY A 48 -11.63 -26.72 -5.55
N ILE A 49 -11.39 -27.82 -4.82
CA ILE A 49 -10.74 -27.70 -3.52
C ILE A 49 -9.35 -27.10 -3.70
N VAL A 50 -8.64 -27.53 -4.74
CA VAL A 50 -7.33 -26.98 -5.04
C VAL A 50 -7.43 -25.47 -5.25
N LEU A 51 -8.43 -25.04 -5.99
CA LEU A 51 -8.57 -23.61 -6.27
C LEU A 51 -8.88 -22.82 -5.01
N ALA A 52 -9.78 -23.33 -4.18
CA ALA A 52 -10.10 -22.65 -2.94
C ALA A 52 -8.87 -22.51 -2.05
N PHE A 53 -8.13 -23.61 -1.89
CA PHE A 53 -6.94 -23.55 -1.05
C PHE A 53 -5.91 -22.60 -1.63
N THR A 54 -5.70 -22.65 -2.95
CA THR A 54 -4.74 -21.75 -3.58
C THR A 54 -5.13 -20.29 -3.39
N LEU A 55 -6.42 -20.00 -3.48
CA LEU A 55 -6.89 -18.64 -3.27
C LEU A 55 -6.60 -18.18 -1.85
N VAL A 56 -6.91 -19.01 -0.87
CA VAL A 56 -6.59 -18.68 0.51
C VAL A 56 -5.10 -18.44 0.67
N LEU A 57 -4.28 -19.31 0.07
CA LEU A 57 -2.84 -19.18 0.15
C LEU A 57 -2.36 -17.85 -0.40
N GLN A 58 -2.85 -17.49 -1.58
CA GLN A 58 -2.44 -16.26 -2.21
C GLN A 58 -2.85 -15.06 -1.37
N ILE A 59 -4.09 -15.06 -0.88
CA ILE A 59 -4.56 -13.95 -0.06
C ILE A 59 -3.68 -13.78 1.17
N VAL A 60 -3.35 -14.88 1.83
CA VAL A 60 -2.56 -14.82 3.04
C VAL A 60 -1.16 -14.27 2.73
N THR A 61 -0.47 -14.92 1.80
CA THR A 61 0.88 -14.49 1.45
C THR A 61 0.90 -13.04 1.02
N GLY A 62 -0.13 -12.59 0.31
CA GLY A 62 -0.17 -11.20 -0.11
C GLY A 62 -0.35 -10.25 1.06
N ILE A 63 -1.26 -10.57 1.97
CA ILE A 63 -1.43 -9.75 3.15
C ILE A 63 -0.12 -9.65 3.91
N VAL A 64 0.72 -10.69 3.83
CA VAL A 64 2.00 -10.64 4.51
C VAL A 64 2.97 -9.74 3.74
N LEU A 65 3.06 -9.93 2.43
CA LEU A 65 3.99 -9.14 1.64
C LEU A 65 3.70 -7.65 1.76
N ALA A 66 2.43 -7.27 1.69
CA ALA A 66 2.05 -5.87 1.76
C ALA A 66 2.58 -5.18 3.01
N MET A 67 3.01 -5.95 4.02
CA MET A 67 3.65 -5.37 5.19
C MET A 67 5.08 -4.93 4.92
N HIS A 68 5.62 -5.23 3.75
CA HIS A 68 6.97 -4.85 3.40
C HIS A 68 7.11 -4.26 2.01
N TYR A 69 6.10 -4.39 1.16
CA TYR A 69 6.14 -3.79 -0.15
C TYR A 69 5.73 -2.33 -0.08
N THR A 70 6.46 -1.47 -0.77
CA THR A 70 6.22 -0.04 -0.79
C THR A 70 5.86 0.39 -2.20
N PRO A 71 4.61 0.73 -2.49
CA PRO A 71 4.27 1.09 -3.87
C PRO A 71 4.81 2.45 -4.26
N HIS A 72 5.90 2.43 -5.03
CA HIS A 72 6.53 3.62 -5.55
C HIS A 72 7.64 3.18 -6.48
N VAL A 73 7.88 3.97 -7.52
CA VAL A 73 8.87 3.59 -8.53
C VAL A 73 10.25 3.50 -7.94
N ASP A 74 10.52 4.31 -6.90
CA ASP A 74 11.86 4.40 -6.33
C ASP A 74 12.10 3.42 -5.19
N LEU A 75 11.07 2.71 -4.72
CA LEU A 75 11.22 1.87 -3.54
C LEU A 75 10.52 0.53 -3.65
N ALA A 76 10.08 0.12 -4.84
CA ALA A 76 9.43 -1.17 -4.99
C ALA A 76 10.45 -2.30 -5.08
N PHE A 77 11.34 -2.22 -6.06
CA PHE A 77 12.43 -3.18 -6.20
C PHE A 77 13.18 -3.35 -4.89
N ALA A 78 13.55 -2.23 -4.27
CA ALA A 78 14.29 -2.28 -3.01
C ALA A 78 13.50 -3.00 -1.94
N SER A 79 12.18 -2.79 -1.90
CA SER A 79 11.36 -3.45 -0.90
C SER A 79 11.28 -4.94 -1.16
N VAL A 80 11.19 -5.33 -2.44
CA VAL A 80 11.17 -6.73 -2.79
C VAL A 80 12.45 -7.42 -2.34
N GLU A 81 13.58 -6.73 -2.49
CA GLU A 81 14.84 -7.32 -2.05
C GLU A 81 14.92 -7.34 -0.53
N HIS A 82 14.46 -6.28 0.13
CA HIS A 82 14.30 -6.31 1.58
C HIS A 82 13.56 -7.55 2.01
N ILE A 83 12.50 -7.90 1.29
CA ILE A 83 11.75 -9.12 1.59
C ILE A 83 12.64 -10.35 1.41
N MET A 84 13.17 -10.54 0.20
CA MET A 84 13.89 -11.77 -0.10
C MET A 84 15.18 -11.92 0.70
N ARG A 85 15.64 -10.89 1.39
CA ARG A 85 16.90 -10.98 2.13
C ARG A 85 16.70 -10.88 3.63
N ASP A 86 16.09 -9.80 4.12
CA ASP A 86 16.07 -9.52 5.55
C ASP A 86 14.94 -10.27 6.26
N VAL A 87 13.73 -10.15 5.74
CA VAL A 87 12.54 -10.71 6.39
C VAL A 87 12.72 -12.19 6.66
N ASN A 88 12.08 -12.67 7.73
CA ASN A 88 12.15 -14.07 8.12
C ASN A 88 11.04 -14.83 7.41
N GLY A 89 11.36 -15.35 6.23
CA GLY A 89 10.46 -16.17 5.45
C GLY A 89 10.37 -15.71 4.02
N GLY A 90 10.26 -14.40 3.82
CA GLY A 90 10.74 -13.76 2.61
C GLY A 90 10.52 -14.52 1.33
N TRP A 91 11.64 -15.00 0.81
CA TRP A 91 11.69 -15.83 -0.39
C TRP A 91 10.54 -16.81 -0.43
N ALA A 92 10.22 -17.41 0.72
CA ALA A 92 9.12 -18.37 0.77
C ALA A 92 7.83 -17.70 0.34
N MET A 93 7.47 -16.60 1.01
CA MET A 93 6.22 -15.93 0.69
C MET A 93 6.19 -15.50 -0.78
N ARG A 94 7.27 -14.90 -1.26
CA ARG A 94 7.27 -14.38 -2.62
C ARG A 94 7.14 -15.49 -3.65
N TYR A 95 7.94 -16.54 -3.52
CA TYR A 95 7.96 -17.72 -4.43
C TYR A 95 6.59 -18.40 -4.33
N ILE A 96 6.10 -18.58 -3.10
CA ILE A 96 4.73 -19.19 -2.94
C ILE A 96 3.71 -18.24 -3.57
N HIS A 97 3.87 -16.92 -3.40
CA HIS A 97 2.84 -16.07 -4.05
C HIS A 97 2.89 -16.16 -5.57
N ALA A 98 4.08 -15.90 -6.13
CA ALA A 98 4.33 -15.87 -7.60
C ALA A 98 3.94 -17.18 -8.30
N ASN A 99 4.43 -18.33 -7.81
CA ASN A 99 4.23 -19.66 -8.43
C ASN A 99 2.77 -20.12 -8.26
N GLY A 100 2.17 -19.95 -7.05
CA GLY A 100 0.80 -20.27 -6.72
C GLY A 100 -0.17 -19.63 -7.67
N ALA A 101 0.16 -18.46 -8.19
CA ALA A 101 -0.63 -17.92 -9.30
C ALA A 101 -0.59 -18.88 -10.48
N SER A 102 0.60 -19.40 -10.77
CA SER A 102 0.71 -20.36 -11.87
C SER A 102 -0.17 -21.57 -11.64
N LEU A 103 -0.09 -22.16 -10.43
CA LEU A 103 -0.91 -23.32 -10.10
C LEU A 103 -2.40 -22.97 -10.17
N PHE A 104 -2.76 -21.81 -9.66
CA PHE A 104 -4.13 -21.32 -9.73
C PHE A 104 -4.66 -21.40 -11.14
N PHE A 105 -3.91 -20.86 -12.10
CA PHE A 105 -4.42 -20.82 -13.46
C PHE A 105 -4.40 -22.20 -14.12
N LEU A 106 -3.37 -22.99 -13.81
CA LEU A 106 -3.22 -24.39 -14.29
C LEU A 106 -4.47 -25.17 -13.85
N ALA A 107 -4.82 -25.04 -12.57
CA ALA A 107 -5.95 -25.72 -11.89
C ALA A 107 -7.28 -25.25 -12.48
N VAL A 108 -7.44 -23.94 -12.77
CA VAL A 108 -8.70 -23.44 -13.37
C VAL A 108 -8.83 -24.04 -14.79
N TYR A 109 -7.72 -24.20 -15.52
CA TYR A 109 -7.69 -24.75 -16.90
C TYR A 109 -8.28 -26.17 -16.89
N ILE A 110 -7.81 -27.02 -15.98
CA ILE A 110 -8.29 -28.38 -15.78
C ILE A 110 -9.72 -28.39 -15.22
N HIS A 111 -10.02 -27.44 -14.34
CA HIS A 111 -11.38 -27.23 -13.86
C HIS A 111 -12.33 -26.91 -15.01
N ILE A 112 -11.87 -26.11 -15.97
CA ILE A 112 -12.74 -25.67 -17.06
C ILE A 112 -12.88 -26.76 -18.10
N PHE A 113 -11.75 -27.33 -18.56
CA PHE A 113 -11.80 -28.38 -19.55
C PHE A 113 -12.48 -29.64 -19.02
N ARG A 114 -12.45 -29.88 -17.71
CA ARG A 114 -13.21 -31.04 -17.16
C ARG A 114 -14.67 -30.78 -17.51
N GLY A 115 -15.10 -29.55 -17.26
CA GLY A 115 -16.48 -29.04 -17.48
C GLY A 115 -16.96 -29.19 -18.91
N LEU A 116 -16.16 -28.75 -19.90
CA LEU A 116 -16.51 -28.83 -21.30
C LEU A 116 -16.76 -30.27 -21.73
N TYR A 117 -16.03 -31.22 -21.15
CA TYR A 117 -16.23 -32.62 -21.49
C TYR A 117 -17.56 -33.12 -20.94
N TYR A 118 -17.71 -33.11 -19.62
CA TYR A 118 -18.87 -33.69 -18.97
C TYR A 118 -20.04 -32.70 -18.87
N GLY A 119 -20.32 -32.01 -19.97
CA GLY A 119 -21.52 -31.19 -20.09
C GLY A 119 -21.92 -30.41 -18.86
N SER A 120 -20.93 -29.89 -18.11
CA SER A 120 -21.26 -29.13 -16.91
C SER A 120 -21.80 -27.74 -17.24
N TYR A 121 -21.60 -27.27 -18.45
CA TYR A 121 -22.23 -26.04 -18.90
C TYR A 121 -23.65 -26.25 -19.37
N LYS A 122 -23.98 -27.46 -19.81
CA LYS A 122 -25.34 -27.76 -20.23
C LYS A 122 -26.31 -27.47 -19.11
N ALA A 123 -27.56 -27.22 -19.48
CA ALA A 123 -28.59 -27.00 -18.50
C ALA A 123 -28.66 -28.18 -17.54
N PRO A 124 -29.07 -27.96 -16.29
CA PRO A 124 -29.48 -26.70 -15.66
C PRO A 124 -28.36 -26.02 -14.88
N ARG A 125 -27.19 -25.87 -15.48
CA ARG A 125 -26.01 -25.38 -14.80
C ARG A 125 -25.39 -24.20 -15.57
N GLU A 126 -26.24 -23.23 -15.93
CA GLU A 126 -25.76 -22.07 -16.65
C GLU A 126 -25.15 -21.03 -15.71
N ILE A 127 -25.79 -20.80 -14.56
CA ILE A 127 -25.35 -19.76 -13.65
C ILE A 127 -23.93 -20.02 -13.18
N THR A 128 -23.62 -21.28 -12.86
CA THR A 128 -22.26 -21.63 -12.46
C THR A 128 -21.26 -21.23 -13.54
N TRP A 129 -21.60 -21.51 -14.80
CA TRP A 129 -20.71 -21.18 -15.91
C TRP A 129 -20.50 -19.69 -16.02
N ILE A 130 -21.59 -18.92 -15.97
CA ILE A 130 -21.49 -17.47 -16.04
C ILE A 130 -20.58 -16.94 -14.94
N VAL A 131 -20.85 -17.36 -13.70
CA VAL A 131 -20.07 -16.90 -12.56
C VAL A 131 -18.61 -17.28 -12.74
N GLY A 132 -18.34 -18.46 -13.31
CA GLY A 132 -16.97 -18.90 -13.47
C GLY A 132 -16.23 -18.05 -14.49
N MET A 133 -16.89 -17.68 -15.57
CA MET A 133 -16.25 -16.80 -16.55
C MET A 133 -15.99 -15.43 -15.95
N VAL A 134 -16.95 -14.91 -15.20
CA VAL A 134 -16.74 -13.64 -14.50
C VAL A 134 -15.50 -13.72 -13.62
N ILE A 135 -15.39 -14.79 -12.84
CA ILE A 135 -14.24 -14.98 -11.98
C ILE A 135 -12.97 -14.98 -12.82
N TYR A 136 -12.87 -15.90 -13.78
CA TYR A 136 -11.72 -15.96 -14.67
C TYR A 136 -11.27 -14.58 -15.10
N LEU A 137 -12.21 -13.74 -15.52
CA LEU A 137 -11.87 -12.37 -15.91
C LEU A 137 -11.23 -11.63 -14.74
N LEU A 138 -11.87 -11.66 -13.57
CA LEU A 138 -11.36 -10.93 -12.42
C LEU A 138 -9.94 -11.37 -12.08
N MET A 139 -9.70 -12.67 -12.08
CA MET A 139 -8.40 -13.19 -11.67
C MET A 139 -7.33 -12.93 -12.71
N MET A 140 -7.68 -12.93 -14.00
CA MET A 140 -6.73 -12.48 -15.02
C MET A 140 -6.32 -11.04 -14.77
N GLY A 141 -7.31 -10.16 -14.60
CA GLY A 141 -6.99 -8.77 -14.32
C GLY A 141 -6.15 -8.62 -13.07
N THR A 142 -6.44 -9.42 -12.05
CA THR A 142 -5.68 -9.38 -10.82
C THR A 142 -4.21 -9.73 -11.08
N ALA A 143 -3.97 -10.93 -11.63
CA ALA A 143 -2.61 -11.34 -11.92
C ALA A 143 -1.87 -10.31 -12.75
N PHE A 144 -2.57 -9.66 -13.68
CA PHE A 144 -1.94 -8.63 -14.49
C PHE A 144 -1.51 -7.46 -13.62
N MET A 145 -2.44 -6.91 -12.83
CA MET A 145 -2.10 -5.83 -11.92
C MET A 145 -0.94 -6.20 -11.01
N GLY A 146 -0.79 -7.49 -10.72
CA GLY A 146 0.21 -7.91 -9.75
C GLY A 146 1.58 -8.07 -10.34
N TYR A 147 1.66 -8.61 -11.55
CA TYR A 147 2.95 -8.74 -12.23
C TYR A 147 3.64 -7.39 -12.37
N VAL A 148 2.91 -6.30 -12.19
CA VAL A 148 3.49 -4.97 -12.38
C VAL A 148 4.20 -4.49 -11.14
N LEU A 149 3.77 -4.92 -9.96
CA LEU A 149 4.23 -4.29 -8.72
C LEU A 149 5.73 -4.33 -8.52
N PRO A 150 6.46 -5.39 -8.88
CA PRO A 150 7.90 -5.39 -8.65
C PRO A 150 8.65 -4.30 -9.41
N TRP A 151 7.98 -3.61 -10.33
CA TRP A 151 8.62 -2.57 -11.13
C TRP A 151 9.92 -3.06 -11.74
N GLY A 152 9.91 -4.28 -12.26
CA GLY A 152 11.05 -4.77 -12.99
C GLY A 152 11.06 -4.17 -14.38
N GLN A 153 11.50 -4.93 -15.36
CA GLN A 153 11.50 -4.49 -16.75
C GLN A 153 10.33 -5.03 -17.53
N MET A 154 9.94 -6.28 -17.29
CA MET A 154 8.80 -6.85 -18.01
C MET A 154 7.50 -6.23 -17.54
N SER A 155 7.40 -5.93 -16.24
CA SER A 155 6.27 -5.19 -15.70
C SER A 155 5.90 -4.01 -16.58
N PHE A 156 6.85 -3.09 -16.73
CA PHE A 156 6.60 -1.84 -17.46
C PHE A 156 6.00 -2.11 -18.83
N TRP A 157 6.63 -2.96 -19.62
CA TRP A 157 6.25 -3.11 -21.01
C TRP A 157 4.98 -3.94 -21.19
N GLY A 158 4.81 -4.97 -20.37
CA GLY A 158 3.54 -5.67 -20.34
C GLY A 158 2.39 -4.72 -20.07
N ALA A 159 2.54 -3.87 -19.06
CA ALA A 159 1.52 -2.88 -18.77
C ALA A 159 1.32 -1.97 -19.97
N THR A 160 2.42 -1.49 -20.56
CA THR A 160 2.34 -0.60 -21.71
C THR A 160 1.44 -1.16 -22.79
N VAL A 161 1.70 -2.41 -23.20
CA VAL A 161 0.97 -2.97 -24.34
C VAL A 161 -0.47 -3.32 -23.95
N ILE A 162 -0.64 -3.93 -22.78
CA ILE A 162 -1.96 -4.41 -22.39
C ILE A 162 -2.82 -3.24 -21.93
N THR A 163 -2.25 -2.04 -21.96
CA THR A 163 -3.04 -0.82 -21.84
C THR A 163 -3.21 -0.10 -23.17
N GLY A 164 -2.24 -0.22 -24.07
CA GLY A 164 -2.44 0.29 -25.42
C GLY A 164 -3.58 -0.39 -26.12
N LEU A 165 -3.88 -1.63 -25.73
CA LEU A 165 -5.08 -2.30 -26.23
C LEU A 165 -6.30 -1.39 -26.09
N PHE A 166 -6.63 -1.01 -24.86
CA PHE A 166 -7.78 -0.16 -24.62
C PHE A 166 -7.75 1.11 -25.47
N GLY A 167 -6.55 1.56 -25.84
CA GLY A 167 -6.41 2.73 -26.67
C GLY A 167 -6.56 2.49 -28.14
N ALA A 168 -6.47 1.24 -28.56
CA ALA A 168 -6.64 0.91 -29.97
C ALA A 168 -7.99 1.38 -30.48
N ILE A 169 -9.06 1.06 -29.76
CA ILE A 169 -10.42 1.35 -30.20
C ILE A 169 -10.55 2.84 -30.50
N PRO A 170 -11.50 3.24 -31.33
CA PRO A 170 -11.57 4.65 -31.74
C PRO A 170 -12.51 5.47 -30.87
N GLY A 171 -12.29 6.77 -30.83
CA GLY A 171 -13.18 7.68 -30.11
C GLY A 171 -13.00 7.72 -28.62
N ILE A 172 -12.96 6.56 -27.97
CA ILE A 172 -12.89 6.49 -26.52
C ILE A 172 -11.73 5.64 -26.08
N GLY A 173 -10.70 5.55 -26.91
CA GLY A 173 -9.54 4.74 -26.59
C GLY A 173 -8.53 5.49 -25.76
N PRO A 174 -8.05 6.63 -26.27
CA PRO A 174 -7.07 7.40 -25.51
C PRO A 174 -7.60 7.90 -24.18
N SER A 175 -8.88 8.28 -24.12
CA SER A 175 -9.45 8.73 -22.86
C SER A 175 -9.40 7.63 -21.82
N ILE A 176 -9.84 6.43 -22.19
CA ILE A 176 -9.81 5.30 -21.26
C ILE A 176 -8.37 4.97 -20.88
N GLN A 177 -7.46 4.99 -21.85
CA GLN A 177 -6.05 4.73 -21.58
C GLN A 177 -5.53 5.67 -20.52
N ALA A 178 -5.77 6.97 -20.68
CA ALA A 178 -5.26 7.95 -19.73
C ALA A 178 -5.96 7.81 -18.39
N TRP A 179 -7.25 7.51 -18.38
CA TRP A 179 -7.99 7.36 -17.14
C TRP A 179 -7.56 6.11 -16.38
N LEU A 180 -6.98 5.14 -17.06
CA LEU A 180 -6.53 3.90 -16.44
C LEU A 180 -5.09 4.00 -15.97
N LEU A 181 -4.22 4.61 -16.76
CA LEU A 181 -2.83 4.77 -16.40
C LEU A 181 -2.60 5.93 -15.43
N GLY A 182 -3.61 6.73 -15.16
CA GLY A 182 -3.41 7.94 -14.39
C GLY A 182 -2.68 9.03 -15.13
N GLY A 183 -2.41 8.84 -16.41
CA GLY A 183 -1.69 9.81 -17.20
C GLY A 183 -1.44 9.31 -18.61
N PRO A 184 -0.65 10.06 -19.38
CA PRO A 184 -0.36 9.62 -20.75
C PRO A 184 0.37 8.29 -20.80
N ALA A 185 1.36 8.10 -19.93
CA ALA A 185 2.10 6.85 -19.90
C ALA A 185 2.20 6.30 -18.48
N VAL A 186 2.99 5.26 -18.31
CA VAL A 186 3.05 4.53 -17.05
C VAL A 186 3.98 5.25 -16.08
N ASP A 187 3.59 5.29 -14.82
CA ASP A 187 4.36 5.94 -13.77
C ASP A 187 3.75 5.52 -12.43
N ASN A 188 4.17 6.18 -11.35
CA ASN A 188 3.79 5.74 -10.00
C ASN A 188 2.29 5.68 -9.82
N ALA A 189 1.54 6.57 -10.48
CA ALA A 189 0.10 6.58 -10.33
C ALA A 189 -0.50 5.24 -10.73
N THR A 190 -0.09 4.72 -11.88
CA THR A 190 -0.49 3.39 -12.30
C THR A 190 -0.15 2.36 -11.23
N LEU A 191 1.02 2.51 -10.61
CA LEU A 191 1.46 1.56 -9.60
C LEU A 191 0.52 1.56 -8.41
N ASN A 192 0.14 2.74 -7.94
CA ASN A 192 -0.77 2.84 -6.80
C ASN A 192 -2.12 2.23 -7.14
N ARG A 193 -2.70 2.61 -8.28
CA ARG A 193 -3.95 2.02 -8.72
C ARG A 193 -3.87 0.50 -8.69
N PHE A 194 -2.81 -0.04 -9.30
CA PHE A 194 -2.70 -1.48 -9.44
C PHE A 194 -2.56 -2.15 -8.09
N PHE A 195 -1.77 -1.57 -7.20
CA PHE A 195 -1.61 -2.15 -5.88
C PHE A 195 -2.94 -2.21 -5.14
N SER A 196 -3.67 -1.10 -5.13
CA SER A 196 -4.95 -1.06 -4.43
C SER A 196 -5.90 -2.11 -5.00
N LEU A 197 -5.99 -2.00 -6.33
CA LEU A 197 -6.94 -2.85 -7.03
C LEU A 197 -6.56 -4.32 -6.76
N HIS A 198 -5.26 -4.59 -6.92
CA HIS A 198 -4.70 -5.93 -6.71
C HIS A 198 -4.91 -6.42 -5.30
N TYR A 199 -4.99 -5.48 -4.36
CA TYR A 199 -5.21 -5.87 -2.93
C TYR A 199 -6.71 -5.92 -2.60
N LEU A 200 -7.61 -5.60 -3.54
CA LEU A 200 -9.07 -5.59 -3.32
C LEU A 200 -9.81 -6.70 -4.08
N LEU A 201 -9.50 -7.01 -5.34
CA LEU A 201 -10.35 -7.95 -6.08
C LEU A 201 -10.46 -9.33 -5.45
N PRO A 202 -9.42 -9.93 -4.89
CA PRO A 202 -9.56 -11.26 -4.28
C PRO A 202 -10.78 -11.45 -3.41
N PHE A 203 -11.19 -10.39 -2.70
CA PHE A 203 -12.37 -10.52 -1.85
C PHE A 203 -13.65 -10.62 -2.68
N VAL A 204 -13.74 -9.83 -3.75
CA VAL A 204 -14.82 -9.98 -4.71
C VAL A 204 -14.84 -11.40 -5.26
N ILE A 205 -13.65 -11.95 -5.54
CA ILE A 205 -13.56 -13.32 -6.03
C ILE A 205 -14.11 -14.29 -5.00
N ALA A 206 -13.78 -14.07 -3.73
CA ALA A 206 -14.28 -14.96 -2.68
C ALA A 206 -15.80 -14.93 -2.62
N ALA A 207 -16.39 -13.74 -2.68
CA ALA A 207 -17.84 -13.63 -2.68
C ALA A 207 -18.44 -14.38 -3.86
N LEU A 208 -17.85 -14.16 -5.05
CA LEU A 208 -18.29 -14.78 -6.33
C LEU A 208 -18.15 -16.30 -6.20
N VAL A 209 -17.14 -16.74 -5.44
CA VAL A 209 -16.89 -18.18 -5.12
C VAL A 209 -18.01 -18.61 -4.17
N ALA A 210 -18.49 -17.69 -3.34
CA ALA A 210 -19.63 -17.87 -2.41
C ALA A 210 -20.85 -18.29 -3.23
N ILE A 211 -21.17 -17.48 -4.26
CA ILE A 211 -22.27 -17.72 -5.19
C ILE A 211 -21.97 -18.95 -6.04
N HIS A 212 -20.69 -19.11 -6.43
CA HIS A 212 -20.28 -20.31 -7.15
C HIS A 212 -20.60 -21.57 -6.36
N ILE A 213 -20.36 -21.54 -5.05
CA ILE A 213 -20.60 -22.72 -4.24
C ILE A 213 -22.09 -22.86 -3.92
N TRP A 214 -22.79 -21.74 -3.79
CA TRP A 214 -24.25 -21.74 -3.48
C TRP A 214 -24.99 -22.41 -4.63
N ALA A 215 -24.67 -22.03 -5.88
CA ALA A 215 -25.26 -22.53 -7.13
C ALA A 215 -25.18 -24.07 -7.24
N PHE A 216 -23.97 -24.66 -7.29
CA PHE A 216 -23.82 -26.10 -7.48
C PHE A 216 -24.12 -26.90 -6.22
N HIS A 217 -24.54 -26.26 -5.14
CA HIS A 217 -25.17 -26.99 -4.05
C HIS A 217 -26.67 -27.08 -4.24
N THR A 218 -27.23 -26.05 -4.88
CA THR A 218 -28.65 -26.02 -5.18
C THR A 218 -28.87 -26.87 -6.43
N THR A 219 -27.86 -26.88 -7.30
CA THR A 219 -27.88 -27.66 -8.51
C THR A 219 -26.86 -28.76 -8.31
N GLY A 220 -27.28 -30.00 -8.52
CA GLY A 220 -26.42 -31.15 -8.31
C GLY A 220 -25.13 -31.25 -9.12
N ASN A 221 -24.06 -31.64 -8.44
CA ASN A 221 -22.74 -31.85 -9.06
C ASN A 221 -22.81 -32.78 -10.26
N ASN A 222 -22.09 -32.44 -11.35
CA ASN A 222 -22.42 -32.98 -12.68
C ASN A 222 -22.60 -34.49 -12.73
N ASN A 223 -21.62 -35.24 -12.18
CA ASN A 223 -21.40 -36.74 -12.19
C ASN A 223 -20.82 -37.18 -13.55
N PRO A 224 -19.85 -38.14 -13.63
CA PRO A 224 -19.36 -38.65 -14.93
C PRO A 224 -20.36 -38.90 -16.08
N THR A 225 -21.60 -39.23 -15.74
CA THR A 225 -22.63 -39.48 -16.74
C THR A 225 -23.67 -38.35 -16.90
N GLY A 226 -24.51 -38.56 -17.90
CA GLY A 226 -25.61 -37.72 -18.33
C GLY A 226 -26.85 -37.98 -17.51
N VAL A 227 -26.64 -38.20 -16.19
CA VAL A 227 -27.71 -38.63 -15.29
C VAL A 227 -27.65 -37.82 -14.01
N GLU A 228 -28.78 -37.77 -13.32
CA GLU A 228 -28.94 -37.05 -12.07
C GLU A 228 -29.08 -38.07 -10.94
N VAL A 229 -29.24 -37.54 -9.72
CA VAL A 229 -29.16 -38.35 -8.52
C VAL A 229 -30.47 -39.08 -8.26
N ARG A 230 -31.43 -38.96 -9.18
CA ARG A 230 -32.67 -39.72 -9.11
C ARG A 230 -33.40 -39.45 -7.79
N ARG A 231 -33.80 -38.19 -7.61
CA ARG A 231 -34.47 -37.77 -6.39
C ARG A 231 -35.92 -38.21 -6.41
N THR A 232 -36.26 -39.16 -5.55
CA THR A 232 -37.63 -39.65 -5.45
C THR A 232 -37.72 -40.84 -4.50
N ALA A 237 -34.49 -44.59 -0.70
CA ALA A 237 -34.46 -43.22 -1.21
C ALA A 237 -33.04 -42.82 -1.59
N GLU A 238 -32.69 -42.96 -2.86
CA GLU A 238 -31.38 -42.56 -3.37
C GLU A 238 -30.26 -43.31 -2.64
N LYS A 239 -30.25 -44.63 -2.82
CA LYS A 239 -29.16 -45.44 -2.30
C LYS A 239 -27.82 -44.94 -2.82
N ASP A 240 -27.80 -44.41 -4.04
CA ASP A 240 -26.64 -43.72 -4.57
C ASP A 240 -26.43 -42.42 -3.79
N THR A 241 -25.44 -41.63 -4.23
CA THR A 241 -25.19 -40.31 -3.66
C THR A 241 -24.82 -40.39 -2.18
N LEU A 242 -23.64 -40.99 -1.94
CA LEU A 242 -23.00 -40.85 -0.65
C LEU A 242 -22.80 -39.37 -0.33
N PRO A 243 -22.56 -39.05 0.93
CA PRO A 243 -22.35 -37.65 1.32
C PRO A 243 -20.94 -37.19 1.00
N PHE A 244 -20.71 -35.89 1.24
CA PHE A 244 -19.41 -35.29 1.00
C PHE A 244 -18.44 -35.68 2.10
N TRP A 245 -18.76 -35.33 3.33
CA TRP A 245 -17.93 -35.69 4.48
C TRP A 245 -18.27 -37.10 4.93
N PRO A 246 -17.27 -37.94 5.23
CA PRO A 246 -15.83 -37.72 5.15
C PRO A 246 -15.19 -38.18 3.85
N TYR A 247 -15.95 -38.89 3.02
CA TYR A 247 -15.40 -39.61 1.89
C TYR A 247 -14.69 -38.70 0.90
N PHE A 248 -15.46 -37.81 0.27
CA PHE A 248 -14.89 -36.97 -0.78
C PHE A 248 -13.98 -35.90 -0.19
N VAL A 249 -14.26 -35.46 1.03
CA VAL A 249 -13.35 -34.56 1.72
C VAL A 249 -11.96 -35.18 1.78
N ILE A 250 -11.89 -36.45 2.20
CA ILE A 250 -10.60 -37.10 2.37
C ILE A 250 -9.94 -37.34 1.03
N LYS A 251 -10.72 -37.74 0.02
CA LYS A 251 -10.16 -37.95 -1.31
C LYS A 251 -9.53 -36.66 -1.83
N ASP A 252 -10.27 -35.55 -1.75
CA ASP A 252 -9.76 -34.28 -2.23
C ASP A 252 -8.54 -33.84 -1.43
N LEU A 253 -8.54 -34.06 -0.11
CA LEU A 253 -7.39 -33.67 0.70
C LEU A 253 -6.17 -34.49 0.34
N PHE A 254 -6.34 -35.76 -0.01
CA PHE A 254 -5.21 -36.57 -0.45
C PHE A 254 -4.61 -36.00 -1.73
N ALA A 255 -5.47 -35.75 -2.73
CA ALA A 255 -4.97 -35.17 -3.96
C ALA A 255 -4.31 -33.82 -3.71
N LEU A 256 -4.88 -33.04 -2.79
CA LEU A 256 -4.34 -31.72 -2.49
C LEU A 256 -2.98 -31.83 -1.82
N ALA A 257 -2.80 -32.82 -0.96
CA ALA A 257 -1.49 -33.05 -0.35
C ALA A 257 -0.45 -33.36 -1.43
N LEU A 258 -0.81 -34.23 -2.37
CA LEU A 258 0.11 -34.52 -3.47
C LEU A 258 0.47 -33.25 -4.23
N VAL A 259 -0.54 -32.45 -4.54
CA VAL A 259 -0.32 -31.26 -5.35
C VAL A 259 0.59 -30.27 -4.63
N LEU A 260 0.32 -30.05 -3.33
CA LEU A 260 1.17 -29.18 -2.54
C LEU A 260 2.59 -29.73 -2.43
N LEU A 261 2.73 -31.04 -2.37
CA LEU A 261 4.06 -31.63 -2.35
C LEU A 261 4.84 -31.24 -3.60
N GLY A 262 4.24 -31.46 -4.77
CA GLY A 262 4.89 -31.05 -6.00
C GLY A 262 5.16 -29.56 -6.06
N PHE A 263 4.20 -28.77 -5.58
CA PHE A 263 4.32 -27.32 -5.62
C PHE A 263 5.50 -26.83 -4.77
N PHE A 264 5.67 -27.41 -3.58
CA PHE A 264 6.77 -27.00 -2.72
C PHE A 264 8.10 -27.51 -3.25
N ALA A 265 8.12 -28.71 -3.83
CA ALA A 265 9.33 -29.15 -4.51
C ALA A 265 9.75 -28.15 -5.57
N VAL A 266 8.79 -27.66 -6.35
CA VAL A 266 9.08 -26.61 -7.33
C VAL A 266 9.64 -25.38 -6.62
N VAL A 267 8.86 -24.83 -5.68
CA VAL A 267 9.26 -23.63 -4.96
C VAL A 267 10.68 -23.72 -4.45
N ALA A 268 11.11 -24.91 -4.05
CA ALA A 268 12.41 -25.07 -3.42
C ALA A 268 13.53 -25.47 -4.37
N TYR A 269 13.20 -25.94 -5.57
CA TYR A 269 14.24 -26.38 -6.50
C TYR A 269 14.13 -25.69 -7.85
N MET A 270 12.91 -25.39 -8.29
CA MET A 270 12.68 -24.80 -9.62
C MET A 270 11.77 -23.58 -9.51
N PRO A 271 12.13 -22.60 -8.67
CA PRO A 271 11.24 -21.47 -8.43
C PRO A 271 11.27 -20.40 -9.51
N ASN A 272 12.46 -20.13 -10.05
CA ASN A 272 12.63 -19.12 -11.08
C ASN A 272 12.42 -19.68 -12.48
N TYR A 273 11.82 -20.86 -12.60
CA TYR A 273 11.67 -21.52 -13.89
C TYR A 273 10.56 -20.89 -14.71
N LEU A 274 9.39 -20.69 -14.09
CA LEU A 274 8.24 -20.13 -14.78
C LEU A 274 8.34 -18.62 -14.97
N GLY A 275 9.40 -17.98 -14.46
CA GLY A 275 9.51 -16.55 -14.51
C GLY A 275 10.34 -16.06 -15.68
N HIS A 276 10.42 -14.75 -15.79
CA HIS A 276 11.21 -14.09 -16.82
C HIS A 276 12.39 -13.40 -16.16
N PRO A 277 13.62 -13.81 -16.47
CA PRO A 277 14.77 -13.18 -15.81
C PRO A 277 14.79 -11.67 -15.94
N ASP A 278 14.33 -11.13 -17.06
CA ASP A 278 14.38 -9.69 -17.28
C ASP A 278 13.61 -8.92 -16.22
N ASN A 279 12.76 -9.59 -15.45
CA ASN A 279 12.05 -8.93 -14.36
C ASN A 279 12.90 -8.77 -13.12
N TYR A 280 14.18 -9.09 -13.20
CA TYR A 280 15.13 -8.89 -12.11
C TYR A 280 16.06 -7.72 -12.37
N VAL A 281 15.85 -6.99 -13.47
CA VAL A 281 16.58 -5.77 -13.75
C VAL A 281 15.61 -4.61 -13.67
N GLN A 282 16.05 -3.51 -13.05
CA GLN A 282 15.17 -2.37 -12.89
C GLN A 282 14.69 -1.86 -14.24
N ALA A 283 13.69 -0.99 -14.20
CA ALA A 283 13.01 -0.55 -15.40
C ALA A 283 13.77 0.58 -16.08
N ASN A 284 13.74 0.57 -17.40
CA ASN A 284 14.25 1.67 -18.21
C ASN A 284 13.18 2.02 -19.24
N PRO A 285 12.45 3.11 -19.08
CA PRO A 285 11.47 3.50 -20.09
C PRO A 285 12.10 3.83 -21.43
N LEU A 286 13.43 3.83 -21.50
CA LEU A 286 14.16 4.21 -22.71
C LEU A 286 14.70 3.01 -23.47
N SER A 287 14.59 1.80 -22.92
CA SER A 287 15.14 0.62 -23.56
C SER A 287 14.19 -0.55 -23.38
N THR A 288 13.86 -1.21 -24.47
CA THR A 288 12.99 -2.37 -24.43
C THR A 288 13.77 -3.64 -24.66
N PRO A 289 13.56 -4.69 -23.88
CA PRO A 289 14.25 -5.94 -24.09
C PRO A 289 13.62 -6.74 -25.23
N ALA A 290 14.30 -7.82 -25.60
CA ALA A 290 13.80 -8.70 -26.65
C ALA A 290 12.88 -9.75 -26.06
N HIS A 291 11.82 -10.06 -26.78
CA HIS A 291 10.87 -11.12 -26.40
C HIS A 291 10.27 -10.82 -25.03
N ILE A 292 9.45 -9.78 -25.00
CA ILE A 292 8.75 -9.43 -23.77
C ILE A 292 8.00 -10.64 -23.21
N VAL A 293 7.23 -11.31 -24.05
CA VAL A 293 6.61 -12.57 -23.67
C VAL A 293 5.86 -12.38 -22.37
N PRO A 294 4.68 -11.73 -22.37
CA PRO A 294 4.07 -11.26 -21.12
C PRO A 294 4.09 -12.28 -20.00
N GLU A 295 3.48 -13.43 -20.21
CA GLU A 295 3.41 -14.50 -19.22
C GLU A 295 2.97 -15.77 -19.96
N TRP A 296 2.61 -16.81 -19.21
CA TRP A 296 2.22 -18.06 -19.82
C TRP A 296 0.72 -18.35 -19.72
N TYR A 297 -0.03 -17.61 -18.91
CA TYR A 297 -1.48 -17.79 -18.84
C TYR A 297 -2.22 -16.75 -19.65
N PHE A 298 -1.52 -15.96 -20.47
CA PHE A 298 -2.13 -15.03 -21.39
C PHE A 298 -1.65 -15.20 -22.82
N LEU A 299 -0.74 -16.15 -23.06
CA LEU A 299 -0.25 -16.35 -24.43
C LEU A 299 -1.34 -16.70 -25.41
N PRO A 300 -2.32 -17.54 -25.07
CA PRO A 300 -3.39 -17.83 -26.05
C PRO A 300 -4.02 -16.58 -26.63
N PHE A 301 -4.45 -15.67 -25.76
CA PHE A 301 -5.14 -14.48 -26.22
C PHE A 301 -4.17 -13.48 -26.85
N TYR A 302 -2.94 -13.41 -26.34
CA TYR A 302 -1.92 -12.61 -27.00
C TYR A 302 -1.75 -13.04 -28.45
N ALA A 303 -1.77 -14.35 -28.69
CA ALA A 303 -1.58 -14.86 -30.04
C ALA A 303 -2.81 -14.59 -30.90
N ILE A 304 -3.99 -14.88 -30.35
CA ILE A 304 -5.23 -14.54 -31.06
C ILE A 304 -5.25 -13.07 -31.44
N LEU A 305 -4.60 -12.23 -30.62
CA LEU A 305 -4.55 -10.80 -30.91
C LEU A 305 -3.56 -10.50 -32.04
N ARG A 306 -2.32 -10.91 -31.87
CA ARG A 306 -1.27 -10.59 -32.82
C ARG A 306 -1.24 -11.53 -34.02
N ALA A 307 -2.31 -12.30 -34.24
CA ALA A 307 -2.41 -13.13 -35.43
C ALA A 307 -2.99 -12.37 -36.62
N PHE A 308 -4.18 -11.80 -36.44
CA PHE A 308 -4.83 -11.07 -37.51
C PHE A 308 -4.04 -9.80 -37.84
N ALA A 309 -3.35 -9.82 -39.00
CA ALA A 309 -2.52 -8.67 -39.39
C ALA A 309 -2.57 -8.38 -40.88
N ALA A 310 -3.49 -8.99 -41.63
CA ALA A 310 -3.56 -8.81 -43.08
C ALA A 310 -2.35 -9.42 -43.78
N ASP A 311 -2.03 -10.66 -43.40
CA ASP A 311 -0.84 -11.34 -43.90
C ASP A 311 -1.17 -12.80 -44.22
N VAL A 312 -2.33 -13.05 -44.82
CA VAL A 312 -2.70 -14.39 -45.25
C VAL A 312 -3.90 -14.29 -46.20
N TRP A 313 -4.03 -15.27 -47.10
CA TRP A 313 -5.20 -15.30 -47.99
C TRP A 313 -6.50 -15.49 -47.23
N VAL A 314 -6.44 -15.91 -45.98
CA VAL A 314 -7.63 -16.02 -45.12
C VAL A 314 -7.70 -14.78 -44.24
N VAL A 315 -7.01 -13.72 -44.65
CA VAL A 315 -6.99 -12.48 -43.87
C VAL A 315 -8.34 -11.80 -44.02
N ILE A 316 -9.16 -11.85 -42.97
CA ILE A 316 -10.46 -11.17 -42.97
C ILE A 316 -10.34 -9.70 -42.64
N LEU A 317 -9.13 -9.20 -42.40
CA LEU A 317 -8.97 -7.77 -42.14
C LEU A 317 -9.19 -6.95 -43.41
N VAL A 318 -8.73 -7.45 -44.56
CA VAL A 318 -8.94 -6.74 -45.81
C VAL A 318 -10.43 -6.64 -46.12
N ASP A 319 -11.23 -7.58 -45.63
CA ASP A 319 -12.66 -7.55 -45.83
C ASP A 319 -13.37 -6.69 -44.78
N GLY A 320 -12.91 -6.77 -43.53
CA GLY A 320 -13.45 -5.91 -42.49
C GLY A 320 -13.13 -4.45 -42.70
N LEU A 321 -12.13 -4.15 -43.52
CA LEU A 321 -11.83 -2.77 -43.88
C LEU A 321 -12.95 -2.12 -44.69
N THR A 322 -13.99 -2.86 -45.06
CA THR A 322 -15.16 -2.25 -45.67
C THR A 322 -15.60 -1.03 -44.88
N PHE A 323 -15.81 -1.21 -43.58
CA PHE A 323 -16.01 -0.08 -42.68
C PHE A 323 -14.64 0.49 -42.30
N GLY A 324 -14.46 1.79 -42.55
CA GLY A 324 -13.17 2.41 -42.32
C GLY A 324 -12.76 2.51 -40.86
N ILE A 325 -13.61 2.08 -39.94
CA ILE A 325 -13.34 2.22 -38.51
C ILE A 325 -12.74 0.94 -37.95
N VAL A 326 -13.15 -0.20 -38.50
CA VAL A 326 -12.71 -1.51 -37.97
C VAL A 326 -11.38 -1.82 -38.65
N ASP A 327 -10.31 -1.31 -38.05
CA ASP A 327 -8.95 -1.60 -38.52
C ASP A 327 -8.50 -2.94 -37.93
N ALA A 328 -7.20 -3.22 -38.05
CA ALA A 328 -6.68 -4.50 -37.58
C ALA A 328 -6.70 -4.58 -36.06
N LYS A 329 -6.02 -3.65 -35.39
CA LYS A 329 -5.94 -3.68 -33.93
C LYS A 329 -7.30 -3.94 -33.30
N PHE A 330 -8.27 -3.09 -33.61
CA PHE A 330 -9.61 -3.26 -33.08
C PHE A 330 -10.15 -4.64 -33.41
N PHE A 331 -9.82 -5.16 -34.59
CA PHE A 331 -10.28 -6.49 -34.97
C PHE A 331 -9.71 -7.55 -34.05
N GLY A 332 -8.41 -7.48 -33.75
CA GLY A 332 -7.82 -8.45 -32.84
C GLY A 332 -8.39 -8.36 -31.45
N VAL A 333 -8.63 -7.13 -30.97
CA VAL A 333 -9.18 -6.95 -29.64
C VAL A 333 -10.58 -7.58 -29.56
N ILE A 334 -11.40 -7.31 -30.58
CA ILE A 334 -12.72 -7.93 -30.64
C ILE A 334 -12.58 -9.45 -30.71
N ALA A 335 -11.57 -9.94 -31.42
CA ALA A 335 -11.39 -11.38 -31.56
C ALA A 335 -11.10 -12.01 -30.21
N MET A 336 -10.30 -11.35 -29.39
CA MET A 336 -9.97 -11.87 -28.06
C MET A 336 -11.20 -11.83 -27.15
N PHE A 337 -11.83 -10.66 -27.04
CA PHE A 337 -13.05 -10.55 -26.25
C PHE A 337 -14.07 -11.59 -26.67
N GLY A 338 -14.14 -11.90 -27.97
CA GLY A 338 -15.07 -12.89 -28.46
C GLY A 338 -14.61 -14.30 -28.15
N ALA A 339 -13.31 -14.55 -28.20
CA ALA A 339 -12.79 -15.84 -27.79
C ALA A 339 -13.25 -16.19 -26.40
N ILE A 340 -13.43 -15.19 -25.55
CA ILE A 340 -13.95 -15.48 -24.21
C ILE A 340 -15.48 -15.46 -24.18
N ALA A 341 -16.10 -14.49 -24.86
CA ALA A 341 -17.55 -14.38 -24.81
C ALA A 341 -18.23 -15.62 -25.38
N VAL A 342 -17.61 -16.25 -26.37
CA VAL A 342 -18.21 -17.43 -26.99
C VAL A 342 -18.11 -18.62 -26.04
N MET A 343 -16.99 -18.75 -25.33
CA MET A 343 -16.88 -19.76 -24.30
C MET A 343 -17.95 -19.55 -23.25
N ALA A 344 -18.29 -18.29 -22.97
CA ALA A 344 -19.37 -18.04 -22.01
C ALA A 344 -20.73 -18.36 -22.60
N LEU A 345 -20.91 -18.16 -23.90
CA LEU A 345 -22.19 -18.38 -24.55
C LEU A 345 -22.47 -19.86 -24.84
N ALA A 346 -21.44 -20.70 -24.78
CA ALA A 346 -21.55 -22.12 -25.08
C ALA A 346 -22.89 -22.75 -24.71
N PRO A 347 -23.32 -22.66 -23.44
CA PRO A 347 -24.50 -23.42 -23.02
C PRO A 347 -25.75 -23.15 -23.84
N TRP A 348 -25.76 -22.07 -24.61
CA TRP A 348 -26.86 -21.76 -25.51
C TRP A 348 -26.50 -21.98 -26.96
N LEU A 349 -25.35 -22.58 -27.23
CA LEU A 349 -24.96 -22.97 -28.58
C LEU A 349 -25.02 -24.47 -28.82
N ASP A 350 -24.67 -25.27 -27.81
CA ASP A 350 -24.75 -26.73 -27.92
C ASP A 350 -26.21 -27.14 -27.94
N THR A 351 -26.72 -27.47 -29.12
CA THR A 351 -28.12 -27.83 -29.30
C THR A 351 -28.30 -29.34 -29.22
N SER A 352 -27.89 -29.89 -28.09
CA SER A 352 -27.96 -31.33 -27.85
C SER A 352 -28.78 -31.60 -26.60
N LYS A 353 -29.73 -32.51 -26.71
CA LYS A 353 -30.45 -33.00 -25.54
C LYS A 353 -29.74 -34.22 -24.96
N VAL A 354 -28.44 -34.05 -24.77
CA VAL A 354 -27.55 -35.11 -24.33
C VAL A 354 -26.54 -34.49 -23.36
N ARG A 355 -25.59 -35.28 -22.91
CA ARG A 355 -24.68 -34.88 -21.84
C ARG A 355 -23.31 -35.52 -22.11
N SER A 356 -22.53 -35.73 -21.06
CA SER A 356 -21.10 -35.99 -21.14
C SER A 356 -20.66 -36.71 -22.40
N GLY A 357 -19.62 -36.15 -23.04
CA GLY A 357 -19.06 -36.70 -24.25
C GLY A 357 -18.49 -38.08 -24.13
N ALA A 358 -18.56 -38.69 -22.95
CA ALA A 358 -18.22 -40.11 -22.84
C ALA A 358 -19.17 -40.97 -23.67
N TYR A 359 -20.23 -40.38 -24.22
CA TYR A 359 -21.16 -41.07 -25.10
C TYR A 359 -21.38 -40.26 -26.38
N ARG A 360 -20.37 -39.53 -26.82
CA ARG A 360 -20.44 -38.73 -28.05
C ARG A 360 -19.06 -38.72 -28.68
N PRO A 361 -18.76 -39.68 -29.55
CA PRO A 361 -17.39 -39.85 -30.05
C PRO A 361 -16.84 -38.65 -30.82
N LYS A 362 -17.57 -38.23 -31.86
CA LYS A 362 -17.15 -37.08 -32.64
C LYS A 362 -16.79 -35.91 -31.72
N PHE A 363 -17.59 -35.72 -30.69
CA PHE A 363 -17.28 -34.69 -29.71
C PHE A 363 -15.95 -34.96 -29.02
N ARG A 364 -15.65 -36.21 -28.73
CA ARG A 364 -14.36 -36.55 -28.13
C ARG A 364 -13.23 -36.08 -29.03
N MET A 365 -13.30 -36.43 -30.31
CA MET A 365 -12.23 -36.06 -31.23
C MET A 365 -12.07 -34.55 -31.31
N TRP A 366 -13.18 -33.83 -31.53
CA TRP A 366 -13.11 -32.39 -31.62
C TRP A 366 -12.56 -31.78 -30.33
N PHE A 367 -12.90 -32.36 -29.19
CA PHE A 367 -12.48 -31.80 -27.92
C PHE A 367 -10.99 -31.98 -27.70
N TRP A 368 -10.47 -33.15 -28.05
CA TRP A 368 -9.02 -33.34 -27.92
C TRP A 368 -8.28 -32.43 -28.90
N PHE A 369 -8.84 -32.21 -30.08
CA PHE A 369 -8.27 -31.21 -30.97
C PHE A 369 -8.28 -29.84 -30.32
N LEU A 370 -9.31 -29.54 -29.56
CA LEU A 370 -9.39 -28.24 -28.88
C LEU A 370 -8.30 -28.11 -27.82
N VAL A 371 -8.09 -29.16 -27.04
CA VAL A 371 -7.02 -29.14 -26.05
C VAL A 371 -5.67 -28.92 -26.72
N LEU A 372 -5.44 -29.64 -27.82
CA LEU A 372 -4.21 -29.44 -28.58
C LEU A 372 -4.09 -28.01 -29.07
N ASP A 373 -5.20 -27.42 -29.52
CA ASP A 373 -5.18 -26.04 -29.97
C ASP A 373 -4.79 -25.11 -28.84
N PHE A 374 -5.31 -25.34 -27.64
CA PHE A 374 -4.94 -24.53 -26.50
C PHE A 374 -3.44 -24.60 -26.25
N VAL A 375 -2.90 -25.82 -26.22
CA VAL A 375 -1.46 -25.98 -25.99
C VAL A 375 -0.67 -25.26 -27.08
N VAL A 376 -1.10 -25.40 -28.33
CA VAL A 376 -0.38 -24.78 -29.43
C VAL A 376 -0.38 -23.27 -29.29
N LEU A 377 -1.55 -22.68 -29.04
CA LEU A 377 -1.61 -21.24 -28.81
C LEU A 377 -0.67 -20.83 -27.69
N THR A 378 -0.64 -21.61 -26.61
CA THR A 378 0.29 -21.31 -25.52
C THR A 378 1.72 -21.26 -26.03
N TRP A 379 2.08 -22.21 -26.90
CA TRP A 379 3.46 -22.28 -27.39
C TRP A 379 3.76 -21.24 -28.46
N VAL A 380 2.75 -20.65 -29.07
CA VAL A 380 2.97 -19.76 -30.20
C VAL A 380 3.09 -18.31 -29.76
N GLY A 381 2.38 -17.90 -28.71
CA GLY A 381 2.47 -16.53 -28.26
C GLY A 381 3.87 -16.10 -27.89
N ALA A 382 4.76 -17.07 -27.69
CA ALA A 382 6.14 -16.77 -27.33
C ALA A 382 7.06 -16.64 -28.54
N MET A 383 6.68 -17.21 -29.66
CA MET A 383 7.52 -17.21 -30.84
C MET A 383 7.16 -16.05 -31.76
N PRO A 384 8.13 -15.53 -32.51
CA PRO A 384 7.89 -14.33 -33.32
C PRO A 384 6.76 -14.51 -34.32
N THR A 385 6.38 -13.40 -34.93
CA THR A 385 5.32 -13.37 -35.92
C THR A 385 5.82 -13.66 -37.32
N GLU A 386 7.02 -14.24 -37.44
CA GLU A 386 7.57 -14.57 -38.74
C GLU A 386 7.04 -15.92 -39.20
N TYR A 387 6.98 -16.10 -40.51
CA TYR A 387 6.60 -17.38 -41.08
C TYR A 387 7.38 -18.50 -40.39
N PRO A 388 6.77 -19.67 -40.15
CA PRO A 388 5.39 -20.07 -40.47
C PRO A 388 4.40 -19.83 -39.34
N TYR A 389 4.89 -19.33 -38.20
CA TYR A 389 4.06 -19.26 -37.00
C TYR A 389 2.77 -18.49 -37.23
N ASP A 390 2.75 -17.56 -38.19
CA ASP A 390 1.54 -16.78 -38.45
C ASP A 390 0.41 -17.68 -38.92
N TRP A 391 0.69 -18.56 -39.90
CA TRP A 391 -0.32 -19.49 -40.37
C TRP A 391 -0.82 -20.37 -39.23
N ILE A 392 0.10 -20.82 -38.38
CA ILE A 392 -0.28 -21.70 -37.27
C ILE A 392 -1.25 -20.97 -36.34
N SER A 393 -0.90 -19.75 -35.94
CA SER A 393 -1.76 -19.01 -35.03
C SER A 393 -3.13 -18.75 -35.66
N LEU A 394 -3.15 -18.42 -36.94
CA LEU A 394 -4.43 -18.18 -37.61
C LEU A 394 -5.28 -19.43 -37.61
N ILE A 395 -4.67 -20.57 -37.96
CA ILE A 395 -5.40 -21.83 -37.97
C ILE A 395 -5.99 -22.13 -36.60
N ALA A 396 -5.17 -21.94 -35.56
CA ALA A 396 -5.60 -22.31 -34.22
C ALA A 396 -6.76 -21.43 -33.75
N SER A 397 -6.64 -20.13 -33.94
CA SER A 397 -7.74 -19.23 -33.56
C SER A 397 -8.99 -19.57 -34.34
N THR A 398 -8.85 -19.82 -35.64
CA THR A 398 -9.99 -20.18 -36.46
C THR A 398 -10.67 -21.44 -35.93
N TYR A 399 -9.87 -22.43 -35.51
CA TYR A 399 -10.48 -23.65 -35.00
C TYR A 399 -11.18 -23.41 -33.66
N TRP A 400 -10.58 -22.62 -32.79
CA TRP A 400 -11.24 -22.26 -31.55
C TRP A 400 -12.64 -21.72 -31.82
N PHE A 401 -12.70 -20.68 -32.65
CA PHE A 401 -13.98 -20.06 -32.95
C PHE A 401 -14.92 -21.04 -33.64
N ALA A 402 -14.38 -21.86 -34.55
CA ALA A 402 -15.21 -22.81 -35.28
C ALA A 402 -15.85 -23.81 -34.33
N TYR A 403 -15.04 -24.44 -33.50
CA TYR A 403 -15.56 -25.33 -32.48
C TYR A 403 -16.73 -24.65 -31.82
N PHE A 404 -16.45 -23.55 -31.11
CA PHE A 404 -17.44 -23.01 -30.20
C PHE A 404 -18.67 -22.45 -30.91
N LEU A 405 -18.58 -22.12 -32.18
CA LEU A 405 -19.72 -21.56 -32.89
C LEU A 405 -20.51 -22.59 -33.68
N VAL A 406 -19.85 -23.33 -34.57
CA VAL A 406 -20.54 -24.22 -35.48
C VAL A 406 -20.52 -25.67 -35.00
N ILE A 407 -19.41 -26.13 -34.42
CA ILE A 407 -19.23 -27.58 -34.27
C ILE A 407 -20.29 -28.15 -33.36
N LEU A 408 -20.64 -27.43 -32.30
CA LEU A 408 -21.51 -27.99 -31.28
C LEU A 408 -22.94 -28.14 -31.80
N PRO A 409 -23.47 -27.16 -32.53
CA PRO A 409 -24.79 -27.36 -33.16
C PRO A 409 -24.86 -28.58 -34.06
N LEU A 410 -23.91 -28.74 -34.97
CA LEU A 410 -23.93 -29.89 -35.88
C LEU A 410 -23.95 -31.20 -35.09
N LEU A 411 -23.14 -31.27 -34.03
CA LEU A 411 -23.15 -32.46 -33.18
C LEU A 411 -24.53 -32.65 -32.56
N GLY A 412 -25.02 -31.64 -31.86
CA GLY A 412 -26.32 -31.72 -31.24
C GLY A 412 -27.38 -32.20 -32.20
N ALA A 413 -27.14 -31.96 -33.50
CA ALA A 413 -28.05 -32.46 -34.52
C ALA A 413 -27.85 -33.94 -34.78
N THR A 414 -26.62 -34.35 -35.08
CA THR A 414 -26.36 -35.70 -35.61
C THR A 414 -25.28 -36.43 -34.80
N GLU A 415 -25.43 -36.46 -33.47
CA GLU A 415 -24.41 -37.02 -32.58
C GLU A 415 -25.01 -37.89 -31.48
N LYS A 416 -25.84 -38.89 -31.84
CA LYS A 416 -26.37 -39.83 -30.85
C LYS A 416 -26.26 -41.28 -31.29
N PRO A 417 -25.06 -41.74 -31.69
CA PRO A 417 -24.79 -43.17 -31.82
C PRO A 417 -24.17 -43.81 -30.56
N GLU A 418 -24.83 -43.63 -29.41
CA GLU A 418 -24.32 -44.23 -28.17
C GLU A 418 -25.41 -44.60 -27.20
N PRO A 419 -25.28 -45.74 -26.50
CA PRO A 419 -26.26 -46.11 -25.46
C PRO A 419 -25.95 -45.43 -24.14
N ILE A 420 -26.82 -44.50 -23.75
CA ILE A 420 -26.62 -43.71 -22.54
C ILE A 420 -26.77 -44.62 -21.33
N PRO A 421 -26.04 -44.36 -20.24
CA PRO A 421 -26.15 -45.21 -19.06
C PRO A 421 -27.20 -44.70 -18.07
N ALA A 422 -28.00 -45.64 -17.57
CA ALA A 422 -28.97 -45.37 -16.52
C ALA A 422 -28.36 -45.75 -15.17
N SER A 423 -29.11 -45.52 -14.10
CA SER A 423 -28.77 -46.06 -12.79
C SER A 423 -27.38 -45.57 -12.36
N ILE A 424 -27.32 -44.28 -12.05
CA ILE A 424 -26.08 -43.62 -11.66
C ILE A 424 -25.33 -44.47 -10.64
N GLU A 425 -26.01 -45.41 -10.00
CA GLU A 425 -25.33 -46.47 -9.27
C GLU A 425 -24.70 -47.44 -10.26
N GLU A 426 -23.47 -47.14 -10.69
CA GLU A 426 -22.78 -47.94 -11.69
C GLU A 426 -21.87 -48.93 -10.96
N ASP A 427 -22.47 -50.00 -10.48
CA ASP A 427 -21.74 -51.08 -9.83
C ASP A 427 -21.26 -52.05 -10.90
N PHE A 428 -20.14 -51.71 -11.52
CA PHE A 428 -19.57 -52.52 -12.60
C PHE A 428 -18.46 -53.40 -12.07
N PRO B 26 34.29 -31.80 -17.34
CA PRO B 26 33.35 -31.28 -18.34
C PRO B 26 32.66 -29.90 -18.24
N ASP B 27 31.39 -29.87 -17.84
CA ASP B 27 30.68 -28.62 -17.68
C ASP B 27 31.14 -27.82 -16.47
N HIS B 28 32.03 -28.38 -15.64
CA HIS B 28 32.55 -27.69 -14.47
C HIS B 28 31.42 -27.25 -13.56
N ALA B 29 30.56 -28.20 -13.21
CA ALA B 29 29.45 -27.91 -12.30
C ALA B 29 29.98 -27.37 -10.99
N PHE B 30 29.19 -26.49 -10.38
CA PHE B 30 29.56 -25.91 -9.09
C PHE B 30 29.14 -26.87 -7.98
N SER B 31 29.25 -26.40 -6.73
CA SER B 31 28.84 -27.22 -5.60
C SER B 31 27.33 -27.17 -5.40
N PHE B 32 26.75 -25.98 -5.50
CA PHE B 32 25.33 -25.78 -5.25
C PHE B 32 24.44 -26.30 -6.37
N GLU B 33 25.01 -26.76 -7.48
CA GLU B 33 24.23 -27.20 -8.62
C GLU B 33 23.64 -28.58 -8.31
N GLY B 34 22.53 -28.57 -7.58
CA GLY B 34 21.84 -29.79 -7.28
C GLY B 34 20.95 -29.64 -6.07
N ILE B 35 20.49 -30.79 -5.57
CA ILE B 35 19.63 -30.85 -4.38
C ILE B 35 20.40 -30.59 -3.10
N PHE B 36 21.72 -30.42 -3.19
CA PHE B 36 22.56 -30.16 -2.04
C PHE B 36 23.60 -29.12 -2.46
N GLY B 37 24.67 -28.98 -1.69
CA GLY B 37 25.74 -28.08 -2.08
C GLY B 37 25.68 -26.70 -1.45
N LYS B 38 25.69 -26.65 -0.13
CA LYS B 38 25.53 -25.38 0.57
C LYS B 38 26.77 -24.50 0.49
N TYR B 39 27.10 -24.04 -0.72
CA TYR B 39 27.97 -22.89 -0.91
C TYR B 39 29.29 -23.02 -0.16
N ASP B 40 30.12 -23.94 -0.66
CA ASP B 40 31.47 -24.08 -0.14
C ASP B 40 32.11 -22.72 0.08
N GLN B 41 32.47 -22.42 1.32
CA GLN B 41 32.72 -21.04 1.71
C GLN B 41 34.11 -20.55 1.32
N ALA B 42 35.12 -21.42 1.31
CA ALA B 42 36.44 -20.99 0.87
C ALA B 42 36.38 -20.44 -0.55
N GLN B 43 35.61 -21.09 -1.41
CA GLN B 43 35.39 -20.57 -2.76
C GLN B 43 34.87 -19.15 -2.72
N LEU B 44 33.97 -18.86 -1.77
CA LEU B 44 33.37 -17.54 -1.71
C LEU B 44 34.34 -16.51 -1.16
N ARG B 45 35.19 -16.90 -0.21
CA ARG B 45 36.22 -15.99 0.27
C ARG B 45 37.20 -15.66 -0.85
N ARG B 46 37.52 -16.64 -1.68
CA ARG B 46 38.38 -16.37 -2.84
C ARG B 46 37.70 -15.41 -3.80
N GLY B 47 36.42 -15.67 -4.10
CA GLY B 47 35.67 -14.76 -4.94
C GLY B 47 35.61 -13.36 -4.37
N PHE B 48 35.60 -13.23 -3.06
CA PHE B 48 35.57 -11.91 -2.44
C PHE B 48 36.92 -11.21 -2.60
N GLN B 49 38.01 -11.95 -2.38
CA GLN B 49 39.33 -11.39 -2.69
C GLN B 49 39.37 -10.88 -4.11
N VAL B 50 38.76 -11.61 -5.04
CA VAL B 50 38.74 -11.23 -6.44
C VAL B 50 37.85 -10.02 -6.74
N TYR B 51 36.62 -10.05 -6.22
CA TYR B 51 35.65 -8.98 -6.48
C TYR B 51 36.03 -7.58 -5.97
N ASN B 52 36.59 -7.51 -4.77
CA ASN B 52 36.96 -6.22 -4.17
C ASN B 52 38.25 -5.62 -4.76
N GLU B 53 39.05 -6.46 -5.39
CA GLU B 53 40.32 -6.06 -5.96
C GLU B 53 40.31 -5.93 -7.47
N VAL B 54 39.27 -6.42 -8.15
CA VAL B 54 39.20 -6.41 -9.60
C VAL B 54 37.87 -5.81 -10.05
N CYS B 55 36.77 -6.54 -9.79
CA CYS B 55 35.48 -6.14 -10.35
C CYS B 55 34.96 -4.86 -9.72
N SER B 56 35.32 -4.58 -8.46
CA SER B 56 34.79 -3.41 -7.77
C SER B 56 35.21 -2.10 -8.43
N ALA B 57 36.30 -2.12 -9.21
CA ALA B 57 36.78 -0.90 -9.85
C ALA B 57 35.74 -0.28 -10.77
N CYS B 58 34.90 -1.11 -11.39
CA CYS B 58 33.84 -0.65 -12.29
C CYS B 58 32.45 -1.01 -11.81
N HIS B 59 32.26 -2.18 -11.20
CA HIS B 59 30.95 -2.69 -10.83
C HIS B 59 30.63 -2.38 -9.38
N GLY B 60 29.35 -2.54 -9.04
CA GLY B 60 28.86 -2.36 -7.69
C GLY B 60 27.81 -3.40 -7.36
N MET B 61 27.39 -3.40 -6.10
CA MET B 61 26.39 -4.32 -5.58
C MET B 61 25.59 -3.59 -4.50
N LYS B 62 24.79 -2.62 -4.90
CA LYS B 62 24.00 -1.84 -3.96
C LYS B 62 23.00 -2.71 -3.21
N PHE B 63 22.38 -3.65 -3.91
CA PHE B 63 21.40 -4.55 -3.31
C PHE B 63 22.03 -5.51 -2.30
N VAL B 64 23.29 -5.25 -1.94
CA VAL B 64 23.98 -6.12 -0.98
C VAL B 64 24.55 -5.46 0.28
N PRO B 65 23.94 -5.73 1.46
CA PRO B 65 24.52 -5.15 2.68
C PRO B 65 25.86 -5.81 3.00
N ILE B 66 26.77 -5.08 3.65
CA ILE B 66 28.09 -5.59 3.96
C ILE B 66 28.02 -6.56 5.14
N ARG B 67 27.11 -6.32 6.08
CA ARG B 67 26.96 -7.22 7.22
C ARG B 67 26.69 -8.65 6.81
N THR B 68 26.25 -8.88 5.57
CA THR B 68 25.97 -10.23 5.11
C THR B 68 27.21 -11.09 5.04
N LEU B 69 28.38 -10.49 5.13
CA LEU B 69 29.64 -11.22 5.14
C LEU B 69 29.92 -11.89 6.46
N ALA B 70 28.96 -11.81 7.39
CA ALA B 70 29.00 -12.54 8.62
C ALA B 70 27.83 -13.51 8.78
N ASP B 71 26.70 -13.22 8.13
CA ASP B 71 25.56 -14.13 8.18
C ASP B 71 25.98 -15.52 7.69
N ASP B 72 25.38 -16.54 8.27
CA ASP B 72 25.70 -17.91 7.90
C ASP B 72 25.34 -18.18 6.45
N GLY B 73 25.78 -19.34 5.96
CA GLY B 73 25.47 -19.77 4.61
C GLY B 73 26.57 -19.50 3.63
N GLY B 74 27.21 -18.34 3.74
CA GLY B 74 28.24 -17.94 2.81
C GLY B 74 29.55 -17.68 3.53
N PRO B 75 30.24 -16.59 3.19
CA PRO B 75 31.47 -16.27 3.90
C PRO B 75 31.18 -15.81 5.32
N GLN B 76 31.47 -16.67 6.28
CA GLN B 76 31.25 -16.34 7.69
C GLN B 76 32.46 -15.62 8.27
N LEU B 77 32.83 -14.52 7.62
CA LEU B 77 34.01 -13.76 8.01
C LEU B 77 33.87 -13.23 9.44
N ASP B 78 34.97 -12.69 9.93
CA ASP B 78 35.00 -12.12 11.27
C ASP B 78 34.44 -10.70 11.25
N PRO B 79 33.40 -10.40 12.03
CA PRO B 79 32.78 -9.07 12.00
C PRO B 79 33.76 -7.90 12.00
N THR B 80 34.79 -7.98 12.84
CA THR B 80 35.73 -6.87 12.95
C THR B 80 36.37 -6.57 11.59
N PHE B 81 36.79 -7.61 10.87
CA PHE B 81 37.32 -7.40 9.54
C PHE B 81 36.27 -6.76 8.64
N VAL B 82 34.99 -7.07 8.86
CA VAL B 82 33.94 -6.48 8.05
C VAL B 82 33.86 -4.98 8.30
N ARG B 83 33.90 -4.57 9.57
CA ARG B 83 33.86 -3.15 9.88
C ARG B 83 35.08 -2.44 9.31
N GLU B 84 36.25 -3.06 9.41
CA GLU B 84 37.45 -2.47 8.83
C GLU B 84 37.29 -2.28 7.32
N TYR B 85 36.95 -3.36 6.62
CA TYR B 85 36.79 -3.29 5.17
C TYR B 85 35.74 -2.28 4.77
N ALA B 86 34.69 -2.12 5.58
CA ALA B 86 33.68 -1.13 5.30
C ALA B 86 34.24 0.28 5.41
N ALA B 87 34.84 0.59 6.56
CA ALA B 87 35.42 1.92 6.72
C ALA B 87 36.48 2.20 5.67
N GLY B 88 37.08 1.17 5.08
CA GLY B 88 38.07 1.38 4.04
C GLY B 88 37.53 1.59 2.64
N LEU B 89 36.22 1.68 2.48
CA LEU B 89 35.58 1.85 1.20
C LEU B 89 35.26 3.32 0.95
N ASP B 90 34.51 3.59 -0.12
CA ASP B 90 34.12 4.95 -0.46
C ASP B 90 33.25 5.55 0.63
N THR B 91 32.86 6.81 0.47
CA THR B 91 32.10 7.53 1.47
C THR B 91 30.65 7.65 1.01
N ILE B 92 29.75 7.01 1.74
CA ILE B 92 28.32 7.15 1.52
C ILE B 92 27.82 8.19 2.52
N ILE B 93 27.29 9.31 2.03
CA ILE B 93 27.24 10.52 2.83
C ILE B 93 26.28 10.40 4.00
N ASP B 94 24.98 10.30 3.73
CA ASP B 94 23.97 10.30 4.79
C ASP B 94 22.59 10.25 4.17
N LYS B 95 21.56 10.15 5.02
CA LYS B 95 20.18 10.34 4.58
C LYS B 95 19.48 11.51 5.27
N ASP B 96 19.96 11.95 6.43
CA ASP B 96 19.34 13.04 7.17
C ASP B 96 20.14 14.33 7.09
N SER B 97 21.43 14.29 7.39
CA SER B 97 22.30 15.46 7.40
C SER B 97 23.43 15.24 6.41
N GLY B 98 23.44 16.02 5.34
CA GLY B 98 24.47 15.87 4.32
C GLY B 98 25.85 16.04 4.88
N GLU B 99 26.58 14.92 5.03
CA GLU B 99 27.93 14.95 5.57
C GLU B 99 28.60 13.60 5.33
N GLU B 100 29.77 13.61 4.71
CA GLU B 100 30.47 12.38 4.40
C GLU B 100 30.83 11.60 5.65
N ARG B 101 30.12 10.50 5.85
CA ARG B 101 30.32 9.67 7.02
C ARG B 101 31.44 8.67 6.83
N ASP B 102 31.56 7.81 7.81
CA ASP B 102 32.58 6.76 7.86
C ASP B 102 32.13 5.45 7.21
N ARG B 103 30.95 5.44 6.60
CA ARG B 103 30.43 4.26 5.90
C ARG B 103 30.29 2.94 6.70
N LYS B 104 29.45 2.96 7.73
CA LYS B 104 29.22 1.80 8.60
C LYS B 104 28.64 0.61 7.82
N GLU B 105 28.97 -0.59 8.29
CA GLU B 105 28.57 -1.86 7.64
C GLU B 105 27.07 -1.86 7.31
N THR B 106 26.23 -1.24 8.14
CA THR B 106 24.79 -1.27 7.92
C THR B 106 24.41 -0.73 6.55
N ASP B 107 25.25 0.13 5.99
CA ASP B 107 25.03 0.62 4.64
C ASP B 107 25.27 -0.50 3.64
N MET B 108 25.11 -0.18 2.36
CA MET B 108 25.26 -1.15 1.29
C MET B 108 26.57 -0.91 0.55
N PHE B 109 26.95 -1.91 -0.24
CA PHE B 109 28.14 -1.79 -1.06
C PHE B 109 27.99 -0.56 -1.94
N PRO B 110 29.08 0.02 -2.42
CA PRO B 110 28.97 1.24 -3.24
C PRO B 110 28.37 0.94 -4.60
N THR B 111 28.28 1.98 -5.42
CA THR B 111 27.72 1.89 -6.75
C THR B 111 28.59 2.66 -7.73
N ARG B 112 29.09 1.95 -8.73
CA ARG B 112 29.78 2.55 -9.86
C ARG B 112 28.78 2.67 -11.00
N VAL B 113 28.57 3.89 -11.50
CA VAL B 113 27.39 4.22 -12.29
C VAL B 113 27.74 4.49 -13.75
N GLY B 114 28.69 5.38 -14.00
CA GLY B 114 28.94 5.80 -15.37
C GLY B 114 30.37 6.21 -15.68
N ASP B 115 30.58 6.74 -16.89
CA ASP B 115 31.89 7.18 -17.35
C ASP B 115 32.87 6.01 -17.37
N GLY B 116 32.55 5.02 -18.19
CA GLY B 116 33.40 3.86 -18.32
C GLY B 116 33.11 2.76 -17.33
N MET B 117 31.92 2.73 -16.75
CA MET B 117 31.55 1.78 -15.72
C MET B 117 30.40 0.92 -16.20
N GLY B 118 30.07 -0.10 -15.41
CA GLY B 118 29.12 -1.09 -15.81
C GLY B 118 27.93 -1.21 -14.87
N PRO B 119 27.10 -2.23 -15.11
CA PRO B 119 25.88 -2.41 -14.33
C PRO B 119 26.18 -2.92 -12.93
N ASP B 120 25.10 -3.23 -12.20
CA ASP B 120 25.19 -3.75 -10.85
C ASP B 120 25.12 -5.27 -10.88
N LEU B 121 26.01 -5.91 -10.13
CA LEU B 121 26.12 -7.36 -10.12
C LEU B 121 25.36 -7.99 -8.96
N SER B 122 24.44 -7.26 -8.35
CA SER B 122 23.71 -7.79 -7.20
C SER B 122 22.97 -9.07 -7.58
N VAL B 123 22.25 -9.04 -8.70
CA VAL B 123 21.40 -10.15 -9.09
C VAL B 123 21.67 -10.56 -10.53
N MET B 124 22.88 -10.27 -11.03
CA MET B 124 23.23 -10.65 -12.38
C MET B 124 23.26 -12.16 -12.56
N ALA B 125 23.36 -12.91 -11.46
CA ALA B 125 23.35 -14.36 -11.51
C ALA B 125 21.95 -14.92 -11.72
N LYS B 126 20.93 -14.08 -11.74
CA LYS B 126 19.57 -14.49 -12.01
C LYS B 126 18.97 -13.85 -13.25
N ALA B 127 19.52 -12.73 -13.71
CA ALA B 127 19.06 -12.05 -14.90
C ALA B 127 19.62 -12.66 -16.18
N ARG B 128 20.13 -13.87 -16.12
CA ARG B 128 20.67 -14.55 -17.28
C ARG B 128 20.16 -15.98 -17.38
N GLY B 147 22.65 -21.00 -17.50
CA GLY B 147 22.01 -21.27 -16.22
C GLY B 147 22.39 -20.27 -15.15
N GLY B 148 22.87 -19.11 -15.58
CA GLY B 148 23.26 -18.06 -14.67
C GLY B 148 24.75 -17.99 -14.47
N PRO B 149 25.24 -18.51 -13.34
CA PRO B 149 26.69 -18.46 -13.08
C PRO B 149 27.52 -19.03 -14.20
N GLU B 150 27.03 -20.05 -14.90
CA GLU B 150 27.76 -20.57 -16.05
C GLU B 150 27.94 -19.49 -17.11
N TYR B 151 26.98 -18.58 -17.23
CA TYR B 151 27.14 -17.46 -18.15
C TYR B 151 28.33 -16.62 -17.75
N ILE B 152 28.43 -16.28 -16.47
CA ILE B 152 29.55 -15.46 -16.01
C ILE B 152 30.87 -16.18 -16.22
N TYR B 153 30.92 -17.48 -15.90
CA TYR B 153 32.14 -18.23 -16.08
C TYR B 153 32.56 -18.26 -17.54
N ASN B 154 31.66 -18.70 -18.42
CA ASN B 154 31.97 -18.78 -19.84
C ASN B 154 32.03 -17.43 -20.52
N TYR B 155 31.75 -16.35 -19.80
CA TYR B 155 31.88 -14.99 -20.32
C TYR B 155 33.24 -14.39 -19.95
N VAL B 156 33.53 -14.30 -18.66
CA VAL B 156 34.85 -13.96 -18.18
C VAL B 156 35.86 -14.84 -18.92
N ILE B 157 35.55 -16.14 -19.00
CA ILE B 157 36.32 -17.04 -19.86
C ILE B 157 35.92 -16.74 -21.30
N GLY B 158 36.86 -16.24 -22.07
CA GLY B 158 36.63 -15.92 -23.46
C GLY B 158 36.72 -14.43 -23.72
N PHE B 159 37.90 -14.01 -24.16
CA PHE B 159 38.12 -12.68 -24.69
C PHE B 159 39.14 -12.73 -25.81
N GLU B 160 39.23 -13.87 -26.49
CA GLU B 160 40.32 -14.14 -27.41
C GLU B 160 40.41 -13.06 -28.49
N GLU B 161 41.52 -13.08 -29.22
CA GLU B 161 41.76 -12.06 -30.22
C GLU B 161 40.65 -12.08 -31.26
N ASN B 162 40.63 -11.03 -32.08
CA ASN B 162 39.61 -10.91 -33.10
C ASN B 162 39.79 -12.03 -34.13
N PRO B 163 38.70 -12.61 -34.64
CA PRO B 163 38.83 -13.75 -35.54
C PRO B 163 39.35 -13.37 -36.91
N GLU B 164 39.41 -14.34 -37.82
CA GLU B 164 39.89 -14.07 -39.18
C GLU B 164 38.74 -13.70 -40.11
N CYS B 165 37.92 -12.74 -39.66
CA CYS B 165 36.92 -12.11 -40.50
C CYS B 165 37.01 -10.59 -40.35
N ALA B 166 37.49 -10.14 -39.20
CA ALA B 166 37.64 -8.72 -38.90
C ALA B 166 38.79 -8.52 -37.93
N PRO B 167 40.01 -8.93 -38.30
CA PRO B 167 41.12 -8.85 -37.34
C PRO B 167 41.38 -7.45 -36.83
N GLU B 168 41.11 -6.42 -37.64
CA GLU B 168 41.25 -5.05 -37.16
C GLU B 168 40.37 -4.80 -35.95
N GLY B 169 39.15 -5.33 -35.96
CA GLY B 169 38.25 -5.20 -34.84
C GLY B 169 37.58 -3.84 -34.75
N ILE B 170 37.58 -3.26 -33.56
CA ILE B 170 36.95 -1.97 -33.32
C ILE B 170 37.77 -1.22 -32.28
N ASP B 171 37.70 0.11 -32.36
CA ASP B 171 38.43 0.98 -31.44
C ASP B 171 37.56 1.23 -30.21
N GLY B 172 38.06 0.83 -29.04
CA GLY B 172 37.35 1.02 -27.80
C GLY B 172 36.45 -0.12 -27.40
N TYR B 173 36.18 -1.05 -28.30
CA TYR B 173 35.39 -2.24 -28.02
C TYR B 173 36.26 -3.48 -28.14
N TYR B 174 36.02 -4.45 -27.28
CA TYR B 174 36.78 -5.68 -27.27
C TYR B 174 35.84 -6.87 -27.44
N TYR B 175 36.42 -7.99 -27.86
CA TYR B 175 35.67 -9.13 -28.36
C TYR B 175 35.47 -10.19 -27.30
N ASN B 176 34.28 -10.80 -27.30
CA ASN B 176 33.97 -11.91 -26.43
C ASN B 176 33.26 -12.99 -27.23
N LYS B 177 33.57 -14.25 -26.91
CA LYS B 177 32.98 -15.39 -27.61
C LYS B 177 31.62 -15.82 -27.08
N THR B 178 31.17 -15.26 -25.96
CA THR B 178 29.86 -15.66 -25.43
C THR B 178 28.81 -14.62 -25.18
N PHE B 179 29.20 -13.36 -25.07
CA PHE B 179 28.22 -12.31 -24.88
C PHE B 179 27.39 -12.34 -26.15
N GLN B 180 26.08 -12.30 -26.07
CA GLN B 180 25.30 -12.30 -27.30
C GLN B 180 24.59 -10.98 -27.60
N ILE B 181 24.71 -10.00 -26.72
CA ILE B 181 23.94 -8.76 -26.92
C ILE B 181 24.80 -7.60 -27.36
N GLY B 182 25.90 -7.86 -28.07
CA GLY B 182 26.81 -6.83 -28.54
C GLY B 182 26.73 -6.64 -30.04
N GLY B 183 27.35 -5.55 -30.49
CA GLY B 183 27.41 -5.24 -31.91
C GLY B 183 28.32 -6.23 -32.63
N VAL B 184 28.18 -6.27 -33.95
CA VAL B 184 28.99 -7.12 -34.82
C VAL B 184 29.33 -6.31 -36.07
N PRO B 185 30.55 -6.33 -36.60
CA PRO B 185 30.81 -5.61 -37.85
C PRO B 185 30.03 -6.22 -39.01
N ASP B 186 29.80 -5.40 -40.03
CA ASP B 186 29.10 -5.88 -41.21
C ASP B 186 29.88 -6.98 -41.92
N THR B 187 31.20 -6.99 -41.76
CA THR B 187 32.03 -8.03 -42.37
C THR B 187 31.72 -9.41 -41.82
N CYS B 188 31.19 -9.51 -40.59
CA CYS B 188 30.90 -10.78 -39.95
C CYS B 188 29.42 -11.18 -40.01
N LYS B 189 28.54 -10.28 -40.46
CA LYS B 189 27.13 -10.62 -40.56
C LYS B 189 26.86 -11.38 -41.86
N ASP B 190 25.78 -12.17 -41.84
CA ASP B 190 25.39 -12.94 -43.02
C ASP B 190 24.56 -12.07 -43.95
N ALA B 191 23.83 -12.69 -44.89
CA ALA B 191 23.09 -11.92 -45.87
C ALA B 191 21.86 -11.22 -45.30
N ALA B 192 21.39 -11.64 -44.12
CA ALA B 192 20.17 -11.10 -43.51
C ALA B 192 20.42 -10.67 -42.07
N GLY B 193 21.57 -10.05 -41.82
CA GLY B 193 21.83 -9.37 -40.56
C GLY B 193 22.29 -10.25 -39.42
N VAL B 194 22.18 -11.57 -39.52
CA VAL B 194 22.59 -12.46 -38.44
C VAL B 194 24.10 -12.55 -38.41
N LYS B 195 24.66 -12.68 -37.21
CA LYS B 195 26.11 -12.73 -37.04
C LYS B 195 26.62 -14.15 -37.26
N ILE B 196 27.80 -14.26 -37.87
CA ILE B 196 28.49 -15.53 -38.05
C ILE B 196 29.44 -15.87 -36.92
N THR B 197 29.60 -14.99 -35.93
CA THR B 197 30.46 -15.23 -34.79
C THR B 197 29.67 -15.90 -33.67
N HIS B 198 30.39 -16.63 -32.81
CA HIS B 198 29.75 -17.28 -31.67
C HIS B 198 29.18 -16.24 -30.71
N GLY B 199 29.99 -15.26 -30.33
CA GLY B 199 29.58 -14.21 -29.43
C GLY B 199 29.47 -12.87 -30.12
N SER B 200 29.93 -11.81 -29.46
CA SER B 200 29.86 -10.47 -30.03
C SER B 200 30.86 -9.60 -29.27
N TRP B 201 30.82 -8.28 -29.55
CA TRP B 201 31.77 -7.34 -28.99
C TRP B 201 31.19 -6.69 -27.75
N ALA B 202 31.88 -6.85 -26.63
CA ALA B 202 31.46 -6.34 -25.33
C ALA B 202 32.35 -5.15 -24.96
N ARG B 203 31.76 -4.20 -24.24
CA ARG B 203 32.46 -3.00 -23.80
C ARG B 203 33.36 -3.22 -22.59
N MET B 204 33.40 -4.43 -22.03
CA MET B 204 34.24 -4.71 -20.87
C MET B 204 35.60 -5.20 -21.32
N PRO B 205 36.67 -4.64 -20.71
CA PRO B 205 37.92 -5.30 -21.06
C PRO B 205 38.22 -6.59 -20.34
N PRO B 206 39.30 -7.27 -20.77
CA PRO B 206 39.66 -8.54 -20.12
C PRO B 206 39.92 -8.18 -18.67
N PRO B 207 39.28 -8.91 -17.77
CA PRO B 207 39.48 -8.53 -16.38
C PRO B 207 40.73 -9.13 -15.79
N LEU B 208 41.11 -10.34 -16.19
CA LEU B 208 42.32 -10.93 -15.57
C LEU B 208 43.37 -11.54 -16.50
N VAL B 209 44.61 -11.55 -16.01
CA VAL B 209 45.73 -12.12 -16.72
C VAL B 209 46.04 -13.51 -16.12
N ASP B 210 47.25 -14.01 -16.34
CA ASP B 210 47.66 -15.34 -15.86
C ASP B 210 47.69 -15.53 -14.33
N ASP B 211 48.20 -14.54 -13.60
CA ASP B 211 48.29 -14.63 -12.14
C ASP B 211 48.11 -13.24 -11.55
N GLN B 212 46.88 -12.77 -11.61
CA GLN B 212 46.52 -11.43 -11.14
C GLN B 212 46.63 -11.21 -9.63
N VAL B 213 46.22 -12.19 -8.83
CA VAL B 213 46.25 -12.06 -7.38
C VAL B 213 46.69 -13.34 -6.66
N THR B 214 47.08 -13.19 -5.40
CA THR B 214 47.49 -14.33 -4.59
C THR B 214 46.36 -14.75 -3.67
N TYR B 215 46.27 -16.05 -3.43
CA TYR B 215 45.34 -16.63 -2.47
C TYR B 215 46.09 -16.93 -1.17
N GLU B 216 45.52 -16.47 -0.05
CA GLU B 216 46.19 -16.68 1.23
C GLU B 216 46.16 -18.15 1.63
N ASP B 217 45.10 -18.87 1.28
CA ASP B 217 44.99 -20.28 1.67
C ASP B 217 46.04 -21.13 0.99
N GLY B 218 46.48 -20.72 -0.19
CA GLY B 218 47.44 -21.50 -0.96
C GLY B 218 46.74 -22.27 -2.06
N THR B 219 46.80 -21.76 -3.29
CA THR B 219 46.07 -22.35 -4.39
C THR B 219 46.52 -21.71 -5.69
N PRO B 220 46.63 -22.47 -6.80
CA PRO B 220 47.00 -21.86 -8.07
C PRO B 220 45.94 -20.88 -8.56
N ALA B 221 46.29 -19.59 -8.56
CA ALA B 221 45.32 -18.55 -8.87
C ALA B 221 45.28 -18.25 -10.36
N THR B 222 45.08 -19.29 -11.18
CA THR B 222 44.92 -19.08 -12.60
C THR B 222 43.57 -18.41 -12.88
N VAL B 223 43.34 -18.11 -14.15
CA VAL B 223 42.16 -17.35 -14.53
C VAL B 223 40.89 -18.17 -14.29
N ASP B 224 40.95 -19.47 -14.57
CA ASP B 224 39.75 -20.30 -14.50
C ASP B 224 39.24 -20.40 -13.07
N GLN B 225 40.15 -20.65 -12.12
CA GLN B 225 39.73 -20.77 -10.73
C GLN B 225 39.13 -19.46 -10.23
N MET B 226 39.75 -18.33 -10.59
CA MET B 226 39.22 -17.04 -10.19
C MET B 226 37.83 -16.83 -10.78
N ALA B 227 37.62 -17.22 -12.04
CA ALA B 227 36.31 -17.06 -12.65
C ALA B 227 35.26 -17.88 -11.92
N GLN B 228 35.56 -19.15 -11.65
CA GLN B 228 34.63 -19.98 -10.90
C GLN B 228 34.31 -19.35 -9.54
N ASP B 229 35.35 -18.91 -8.83
CA ASP B 229 35.16 -18.37 -7.49
C ASP B 229 34.28 -17.12 -7.52
N VAL B 230 34.55 -16.21 -8.45
CA VAL B 230 33.78 -14.98 -8.48
C VAL B 230 32.35 -15.27 -8.92
N SER B 231 32.16 -16.24 -9.82
CA SER B 231 30.81 -16.63 -10.18
C SER B 231 30.03 -17.10 -8.96
N ALA B 232 30.67 -17.94 -8.13
CA ALA B 232 30.01 -18.41 -6.91
C ALA B 232 29.71 -17.23 -5.98
N PHE B 233 30.65 -16.28 -5.88
CA PHE B 233 30.42 -15.13 -5.01
C PHE B 233 29.20 -14.34 -5.47
N LEU B 234 29.08 -14.13 -6.78
CA LEU B 234 27.93 -13.39 -7.29
C LEU B 234 26.63 -14.16 -7.05
N MET B 235 26.68 -15.48 -7.24
CA MET B 235 25.48 -16.29 -6.95
C MET B 235 25.09 -16.15 -5.48
N TRP B 236 26.08 -16.07 -4.60
CA TRP B 236 25.77 -15.77 -3.20
C TRP B 236 25.07 -14.43 -3.08
N ALA B 237 25.70 -13.39 -3.63
CA ALA B 237 25.15 -12.05 -3.56
C ALA B 237 23.70 -12.01 -4.05
N ALA B 238 23.34 -12.93 -4.94
CA ALA B 238 21.99 -12.96 -5.48
C ALA B 238 21.07 -13.87 -4.68
N GLU B 239 21.51 -15.10 -4.40
CA GLU B 239 20.74 -16.07 -3.63
C GLU B 239 21.51 -16.45 -2.37
N PRO B 240 21.41 -15.65 -1.31
CA PRO B 240 22.10 -15.99 -0.07
C PRO B 240 21.39 -17.07 0.74
N LYS B 241 20.08 -17.17 0.56
CA LYS B 241 19.23 -18.07 1.33
C LYS B 241 18.97 -19.37 0.58
N LEU B 242 19.98 -19.85 -0.13
CA LEU B 242 19.85 -21.07 -0.92
C LEU B 242 19.76 -22.30 -0.03
N VAL B 243 20.70 -22.45 0.89
CA VAL B 243 20.77 -23.65 1.71
C VAL B 243 19.50 -23.80 2.54
N ALA B 244 19.00 -22.69 3.09
CA ALA B 244 17.74 -22.74 3.81
C ALA B 244 16.62 -23.18 2.89
N ARG B 245 16.64 -22.72 1.65
CA ARG B 245 15.68 -23.19 0.66
C ARG B 245 15.71 -24.71 0.56
N LYS B 246 16.90 -25.28 0.38
CA LYS B 246 17.01 -26.72 0.18
C LYS B 246 16.55 -27.49 1.41
N GLN B 247 16.93 -27.02 2.60
CA GLN B 247 16.55 -27.72 3.82
C GLN B 247 15.04 -27.66 4.02
N MET B 248 14.43 -26.51 3.78
CA MET B 248 12.98 -26.41 3.84
C MET B 248 12.33 -27.37 2.85
N GLY B 249 12.87 -27.43 1.63
CA GLY B 249 12.31 -28.33 0.65
C GLY B 249 12.34 -29.77 1.10
N LEU B 250 13.48 -30.19 1.67
CA LEU B 250 13.59 -31.55 2.19
C LEU B 250 12.55 -31.80 3.28
N VAL B 251 12.51 -30.94 4.29
CA VAL B 251 11.59 -31.11 5.41
C VAL B 251 10.16 -31.22 4.90
N ALA B 252 9.79 -30.34 3.97
CA ALA B 252 8.41 -30.29 3.51
C ALA B 252 8.07 -31.50 2.67
N MET B 253 8.95 -31.88 1.74
CA MET B 253 8.73 -33.10 0.98
C MET B 253 8.48 -34.27 1.92
N VAL B 254 9.28 -34.38 2.98
CA VAL B 254 9.13 -35.51 3.90
C VAL B 254 7.78 -35.46 4.59
N MET B 255 7.49 -34.33 5.25
CA MET B 255 6.25 -34.24 6.02
C MET B 255 5.03 -34.46 5.14
N LEU B 256 5.04 -33.92 3.92
CA LEU B 256 3.90 -34.06 3.05
C LEU B 256 3.77 -35.45 2.47
N GLY B 257 4.89 -36.12 2.18
CA GLY B 257 4.81 -37.52 1.82
C GLY B 257 4.19 -38.35 2.92
N LEU B 258 4.56 -38.07 4.17
CA LEU B 258 3.97 -38.78 5.30
C LEU B 258 2.46 -38.53 5.37
N LEU B 259 2.07 -37.27 5.36
CA LEU B 259 0.65 -36.92 5.41
C LEU B 259 -0.12 -37.59 4.27
N SER B 260 0.45 -37.58 3.07
CA SER B 260 -0.22 -38.13 1.91
C SER B 260 -0.36 -39.64 2.03
N VAL B 261 0.66 -40.32 2.55
CA VAL B 261 0.56 -41.76 2.76
C VAL B 261 -0.56 -42.07 3.74
N MET B 262 -0.59 -41.34 4.86
CA MET B 262 -1.62 -41.61 5.85
C MET B 262 -3.01 -41.36 5.27
N LEU B 263 -3.17 -40.31 4.48
CA LEU B 263 -4.45 -40.05 3.86
C LEU B 263 -4.82 -41.13 2.86
N TYR B 264 -3.83 -41.67 2.14
CA TYR B 264 -4.11 -42.77 1.22
C TYR B 264 -4.62 -43.99 1.96
N LEU B 265 -4.00 -44.30 3.10
CA LEU B 265 -4.48 -45.42 3.91
C LEU B 265 -5.91 -45.17 4.37
N THR B 266 -6.18 -43.96 4.87
CA THR B 266 -7.53 -43.64 5.33
C THR B 266 -8.54 -43.78 4.20
N ASN B 267 -8.18 -43.33 3.01
CA ASN B 267 -9.08 -43.44 1.86
C ASN B 267 -9.33 -44.90 1.50
N LYS B 268 -8.26 -45.68 1.33
CA LYS B 268 -8.40 -47.09 1.04
C LYS B 268 -9.30 -47.77 2.05
N ARG B 269 -9.22 -47.35 3.31
CA ARG B 269 -10.06 -47.96 4.34
C ARG B 269 -11.52 -47.56 4.14
N LEU B 270 -11.80 -46.26 4.19
CA LEU B 270 -13.18 -45.80 4.10
C LEU B 270 -13.88 -46.36 2.87
N TRP B 271 -13.21 -46.37 1.73
CA TRP B 271 -13.80 -46.84 0.49
C TRP B 271 -13.71 -48.35 0.32
N ALA B 272 -13.46 -49.10 1.39
CA ALA B 272 -13.32 -50.54 1.25
C ALA B 272 -14.66 -51.24 1.04
N PRO B 273 -15.68 -51.04 1.87
CA PRO B 273 -16.92 -51.80 1.72
C PRO B 273 -17.67 -51.50 0.42
N TYR B 274 -17.15 -50.58 -0.39
CA TYR B 274 -17.76 -50.24 -1.67
C TYR B 274 -16.91 -50.66 -2.87
N LYS B 275 -15.76 -51.26 -2.65
CA LYS B 275 -14.88 -51.69 -3.73
C LYS B 275 -14.30 -53.08 -3.42
N GLY B 276 -15.15 -53.98 -2.95
CA GLY B 276 -14.69 -55.30 -2.55
C GLY B 276 -15.26 -56.44 -3.37
N HIS B 277 -16.49 -56.29 -3.85
CA HIS B 277 -17.12 -57.34 -4.64
C HIS B 277 -16.67 -57.32 -6.10
N LYS B 278 -16.24 -56.16 -6.61
CA LYS B 278 -15.77 -56.03 -7.97
C LYS B 278 -14.25 -56.08 -8.07
N SER C 2 -47.77 -15.88 11.52
CA SER C 2 -46.51 -15.78 12.25
C SER C 2 -45.23 -15.85 11.42
N GLY C 3 -44.31 -14.93 11.70
CA GLY C 3 -43.06 -14.84 10.96
C GLY C 3 -43.25 -15.05 9.47
N ILE C 4 -44.31 -14.50 8.90
CA ILE C 4 -44.65 -14.69 7.50
C ILE C 4 -43.42 -14.38 6.63
N PRO C 5 -42.80 -15.39 6.02
CA PRO C 5 -41.68 -15.11 5.11
C PRO C 5 -42.17 -14.73 3.71
N HIS C 6 -43.26 -15.34 3.27
CA HIS C 6 -43.86 -15.05 1.97
C HIS C 6 -42.80 -15.12 0.86
N ASP C 7 -42.29 -16.33 0.66
CA ASP C 7 -41.18 -16.56 -0.26
C ASP C 7 -41.46 -16.07 -1.69
N HIS C 8 -42.70 -15.69 -2.00
CA HIS C 8 -43.17 -15.26 -3.31
C HIS C 8 -43.41 -16.45 -4.23
N TYR C 9 -43.07 -17.67 -3.83
CA TYR C 9 -43.37 -18.90 -4.56
C TYR C 9 -42.81 -18.90 -5.98
N GLU C 10 -41.98 -17.92 -6.34
CA GLU C 10 -41.42 -17.81 -7.67
C GLU C 10 -42.52 -17.95 -8.72
N PRO C 11 -43.68 -17.32 -8.51
CA PRO C 11 -44.77 -17.38 -9.49
C PRO C 11 -44.83 -16.22 -10.46
N LYS C 12 -43.88 -15.30 -10.42
CA LYS C 12 -43.95 -14.10 -11.26
C LYS C 12 -44.05 -14.46 -12.73
N THR C 13 -43.02 -15.10 -13.26
CA THR C 13 -42.94 -15.40 -14.69
C THR C 13 -41.81 -16.38 -14.93
N GLY C 14 -41.46 -16.59 -16.20
CA GLY C 14 -40.38 -17.50 -16.53
C GLY C 14 -39.03 -17.05 -15.98
N ILE C 15 -38.82 -15.74 -15.90
CA ILE C 15 -37.57 -15.24 -15.33
C ILE C 15 -37.46 -15.64 -13.87
N GLU C 16 -38.53 -15.41 -13.11
CA GLU C 16 -38.55 -15.79 -11.70
C GLU C 16 -38.68 -17.29 -11.48
N LYS C 17 -38.79 -18.08 -12.55
CA LYS C 17 -38.84 -19.53 -12.47
C LYS C 17 -37.53 -20.18 -12.84
N TRP C 18 -36.81 -19.62 -13.81
CA TRP C 18 -35.47 -20.10 -14.11
C TRP C 18 -34.46 -19.67 -13.05
N LEU C 19 -34.81 -18.69 -12.24
CA LEU C 19 -33.98 -18.31 -11.10
C LEU C 19 -33.99 -19.34 -10.00
N HIS C 20 -34.63 -20.49 -10.23
CA HIS C 20 -34.53 -21.65 -9.34
C HIS C 20 -33.16 -22.31 -9.39
N ASP C 21 -32.23 -21.78 -10.17
CA ASP C 21 -30.85 -22.23 -10.16
C ASP C 21 -30.07 -21.57 -9.03
N ARG C 22 -30.11 -20.24 -8.96
CA ARG C 22 -29.56 -19.48 -7.84
C ARG C 22 -30.71 -18.73 -7.18
N LEU C 23 -31.02 -19.12 -5.95
CA LEU C 23 -32.13 -18.60 -5.17
C LEU C 23 -32.09 -17.09 -4.99
N PRO C 24 -30.94 -16.44 -5.19
CA PRO C 24 -30.68 -15.13 -4.55
C PRO C 24 -31.88 -14.22 -4.32
N ILE C 25 -32.71 -13.97 -5.33
CA ILE C 25 -33.81 -13.04 -5.14
C ILE C 25 -34.76 -13.56 -4.08
N VAL C 26 -34.89 -14.88 -3.95
CA VAL C 26 -35.71 -15.45 -2.89
C VAL C 26 -35.23 -14.94 -1.54
N GLY C 27 -33.93 -15.01 -1.30
CA GLY C 27 -33.37 -14.53 -0.04
C GLY C 27 -33.75 -13.10 0.21
N LEU C 28 -33.33 -12.21 -0.70
CA LEU C 28 -33.62 -10.79 -0.56
C LEU C 28 -35.09 -10.57 -0.21
N VAL C 29 -35.99 -10.97 -1.10
CA VAL C 29 -37.41 -10.68 -0.91
C VAL C 29 -37.89 -11.28 0.41
N TYR C 30 -37.84 -12.60 0.51
CA TYR C 30 -38.47 -13.27 1.65
C TYR C 30 -37.94 -12.78 2.98
N ASP C 31 -36.67 -12.39 3.05
CA ASP C 31 -36.04 -12.20 4.35
C ASP C 31 -35.58 -10.76 4.60
N THR C 32 -34.78 -10.20 3.71
CA THR C 32 -34.03 -8.99 4.03
C THR C 32 -34.73 -7.72 3.58
N ILE C 33 -35.96 -7.83 3.08
CA ILE C 33 -36.71 -6.66 2.65
C ILE C 33 -38.07 -6.66 3.31
N MET C 34 -38.78 -7.77 3.20
CA MET C 34 -40.09 -7.92 3.83
C MET C 34 -39.96 -8.65 5.16
N ILE C 35 -39.14 -8.07 6.05
CA ILE C 35 -38.94 -8.58 7.40
C ILE C 35 -39.92 -7.86 8.31
N PRO C 36 -40.96 -8.52 8.81
CA PRO C 36 -41.91 -7.84 9.70
C PRO C 36 -41.27 -7.15 10.88
N THR C 37 -41.39 -5.82 10.92
CA THR C 37 -40.92 -5.04 12.04
C THR C 37 -42.08 -4.32 12.72
N PRO C 38 -42.05 -4.20 14.05
CA PRO C 38 -43.18 -3.58 14.75
C PRO C 38 -43.45 -2.17 14.28
N LYS C 39 -44.60 -1.65 14.72
CA LYS C 39 -44.99 -0.28 14.43
C LYS C 39 -44.45 0.71 15.46
N ASN C 40 -44.04 0.23 16.62
CA ASN C 40 -43.73 1.08 17.77
C ASN C 40 -42.32 1.65 17.73
N LEU C 41 -41.70 1.74 16.56
CA LEU C 41 -40.30 2.14 16.46
C LEU C 41 -40.17 3.65 16.48
N ASN C 42 -39.35 4.15 17.40
CA ASN C 42 -38.99 5.56 17.46
C ASN C 42 -37.84 5.83 16.51
N TRP C 43 -37.23 7.01 16.65
CA TRP C 43 -36.16 7.45 15.80
C TRP C 43 -34.79 6.95 16.24
N TRP C 44 -34.74 6.05 17.22
CA TRP C 44 -33.48 5.49 17.67
C TRP C 44 -33.09 4.22 16.93
N TRP C 45 -33.99 3.67 16.11
CA TRP C 45 -33.72 2.45 15.35
C TRP C 45 -33.27 2.73 13.94
N ILE C 46 -32.60 3.85 13.71
CA ILE C 46 -32.14 4.22 12.38
C ILE C 46 -30.62 4.06 12.29
N TRP C 47 -29.94 4.21 13.42
CA TRP C 47 -28.49 4.36 13.40
C TRP C 47 -27.77 3.16 12.82
N GLY C 48 -28.43 2.01 12.69
CA GLY C 48 -27.79 0.89 12.01
C GLY C 48 -27.62 1.14 10.54
N ILE C 49 -28.64 1.72 9.91
CA ILE C 49 -28.50 2.13 8.50
C ILE C 49 -27.40 3.15 8.37
N VAL C 50 -27.34 4.09 9.32
CA VAL C 50 -26.27 5.09 9.32
C VAL C 50 -24.91 4.41 9.37
N LEU C 51 -24.77 3.40 10.23
CA LEU C 51 -23.49 2.73 10.37
C LEU C 51 -23.12 1.99 9.09
N ALA C 52 -24.07 1.28 8.49
CA ALA C 52 -23.78 0.57 7.26
C ALA C 52 -23.34 1.53 6.16
N PHE C 53 -24.07 2.63 6.00
CA PHE C 53 -23.71 3.60 4.97
C PHE C 53 -22.34 4.21 5.25
N THR C 54 -22.08 4.56 6.50
CA THR C 54 -20.80 5.13 6.86
C THR C 54 -19.66 4.17 6.58
N LEU C 55 -19.87 2.88 6.85
CA LEU C 55 -18.86 1.88 6.57
C LEU C 55 -18.57 1.80 5.08
N VAL C 56 -19.63 1.74 4.27
CA VAL C 56 -19.43 1.75 2.83
C VAL C 56 -18.66 2.99 2.39
N LEU C 57 -19.03 4.14 2.94
CA LEU C 57 -18.37 5.39 2.59
C LEU C 57 -16.88 5.34 2.90
N GLN C 58 -16.56 4.89 4.10
CA GLN C 58 -15.15 4.82 4.50
C GLN C 58 -14.38 3.87 3.62
N ILE C 59 -14.95 2.69 3.34
CA ILE C 59 -14.26 1.72 2.50
C ILE C 59 -13.97 2.31 1.14
N VAL C 60 -14.96 2.98 0.55
CA VAL C 60 -14.80 3.54 -0.78
C VAL C 60 -13.73 4.62 -0.78
N THR C 61 -13.88 5.61 0.09
CA THR C 61 -12.91 6.70 0.14
C THR C 61 -11.51 6.17 0.41
N GLY C 62 -11.37 5.14 1.22
CA GLY C 62 -10.06 4.58 1.49
C GLY C 62 -9.47 3.91 0.27
N ILE C 63 -10.27 3.11 -0.42
CA ILE C 63 -9.79 2.48 -1.66
C ILE C 63 -9.34 3.55 -2.64
N VAL C 64 -9.95 4.72 -2.59
CA VAL C 64 -9.51 5.80 -3.47
C VAL C 64 -8.19 6.39 -2.99
N LEU C 65 -8.10 6.70 -1.70
CA LEU C 65 -6.88 7.32 -1.18
C LEU C 65 -5.67 6.42 -1.42
N ALA C 66 -5.81 5.12 -1.17
CA ALA C 66 -4.70 4.21 -1.33
C ALA C 66 -4.09 4.26 -2.72
N MET C 67 -4.79 4.86 -3.69
CA MET C 67 -4.21 5.07 -5.01
C MET C 67 -3.23 6.21 -5.05
N HIS C 68 -3.08 6.96 -3.96
CA HIS C 68 -2.15 8.07 -3.90
C HIS C 68 -1.33 8.10 -2.64
N TYR C 69 -1.68 7.34 -1.61
CA TYR C 69 -0.89 7.28 -0.39
C TYR C 69 0.26 6.29 -0.56
N THR C 70 1.43 6.70 -0.11
CA THR C 70 2.64 5.89 -0.21
C THR C 70 3.12 5.55 1.18
N PRO C 71 3.01 4.31 1.64
CA PRO C 71 3.44 4.00 3.01
C PRO C 71 4.94 3.99 3.16
N HIS C 72 5.48 5.07 3.71
CA HIS C 72 6.90 5.21 3.98
C HIS C 72 7.08 6.51 4.75
N VAL C 73 8.07 6.51 5.63
CA VAL C 73 8.29 7.67 6.50
C VAL C 73 8.64 8.90 5.69
N ASP C 74 9.28 8.71 4.54
CA ASP C 74 9.79 9.81 3.74
C ASP C 74 8.81 10.29 2.69
N LEU C 75 7.69 9.60 2.49
CA LEU C 75 6.78 9.95 1.40
C LEU C 75 5.31 9.87 1.79
N ALA C 76 4.98 9.78 3.07
CA ALA C 76 3.57 9.73 3.47
C ALA C 76 2.96 11.13 3.52
N PHE C 77 3.55 12.01 4.32
CA PHE C 77 3.13 13.41 4.38
C PHE C 77 3.04 14.02 2.98
N ALA C 78 4.09 13.81 2.18
CA ALA C 78 4.11 14.37 0.83
C ALA C 78 2.96 13.83 -0.01
N SER C 79 2.64 12.54 0.16
CA SER C 79 1.55 11.95 -0.61
C SER C 79 0.21 12.51 -0.17
N VAL C 80 0.06 12.74 1.14
CA VAL C 80 -1.17 13.33 1.65
C VAL C 80 -1.37 14.72 1.08
N GLU C 81 -0.29 15.48 0.94
CA GLU C 81 -0.41 16.81 0.35
C GLU C 81 -0.66 16.73 -1.15
N HIS C 82 0.01 15.79 -1.82
CA HIS C 82 -0.32 15.51 -3.22
C HIS C 82 -1.82 15.29 -3.37
N ILE C 83 -2.41 14.56 -2.44
CA ILE C 83 -3.86 14.35 -2.46
C ILE C 83 -4.60 15.66 -2.30
N MET C 84 -4.36 16.36 -1.19
CA MET C 84 -5.14 17.55 -0.88
C MET C 84 -4.93 18.69 -1.87
N ARG C 85 -3.92 18.61 -2.74
CA ARG C 85 -3.66 19.70 -3.68
C ARG C 85 -3.90 19.31 -5.12
N ASP C 86 -3.24 18.27 -5.61
CA ASP C 86 -3.24 17.97 -7.04
C ASP C 86 -4.47 17.19 -7.45
N VAL C 87 -4.75 16.09 -6.75
CA VAL C 87 -5.81 15.17 -7.11
C VAL C 87 -7.15 15.90 -7.24
N ASN C 88 -8.00 15.40 -8.13
CA ASN C 88 -9.32 15.99 -8.36
C ASN C 88 -10.31 15.37 -7.39
N GLY C 89 -10.45 16.00 -6.24
CA GLY C 89 -11.42 15.61 -5.23
C GLY C 89 -10.78 15.50 -3.86
N GLY C 90 -9.60 14.89 -3.80
CA GLY C 90 -8.63 15.20 -2.77
C GLY C 90 -9.19 15.45 -1.39
N TRP C 91 -9.10 16.73 -1.02
CA TRP C 91 -9.62 17.25 0.23
C TRP C 91 -10.94 16.59 0.58
N ALA C 92 -11.82 16.44 -0.42
CA ALA C 92 -13.11 15.83 -0.16
C ALA C 92 -12.93 14.43 0.39
N MET C 93 -12.19 13.58 -0.31
CA MET C 93 -12.01 12.21 0.14
C MET C 93 -11.39 12.17 1.53
N ARG C 94 -10.34 12.96 1.74
CA ARG C 94 -9.63 12.90 3.02
C ARG C 94 -10.52 13.35 4.18
N TYR C 95 -11.19 14.50 4.03
CA TYR C 95 -12.08 15.09 5.05
C TYR C 95 -13.24 14.12 5.27
N ILE C 96 -13.82 13.60 4.17
CA ILE C 96 -14.92 12.60 4.32
C ILE C 96 -14.34 11.36 5.00
N HIS C 97 -13.11 10.95 4.65
CA HIS C 97 -12.64 9.74 5.37
C HIS C 97 -12.43 9.99 6.87
N ALA C 98 -11.63 11.01 7.18
CA ALA C 98 -11.26 11.39 8.56
C ALA C 98 -12.48 11.67 9.47
N ASN C 99 -13.42 12.53 9.03
CA ASN C 99 -14.60 12.96 9.83
C ASN C 99 -15.61 11.80 9.97
N GLY C 100 -15.89 11.06 8.86
CA GLY C 100 -16.77 9.90 8.80
C GLY C 100 -16.40 8.87 9.84
N ALA C 101 -15.12 8.74 10.15
CA ALA C 101 -14.75 7.94 11.31
C ALA C 101 -15.39 8.50 12.57
N SER C 102 -15.36 9.82 12.71
CA SER C 102 -15.99 10.44 13.87
C SER C 102 -17.48 10.10 13.94
N LEU C 103 -18.18 10.29 12.81
CA LEU C 103 -19.59 9.97 12.75
C LEU C 103 -19.86 8.50 13.04
N PHE C 104 -19.03 7.63 12.47
CA PHE C 104 -19.10 6.20 12.71
C PHE C 104 -19.14 5.91 14.20
N PHE C 105 -18.19 6.47 14.94
CA PHE C 105 -18.12 6.16 16.37
C PHE C 105 -19.24 6.81 17.16
N LEU C 106 -19.60 8.02 16.78
CA LEU C 106 -20.74 8.78 17.38
C LEU C 106 -22.00 7.93 17.25
N ALA C 107 -22.25 7.41 16.05
CA ALA C 107 -23.42 6.59 15.66
C ALA C 107 -23.41 5.26 16.41
N VAL C 108 -22.23 4.61 16.57
CA VAL C 108 -22.16 3.33 17.32
C VAL C 108 -22.50 3.61 18.79
N TYR C 109 -22.09 4.77 19.33
CA TYR C 109 -22.34 5.18 20.75
C TYR C 109 -23.86 5.23 21.00
N ILE C 110 -24.61 5.89 20.12
CA ILE C 110 -26.06 5.99 20.17
C ILE C 110 -26.70 4.64 19.87
N HIS C 111 -26.12 3.87 18.95
CA HIS C 111 -26.55 2.51 18.69
C HIS C 111 -26.42 1.64 19.94
N ILE C 112 -25.35 1.83 20.71
CA ILE C 112 -25.09 0.99 21.87
C ILE C 112 -25.96 1.43 23.05
N PHE C 113 -25.96 2.73 23.36
CA PHE C 113 -26.77 3.23 24.46
C PHE C 113 -28.26 3.06 24.20
N ARG C 114 -28.70 3.05 22.94
CA ARG C 114 -30.14 2.77 22.67
C ARG C 114 -30.40 1.38 23.23
N GLY C 115 -29.49 0.46 22.92
CA GLY C 115 -29.53 -0.96 23.32
C GLY C 115 -29.60 -1.18 24.81
N LEU C 116 -28.73 -0.53 25.57
CA LEU C 116 -28.70 -0.65 27.03
C LEU C 116 -30.03 -0.24 27.65
N TYR C 117 -30.69 0.75 27.07
CA TYR C 117 -31.99 1.16 27.59
C TYR C 117 -33.05 0.11 27.34
N TYR C 118 -33.32 -0.18 26.06
CA TYR C 118 -34.41 -1.07 25.70
C TYR C 118 -33.99 -2.53 25.70
N GLY C 119 -33.28 -2.96 26.74
CA GLY C 119 -32.98 -4.35 26.96
C GLY C 119 -32.63 -5.18 25.74
N SER C 120 -31.92 -4.59 24.78
CA SER C 120 -31.55 -5.32 23.58
C SER C 120 -30.46 -6.34 23.83
N TYR C 121 -29.74 -6.22 24.94
CA TYR C 121 -28.79 -7.24 25.34
C TYR C 121 -29.46 -8.39 26.08
N LYS C 122 -30.60 -8.14 26.70
CA LYS C 122 -31.33 -9.20 27.37
C LYS C 122 -31.64 -10.33 26.41
N ALA C 123 -31.82 -11.53 26.97
CA ALA C 123 -32.19 -12.66 26.15
C ALA C 123 -33.45 -12.34 25.36
N PRO C 124 -33.63 -12.95 24.18
CA PRO C 124 -32.76 -13.90 23.50
C PRO C 124 -31.84 -13.26 22.47
N ARG C 125 -31.15 -12.19 22.84
CA ARG C 125 -30.36 -11.39 21.92
C ARG C 125 -28.93 -11.23 22.42
N GLU C 126 -28.32 -12.35 22.80
CA GLU C 126 -26.95 -12.32 23.30
C GLU C 126 -25.94 -12.28 22.16
N ILE C 127 -26.17 -13.09 21.12
CA ILE C 127 -25.22 -13.22 20.04
C ILE C 127 -24.98 -11.87 19.36
N THR C 128 -26.05 -11.12 19.14
CA THR C 128 -25.91 -9.79 18.55
C THR C 128 -24.98 -8.93 19.40
N TRP C 129 -25.15 -8.98 20.72
CA TRP C 129 -24.33 -8.18 21.61
C TRP C 129 -22.86 -8.60 21.51
N ILE C 130 -22.60 -9.90 21.56
CA ILE C 130 -21.23 -10.39 21.46
C ILE C 130 -20.59 -9.90 20.15
N VAL C 131 -21.30 -10.11 19.05
CA VAL C 131 -20.77 -9.72 17.75
C VAL C 131 -20.52 -8.21 17.71
N GLY C 132 -21.40 -7.44 18.34
CA GLY C 132 -21.22 -6.00 18.33
C GLY C 132 -20.00 -5.56 19.08
N MET C 133 -19.73 -6.19 20.22
CA MET C 133 -18.52 -5.85 20.96
C MET C 133 -17.28 -6.24 20.18
N VAL C 134 -17.31 -7.42 19.56
CA VAL C 134 -16.19 -7.82 18.69
C VAL C 134 -15.94 -6.76 17.63
N ILE C 135 -17.01 -6.33 16.97
CA ILE C 135 -16.87 -5.29 15.95
C ILE C 135 -16.24 -4.04 16.55
N TYR C 136 -16.88 -3.47 17.58
CA TYR C 136 -16.34 -2.31 18.26
C TYR C 136 -14.83 -2.42 18.44
N LEU C 137 -14.36 -3.58 18.92
CA LEU C 137 -12.92 -3.77 19.08
C LEU C 137 -12.20 -3.63 17.75
N LEU C 138 -12.69 -4.32 16.72
CA LEU C 138 -12.02 -4.29 15.43
C LEU C 138 -11.92 -2.87 14.89
N MET C 139 -13.02 -2.11 14.99
CA MET C 139 -13.05 -0.77 14.43
C MET C 139 -12.22 0.21 15.24
N MET C 140 -12.14 0.04 16.57
CA MET C 140 -11.20 0.82 17.35
C MET C 140 -9.77 0.58 16.86
N GLY C 141 -9.37 -0.69 16.78
CA GLY C 141 -8.05 -0.99 16.29
C GLY C 141 -7.79 -0.44 14.90
N THR C 142 -8.81 -0.49 14.04
CA THR C 142 -8.69 0.05 12.70
C THR C 142 -8.40 1.55 12.75
N ALA C 143 -9.29 2.32 13.37
CA ALA C 143 -9.10 3.75 13.47
C ALA C 143 -7.73 4.09 14.04
N PHE C 144 -7.26 3.30 15.00
CA PHE C 144 -5.93 3.54 15.56
C PHE C 144 -4.86 3.35 14.51
N MET C 145 -4.86 2.20 13.85
CA MET C 145 -3.90 1.96 12.77
C MET C 145 -3.95 3.06 11.72
N GLY C 146 -5.10 3.69 11.55
CA GLY C 146 -5.27 4.66 10.48
C GLY C 146 -4.78 6.05 10.84
N TYR C 147 -5.03 6.47 12.08
CA TYR C 147 -4.53 7.77 12.52
C TYR C 147 -3.02 7.85 12.39
N VAL C 148 -2.34 6.73 12.23
CA VAL C 148 -0.89 6.73 12.16
C VAL C 148 -0.39 7.04 10.77
N LEU C 149 -1.15 6.69 9.73
CA LEU C 149 -0.62 6.71 8.37
C LEU C 149 -0.10 8.06 7.92
N PRO C 150 -0.72 9.20 8.27
CA PRO C 150 -0.20 10.49 7.80
C PRO C 150 1.20 10.80 8.29
N TRP C 151 1.73 10.02 9.22
CA TRP C 151 3.06 10.26 9.78
C TRP C 151 3.23 11.71 10.20
N GLY C 152 2.21 12.25 10.85
CA GLY C 152 2.33 13.57 11.44
C GLY C 152 3.12 13.49 12.72
N GLN C 153 2.75 14.31 13.69
CA GLN C 153 3.40 14.29 14.99
C GLN C 153 2.59 13.52 16.03
N MET C 154 1.27 13.66 16.00
CA MET C 154 0.44 12.94 16.95
C MET C 154 0.41 11.45 16.66
N SER C 155 0.42 11.11 15.37
CA SER C 155 0.56 9.71 14.95
C SER C 155 1.64 8.99 15.74
N PHE C 156 2.87 9.49 15.63
CA PHE C 156 4.02 8.84 16.23
C PHE C 156 3.79 8.55 17.71
N TRP C 157 3.39 9.57 18.47
CA TRP C 157 3.36 9.44 19.92
C TRP C 157 2.15 8.65 20.39
N GLY C 158 1.00 8.83 19.75
CA GLY C 158 -0.12 7.95 20.03
C GLY C 158 0.24 6.49 19.84
N ALA C 159 0.89 6.17 18.72
CA ALA C 159 1.36 4.81 18.51
C ALA C 159 2.30 4.39 19.62
N THR C 160 3.26 5.25 19.95
CA THR C 160 4.24 4.95 20.98
C THR C 160 3.57 4.49 22.27
N VAL C 161 2.61 5.27 22.77
CA VAL C 161 2.02 4.97 24.07
C VAL C 161 1.08 3.77 23.97
N ILE C 162 0.25 3.73 22.93
CA ILE C 162 -0.76 2.68 22.83
C ILE C 162 -0.11 1.39 22.39
N THR C 163 1.21 1.40 22.19
CA THR C 163 1.99 0.18 22.07
C THR C 163 2.80 -0.12 23.31
N GLY C 164 3.23 0.91 24.05
CA GLY C 164 3.84 0.67 25.34
C GLY C 164 2.90 -0.01 26.30
N LEU C 165 1.59 0.18 26.11
CA LEU C 165 0.61 -0.58 26.89
C LEU C 165 0.93 -2.07 26.86
N PHE C 166 0.95 -2.66 25.66
CA PHE C 166 1.23 -4.07 25.53
C PHE C 166 2.54 -4.46 26.21
N GLY C 167 3.47 -3.53 26.32
CA GLY C 167 4.73 -3.79 26.97
C GLY C 167 4.71 -3.66 28.47
N ALA C 168 3.68 -3.01 29.00
CA ALA C 168 3.56 -2.88 30.45
C ALA C 168 3.55 -4.24 31.13
N ILE C 169 2.72 -5.15 30.64
CA ILE C 169 2.54 -6.45 31.27
C ILE C 169 3.88 -7.14 31.42
N PRO C 170 4.03 -8.08 32.36
CA PRO C 170 5.35 -8.67 32.62
C PRO C 170 5.58 -9.95 31.83
N GLY C 171 6.84 -10.29 31.61
CA GLY C 171 7.19 -11.55 30.95
C GLY C 171 7.04 -11.57 29.45
N ILE C 172 5.89 -11.12 28.94
CA ILE C 172 5.60 -11.21 27.51
C ILE C 172 5.20 -9.85 26.98
N GLY C 173 5.67 -8.79 27.62
CA GLY C 173 5.33 -7.45 27.21
C GLY C 173 6.25 -6.93 26.14
N PRO C 174 7.56 -6.91 26.43
CA PRO C 174 8.51 -6.41 25.43
C PRO C 174 8.52 -7.25 24.16
N SER C 175 8.36 -8.56 24.28
CA SER C 175 8.33 -9.41 23.10
C SER C 175 7.17 -9.03 22.19
N ILE C 176 5.97 -8.90 22.76
CA ILE C 176 4.81 -8.51 21.98
C ILE C 176 5.01 -7.11 21.39
N GLN C 177 5.54 -6.20 22.19
CA GLN C 177 5.80 -4.84 21.71
C GLN C 177 6.67 -4.87 20.47
N ALA C 178 7.78 -5.61 20.53
CA ALA C 178 8.71 -5.66 19.39
C ALA C 178 8.07 -6.38 18.21
N TRP C 179 7.30 -7.43 18.46
CA TRP C 179 6.66 -8.17 17.39
C TRP C 179 5.57 -7.35 16.72
N LEU C 180 5.03 -6.36 17.40
CA LEU C 180 3.98 -5.52 16.86
C LEU C 180 4.54 -4.30 16.13
N LEU C 181 5.57 -3.68 16.69
CA LEU C 181 6.19 -2.51 16.07
C LEU C 181 7.15 -2.88 14.96
N GLY C 182 7.45 -4.17 14.78
CA GLY C 182 8.48 -4.57 13.86
C GLY C 182 9.88 -4.28 14.33
N GLY C 183 10.04 -3.79 15.56
CA GLY C 183 11.33 -3.46 16.09
C GLY C 183 11.22 -2.87 17.49
N PRO C 184 12.33 -2.37 18.02
CA PRO C 184 12.29 -1.77 19.36
C PRO C 184 11.37 -0.57 19.44
N ALA C 185 11.43 0.31 18.43
CA ALA C 185 10.59 1.49 18.42
C ALA C 185 9.88 1.64 17.09
N VAL C 186 9.21 2.77 16.89
CA VAL C 186 8.37 2.98 15.73
C VAL C 186 9.21 3.42 14.55
N ASP C 187 8.87 2.90 13.37
CA ASP C 187 9.57 3.22 12.13
C ASP C 187 8.73 2.69 10.97
N ASN C 188 9.30 2.68 9.77
CA ASN C 188 8.52 2.37 8.57
C ASN C 188 7.85 1.00 8.66
N ALA C 189 8.48 0.05 9.33
CA ALA C 189 7.91 -1.30 9.43
C ALA C 189 6.53 -1.24 10.07
N THR C 190 6.42 -0.53 11.19
CA THR C 190 5.14 -0.29 11.82
C THR C 190 4.15 0.31 10.83
N LEU C 191 4.63 1.24 10.01
CA LEU C 191 3.76 1.91 9.05
C LEU C 191 3.19 0.93 8.05
N ASN C 192 4.04 0.05 7.51
CA ASN C 192 3.57 -0.94 6.55
C ASN C 192 2.56 -1.89 7.19
N ARG C 193 2.88 -2.43 8.36
CA ARG C 193 1.94 -3.27 9.07
C ARG C 193 0.59 -2.59 9.19
N PHE C 194 0.61 -1.34 9.66
CA PHE C 194 -0.63 -0.64 9.95
C PHE C 194 -1.41 -0.38 8.68
N PHE C 195 -0.73 0.00 7.61
CA PHE C 195 -1.43 0.22 6.35
C PHE C 195 -2.12 -1.04 5.87
N SER C 196 -1.40 -2.15 5.86
CA SER C 196 -1.98 -3.41 5.39
C SER C 196 -3.20 -3.78 6.23
N LEU C 197 -2.90 -3.75 7.52
CA LEU C 197 -3.93 -4.19 8.47
C LEU C 197 -5.15 -3.27 8.31
N HIS C 198 -4.87 -1.96 8.27
CA HIS C 198 -5.91 -0.93 8.12
C HIS C 198 -6.67 -1.09 6.84
N TYR C 199 -6.03 -1.64 5.82
CA TYR C 199 -6.70 -1.85 4.51
C TYR C 199 -7.39 -3.22 4.45
N LEU C 200 -7.27 -4.05 5.49
CA LEU C 200 -7.88 -5.41 5.52
C LEU C 200 -9.04 -5.55 6.52
N LEU C 201 -8.98 -5.00 7.74
CA LEU C 201 -10.03 -5.30 8.71
C LEU C 201 -11.43 -4.91 8.27
N PRO C 202 -11.67 -3.78 7.61
CA PRO C 202 -13.03 -3.43 7.20
C PRO C 202 -13.82 -4.57 6.56
N PHE C 203 -13.16 -5.44 5.82
CA PHE C 203 -13.87 -6.57 5.21
C PHE C 203 -14.30 -7.58 6.26
N VAL C 204 -13.44 -7.85 7.23
CA VAL C 204 -13.83 -8.67 8.37
C VAL C 204 -15.03 -8.05 9.07
N ILE C 205 -15.01 -6.72 9.21
CA ILE C 205 -16.13 -6.02 9.82
C ILE C 205 -17.41 -6.25 9.02
N ALA C 206 -17.31 -6.18 7.70
CA ALA C 206 -18.48 -6.38 6.86
C ALA C 206 -19.05 -7.78 7.05
N ALA C 207 -18.19 -8.79 7.08
CA ALA C 207 -18.65 -10.15 7.31
C ALA C 207 -19.36 -10.25 8.65
N LEU C 208 -18.73 -9.68 9.69
CA LEU C 208 -19.24 -9.68 11.09
C LEU C 208 -20.58 -8.95 11.10
N VAL C 209 -20.73 -7.94 10.26
CA VAL C 209 -21.98 -7.15 10.05
C VAL C 209 -22.97 -8.10 9.38
N ALA C 210 -22.46 -9.02 8.54
CA ALA C 210 -23.24 -10.07 7.85
C ALA C 210 -23.93 -10.92 8.91
N ILE C 211 -23.15 -11.42 9.88
CA ILE C 211 -23.64 -12.21 11.00
C ILE C 211 -24.49 -11.34 11.92
N HIS C 212 -24.08 -10.08 12.10
CA HIS C 212 -24.87 -9.14 12.88
C HIS C 212 -26.27 -9.00 12.30
N ILE C 213 -26.39 -8.93 10.97
CA ILE C 213 -27.68 -8.76 10.34
C ILE C 213 -28.44 -10.09 10.31
N TRP C 214 -27.72 -11.20 10.18
CA TRP C 214 -28.34 -12.55 10.12
C TRP C 214 -29.04 -12.83 11.46
N ALA C 215 -28.35 -12.54 12.57
CA ALA C 215 -28.82 -12.74 13.96
C ALA C 215 -30.16 -12.03 14.23
N PHE C 216 -30.22 -10.69 14.12
CA PHE C 216 -31.43 -9.93 14.45
C PHE C 216 -32.49 -10.02 13.36
N HIS C 217 -32.26 -10.79 12.30
CA HIS C 217 -33.35 -11.18 11.42
C HIS C 217 -33.97 -12.48 11.88
N THR C 218 -33.16 -13.34 12.48
CA THR C 218 -33.63 -14.61 13.02
C THR C 218 -34.27 -14.32 14.37
N THR C 219 -33.73 -13.31 15.05
CA THR C 219 -34.25 -12.87 16.34
C THR C 219 -34.88 -11.50 16.08
N GLY C 220 -36.13 -11.36 16.50
CA GLY C 220 -36.87 -10.14 16.28
C GLY C 220 -36.32 -8.84 16.87
N ASN C 221 -36.37 -7.79 16.06
CA ASN C 221 -35.95 -6.45 16.46
C ASN C 221 -36.61 -5.98 17.76
N ASN C 222 -35.83 -5.37 18.61
CA ASN C 222 -36.19 -5.19 20.01
C ASN C 222 -37.48 -4.53 20.42
N ASN C 223 -37.84 -3.39 19.80
CA ASN C 223 -39.11 -2.62 20.02
C ASN C 223 -39.04 -1.76 21.33
N PRO C 224 -39.74 -0.60 21.38
CA PRO C 224 -39.69 0.15 22.64
C PRO C 224 -40.22 -0.63 23.85
N THR C 225 -41.06 -1.64 23.62
CA THR C 225 -41.63 -2.44 24.71
C THR C 225 -41.02 -3.83 24.94
N GLY C 226 -41.21 -4.31 26.17
CA GLY C 226 -40.80 -5.59 26.67
C GLY C 226 -41.65 -6.70 26.11
N VAL C 227 -41.98 -6.59 24.83
CA VAL C 227 -42.94 -7.48 24.18
C VAL C 227 -42.41 -7.90 22.82
N GLU C 228 -42.91 -9.02 22.34
CA GLU C 228 -42.55 -9.59 21.06
C GLU C 228 -43.71 -9.44 20.09
N VAL C 229 -43.50 -9.93 18.87
CA VAL C 229 -44.42 -9.65 17.77
C VAL C 229 -45.63 -10.58 17.81
N ARG C 230 -45.73 -11.39 18.87
CA ARG C 230 -46.92 -12.21 19.11
C ARG C 230 -47.18 -13.13 17.92
N ARG C 231 -46.23 -14.04 17.67
CA ARG C 231 -46.31 -14.95 16.53
C ARG C 231 -47.27 -16.08 16.85
N THR C 232 -48.41 -16.10 16.18
CA THR C 232 -49.41 -17.15 16.37
C THR C 232 -50.68 -16.84 15.59
N ALA C 237 -53.48 -12.81 11.74
CA ALA C 237 -52.15 -13.28 12.09
C ALA C 237 -51.16 -12.13 12.16
N GLU C 238 -50.94 -11.61 13.37
CA GLU C 238 -49.99 -10.53 13.59
C GLU C 238 -50.36 -9.30 12.77
N LYS C 239 -51.51 -8.73 13.09
CA LYS C 239 -51.91 -7.46 12.48
C LYS C 239 -50.85 -6.40 12.71
N ASP C 240 -50.15 -6.46 13.84
CA ASP C 240 -48.98 -5.62 14.07
C ASP C 240 -47.86 -6.06 13.14
N THR C 241 -46.69 -5.44 13.30
CA THR C 241 -45.50 -5.81 12.55
C THR C 241 -45.68 -5.59 11.04
N LEU C 242 -45.81 -4.32 10.69
CA LEU C 242 -45.66 -3.94 9.30
C LEU C 242 -44.30 -4.40 8.78
N PRO C 243 -44.13 -4.45 7.47
CA PRO C 243 -42.86 -4.88 6.89
C PRO C 243 -41.82 -3.76 6.90
N PHE C 244 -40.61 -4.11 6.50
CA PHE C 244 -39.52 -3.15 6.43
C PHE C 244 -39.69 -2.22 5.23
N TRP C 245 -39.70 -2.80 4.04
CA TRP C 245 -39.91 -2.04 2.83
C TRP C 245 -41.40 -1.82 2.60
N PRO C 246 -41.82 -0.59 2.23
CA PRO C 246 -41.05 0.62 2.02
C PRO C 246 -40.99 1.53 3.25
N TYR C 247 -41.79 1.23 4.26
CA TYR C 247 -42.04 2.15 5.36
C TYR C 247 -40.76 2.53 6.11
N PHE C 248 -40.14 1.54 6.75
CA PHE C 248 -38.99 1.85 7.58
C PHE C 248 -37.77 2.17 6.74
N VAL C 249 -37.68 1.58 5.54
CA VAL C 249 -36.63 1.98 4.60
C VAL C 249 -36.68 3.48 4.38
N ILE C 250 -37.86 4.01 4.10
CA ILE C 250 -37.98 5.43 3.78
C ILE C 250 -37.72 6.27 5.01
N LYS C 251 -38.21 5.84 6.17
CA LYS C 251 -37.94 6.59 7.40
C LYS C 251 -36.44 6.69 7.65
N ASP C 252 -35.75 5.55 7.58
CA ASP C 252 -34.31 5.54 7.81
C ASP C 252 -33.58 6.39 6.77
N LEU C 253 -34.00 6.32 5.51
CA LEU C 253 -33.36 7.12 4.48
C LEU C 253 -33.55 8.61 4.71
N PHE C 254 -34.72 9.01 5.22
CA PHE C 254 -34.94 10.41 5.56
C PHE C 254 -33.97 10.86 6.64
N ALA C 255 -33.90 10.10 7.73
CA ALA C 255 -32.96 10.45 8.79
C ALA C 255 -31.54 10.46 8.27
N LEU C 256 -31.20 9.54 7.39
CA LEU C 256 -29.86 9.45 6.84
C LEU C 256 -29.54 10.65 5.97
N ALA C 257 -30.52 11.12 5.21
CA ALA C 257 -30.31 12.33 4.42
C ALA C 257 -30.02 13.52 5.33
N LEU C 258 -30.77 13.65 6.41
CA LEU C 258 -30.50 14.73 7.35
C LEU C 258 -29.08 14.62 7.91
N VAL C 259 -28.69 13.41 8.29
CA VAL C 259 -27.38 13.22 8.91
C VAL C 259 -26.27 13.55 7.92
N LEU C 260 -26.40 13.09 6.68
CA LEU C 260 -25.41 13.41 5.67
C LEU C 260 -25.37 14.90 5.38
N LEU C 261 -26.52 15.56 5.43
CA LEU C 261 -26.54 17.01 5.27
C LEU C 261 -25.68 17.69 6.30
N GLY C 262 -25.91 17.37 7.58
CA GLY C 262 -25.07 17.93 8.63
C GLY C 262 -23.61 17.56 8.46
N PHE C 263 -23.34 16.33 8.07
CA PHE C 263 -21.97 15.85 7.92
C PHE C 263 -21.23 16.61 6.84
N PHE C 264 -21.89 16.87 5.70
CA PHE C 264 -21.23 17.61 4.63
C PHE C 264 -21.10 19.08 4.97
N ALA C 265 -22.08 19.65 5.68
CA ALA C 265 -21.89 21.00 6.19
C ALA C 265 -20.63 21.09 7.03
N VAL C 266 -20.43 20.12 7.92
CA VAL C 266 -19.20 20.06 8.70
C VAL C 266 -17.99 19.98 7.77
N VAL C 267 -17.95 18.96 6.91
CA VAL C 267 -16.84 18.74 6.01
C VAL C 267 -16.46 20.01 5.27
N ALA C 268 -17.44 20.85 4.95
CA ALA C 268 -17.19 22.00 4.12
C ALA C 268 -16.96 23.29 4.91
N TYR C 269 -17.30 23.33 6.20
CA TYR C 269 -17.13 24.55 6.97
C TYR C 269 -16.32 24.32 8.24
N MET C 270 -16.45 23.14 8.85
CA MET C 270 -15.78 22.84 10.11
C MET C 270 -15.03 21.51 10.03
N PRO C 271 -14.16 21.34 9.04
CA PRO C 271 -13.52 20.04 8.82
C PRO C 271 -12.35 19.76 9.75
N ASN C 272 -11.55 20.78 10.05
CA ASN C 272 -10.39 20.64 10.92
C ASN C 272 -10.73 20.84 12.39
N TYR C 273 -12.02 20.79 12.73
CA TYR C 273 -12.44 21.07 14.10
C TYR C 273 -12.18 19.89 15.02
N LEU C 274 -12.54 18.68 14.59
CA LEU C 274 -12.36 17.49 15.39
C LEU C 274 -10.93 16.99 15.40
N GLY C 275 -10.03 17.63 14.65
CA GLY C 275 -8.68 17.16 14.51
C GLY C 275 -7.71 17.84 15.46
N HIS C 276 -6.47 17.38 15.41
CA HIS C 276 -5.40 17.94 16.21
C HIS C 276 -4.43 18.66 15.29
N PRO C 277 -4.27 19.98 15.41
CA PRO C 277 -3.36 20.69 14.50
C PRO C 277 -1.97 20.11 14.45
N ASP C 278 -1.47 19.60 15.58
CA ASP C 278 -0.10 19.08 15.61
C ASP C 278 0.11 17.95 14.62
N ASN C 279 -0.95 17.36 14.09
CA ASN C 279 -0.82 16.32 13.07
C ASN C 279 -0.56 16.89 11.69
N TYR C 280 -0.34 18.19 11.59
CA TYR C 280 0.01 18.84 10.33
C TYR C 280 1.49 19.25 10.29
N VAL C 281 2.25 18.88 11.32
CA VAL C 281 3.70 19.08 11.33
C VAL C 281 4.35 17.71 11.29
N GLN C 282 5.41 17.59 10.49
CA GLN C 282 6.07 16.31 10.35
C GLN C 282 6.58 15.82 11.70
N ALA C 283 6.97 14.55 11.73
CA ALA C 283 7.32 13.90 12.98
C ALA C 283 8.76 14.19 13.37
N ASN C 284 8.96 14.31 14.68
CA ASN C 284 10.30 14.42 15.26
C ASN C 284 10.38 13.43 16.41
N PRO C 285 11.06 12.30 16.25
CA PRO C 285 11.21 11.37 17.37
C PRO C 285 11.97 11.96 18.54
N LEU C 286 12.51 13.17 18.38
CA LEU C 286 13.33 13.81 19.39
C LEU C 286 12.59 14.87 20.18
N SER C 287 11.36 15.20 19.80
CA SER C 287 10.61 16.26 20.47
C SER C 287 9.16 15.85 20.58
N THR C 288 8.62 15.96 21.78
CA THR C 288 7.23 15.62 22.02
C THR C 288 6.42 16.89 22.26
N PRO C 289 5.25 17.02 21.63
CA PRO C 289 4.41 18.19 21.87
C PRO C 289 3.65 18.07 23.18
N ALA C 290 3.00 19.16 23.56
CA ALA C 290 2.20 19.19 24.77
C ALA C 290 0.77 18.73 24.47
N HIS C 291 0.21 17.97 25.40
CA HIS C 291 -1.17 17.51 25.30
C HIS C 291 -1.38 16.68 24.03
N ILE C 292 -0.76 15.50 24.02
CA ILE C 292 -0.91 14.59 22.90
C ILE C 292 -2.40 14.35 22.62
N VAL C 293 -3.16 14.02 23.66
CA VAL C 293 -4.62 13.92 23.54
C VAL C 293 -4.96 13.01 22.35
N PRO C 294 -4.82 11.69 22.50
CA PRO C 294 -4.85 10.80 21.32
C PRO C 294 -5.96 11.11 20.33
N GLU C 295 -7.19 11.06 20.79
CA GLU C 295 -8.37 11.31 19.95
C GLU C 295 -9.56 11.52 20.88
N TRP C 296 -10.76 11.53 20.33
CA TRP C 296 -11.96 11.75 21.14
C TRP C 296 -12.81 10.52 21.33
N TYR C 297 -12.58 9.44 20.58
CA TYR C 297 -13.30 8.19 20.78
C TYR C 297 -12.50 7.18 21.60
N PHE C 298 -11.38 7.59 22.17
CA PHE C 298 -10.62 6.75 23.08
C PHE C 298 -10.34 7.42 24.41
N LEU C 299 -10.80 8.65 24.60
CA LEU C 299 -10.56 9.34 25.87
C LEU C 299 -11.13 8.60 27.07
N PRO C 300 -12.33 8.03 27.01
CA PRO C 300 -12.83 7.28 28.17
C PRO C 300 -11.85 6.26 28.70
N PHE C 301 -11.34 5.40 27.82
CA PHE C 301 -10.44 4.35 28.26
C PHE C 301 -9.06 4.89 28.59
N TYR C 302 -8.61 5.91 27.88
CA TYR C 302 -7.37 6.59 28.25
C TYR C 302 -7.45 7.08 29.70
N ALA C 303 -8.59 7.63 30.09
CA ALA C 303 -8.75 8.16 31.43
C ALA C 303 -8.85 7.02 32.45
N ILE C 304 -9.65 6.00 32.15
CA ILE C 304 -9.70 4.84 33.02
C ILE C 304 -8.31 4.26 33.23
N LEU C 305 -7.45 4.41 32.23
CA LEU C 305 -6.08 3.91 32.33
C LEU C 305 -5.24 4.80 33.23
N ARG C 306 -5.15 6.08 32.90
CA ARG C 306 -4.28 7.01 33.62
C ARG C 306 -4.92 7.54 34.89
N ALA C 307 -5.99 6.92 35.38
CA ALA C 307 -6.58 7.31 36.66
C ALA C 307 -5.91 6.60 37.83
N PHE C 308 -5.90 5.27 37.80
CA PHE C 308 -5.28 4.50 38.87
C PHE C 308 -3.78 4.74 38.92
N ALA C 309 -3.33 5.50 39.92
CA ALA C 309 -1.91 5.83 40.04
C ALA C 309 -1.40 5.83 41.47
N ALA C 310 -2.18 5.33 42.43
CA ALA C 310 -1.78 5.35 43.85
C ALA C 310 -1.75 6.77 44.39
N ASP C 311 -2.82 7.53 44.11
CA ASP C 311 -2.90 8.94 44.47
C ASP C 311 -4.28 9.28 45.01
N VAL C 312 -4.85 8.39 45.82
CA VAL C 312 -6.14 8.64 46.46
C VAL C 312 -6.34 7.64 47.58
N TRP C 313 -7.13 8.01 48.59
CA TRP C 313 -7.45 7.08 49.66
C TRP C 313 -8.26 5.89 49.17
N VAL C 314 -8.84 5.97 47.98
CA VAL C 314 -9.54 4.85 47.36
C VAL C 314 -8.60 4.17 46.37
N VAL C 315 -7.30 4.41 46.52
CA VAL C 315 -6.30 3.84 45.62
C VAL C 315 -6.17 2.34 45.93
N ILE C 316 -6.73 1.50 45.04
CA ILE C 316 -6.62 0.07 45.20
C ILE C 316 -5.30 -0.48 44.69
N LEU C 317 -4.42 0.39 44.19
CA LEU C 317 -3.10 -0.07 43.74
C LEU C 317 -2.23 -0.47 44.92
N VAL C 318 -2.30 0.28 46.03
CA VAL C 318 -1.51 -0.06 47.21
C VAL C 318 -1.95 -1.41 47.75
N ASP C 319 -3.20 -1.80 47.53
CA ASP C 319 -3.70 -3.11 47.96
C ASP C 319 -3.37 -4.20 46.95
N GLY C 320 -3.48 -3.91 45.66
CA GLY C 320 -3.09 -4.86 44.64
C GLY C 320 -1.60 -5.15 44.63
N LEU C 321 -0.81 -4.27 45.22
CA LEU C 321 0.62 -4.51 45.37
C LEU C 321 0.92 -5.69 46.28
N THR C 322 -0.09 -6.30 46.91
CA THR C 322 0.11 -7.55 47.65
C THR C 322 0.91 -8.53 46.80
N PHE C 323 0.45 -8.80 45.59
CA PHE C 323 1.23 -9.53 44.61
C PHE C 323 2.22 -8.57 43.95
N GLY C 324 3.50 -8.91 44.01
CA GLY C 324 4.53 -8.02 43.49
C GLY C 324 4.53 -7.85 41.98
N ILE C 325 3.64 -8.55 41.27
CA ILE C 325 3.64 -8.52 39.81
C ILE C 325 2.61 -7.52 39.31
N VAL C 326 1.52 -7.36 40.04
CA VAL C 326 0.40 -6.49 39.60
C VAL C 326 0.75 -5.08 40.06
N ASP C 327 1.53 -4.38 39.24
CA ASP C 327 1.87 -2.99 39.49
C ASP C 327 0.74 -2.09 39.00
N ALA C 328 1.00 -0.79 38.92
CA ALA C 328 -0.04 0.15 38.52
C ALA C 328 -0.39 -0.02 37.05
N LYS C 329 0.60 0.15 36.16
CA LYS C 329 0.35 0.08 34.73
C LYS C 329 -0.52 -1.12 34.37
N PHE C 330 -0.06 -2.31 34.75
CA PHE C 330 -0.83 -3.52 34.48
C PHE C 330 -2.24 -3.40 35.04
N PHE C 331 -2.38 -2.76 36.20
CA PHE C 331 -3.70 -2.60 36.80
C PHE C 331 -4.59 -1.74 35.92
N GLY C 332 -4.07 -0.63 35.40
CA GLY C 332 -4.88 0.19 34.52
C GLY C 332 -5.25 -0.51 33.25
N VAL C 333 -4.32 -1.28 32.68
CA VAL C 333 -4.60 -2.01 31.46
C VAL C 333 -5.71 -3.02 31.69
N ILE C 334 -5.62 -3.76 32.80
CA ILE C 334 -6.69 -4.69 33.15
C ILE C 334 -7.99 -3.95 33.37
N ALA C 335 -7.92 -2.75 33.95
CA ALA C 335 -9.13 -1.98 34.21
C ALA C 335 -9.83 -1.61 32.91
N MET C 336 -9.05 -1.25 31.89
CA MET C 336 -9.64 -0.89 30.60
C MET C 336 -10.24 -2.12 29.91
N PHE C 337 -9.43 -3.18 29.78
CA PHE C 337 -9.94 -4.41 29.20
C PHE C 337 -11.20 -4.88 29.92
N GLY C 338 -11.28 -4.66 31.22
CA GLY C 338 -12.46 -5.04 31.98
C GLY C 338 -13.61 -4.10 31.76
N ALA C 339 -13.32 -2.81 31.61
CA ALA C 339 -14.36 -1.86 31.27
C ALA C 339 -15.11 -2.29 30.03
N ILE C 340 -14.41 -2.94 29.10
CA ILE C 340 -15.11 -3.45 27.92
C ILE C 340 -15.68 -4.85 28.15
N ALA C 341 -14.93 -5.73 28.81
CA ALA C 341 -15.40 -7.10 29.01
C ALA C 341 -16.69 -7.14 29.82
N VAL C 342 -16.85 -6.21 30.75
CA VAL C 342 -18.04 -6.21 31.60
C VAL C 342 -19.24 -5.73 30.79
N MET C 343 -19.04 -4.76 29.92
CA MET C 343 -20.11 -4.36 29.00
C MET C 343 -20.51 -5.53 28.13
N ALA C 344 -19.55 -6.39 27.77
CA ALA C 344 -19.89 -7.56 27.00
C ALA C 344 -20.62 -8.60 27.84
N LEU C 345 -20.28 -8.70 29.12
CA LEU C 345 -20.87 -9.69 30.01
C LEU C 345 -22.26 -9.31 30.50
N ALA C 346 -22.63 -8.04 30.35
CA ALA C 346 -23.92 -7.53 30.83
C ALA C 346 -25.06 -8.53 30.76
N PRO C 347 -25.37 -9.10 29.60
CA PRO C 347 -26.59 -9.91 29.48
C PRO C 347 -26.69 -11.05 30.46
N TRP C 348 -25.58 -11.41 31.10
CA TRP C 348 -25.57 -12.44 32.13
C TRP C 348 -25.38 -11.86 33.51
N LEU C 349 -25.43 -10.55 33.65
CA LEU C 349 -25.40 -9.88 34.94
C LEU C 349 -26.74 -9.30 35.35
N ASP C 350 -27.50 -8.77 34.40
CA ASP C 350 -28.83 -8.23 34.68
C ASP C 350 -29.77 -9.39 35.00
N THR C 351 -30.06 -9.57 36.28
CA THR C 351 -30.89 -10.68 36.74
C THR C 351 -32.35 -10.24 36.87
N SER C 352 -32.88 -9.76 35.75
CA SER C 352 -34.26 -9.27 35.68
C SER C 352 -35.03 -10.04 34.64
N LYS C 353 -36.21 -10.52 35.01
CA LYS C 353 -37.14 -11.11 34.04
C LYS C 353 -38.05 -10.03 33.49
N VAL C 354 -37.44 -8.93 33.07
CA VAL C 354 -38.13 -7.74 32.60
C VAL C 354 -37.35 -7.20 31.42
N ARG C 355 -37.77 -6.06 30.89
CA ARG C 355 -37.24 -5.52 29.65
C ARG C 355 -37.25 -4.00 29.74
N SER C 356 -37.32 -3.32 28.60
CA SER C 356 -36.98 -1.91 28.46
C SER C 356 -37.24 -1.07 29.70
N GLY C 357 -36.23 -0.29 30.09
CA GLY C 357 -36.29 0.58 31.24
C GLY C 357 -37.36 1.65 31.18
N ALA C 358 -38.14 1.71 30.10
CA ALA C 358 -39.31 2.57 30.10
C ALA C 358 -40.31 2.15 31.17
N TYR C 359 -40.09 1.02 31.83
CA TYR C 359 -40.92 0.55 32.93
C TYR C 359 -40.06 0.17 34.13
N ARG C 360 -38.92 0.85 34.30
CA ARG C 360 -38.02 0.59 35.42
C ARG C 360 -37.37 1.91 35.80
N PRO C 361 -37.97 2.66 36.72
CA PRO C 361 -37.50 4.04 36.99
C PRO C 361 -36.07 4.12 37.51
N LYS C 362 -35.80 3.41 38.60
CA LYS C 362 -34.45 3.41 39.16
C LYS C 362 -33.42 3.16 38.08
N PHE C 363 -33.73 2.22 37.17
CA PHE C 363 -32.85 1.98 36.05
C PHE C 363 -32.69 3.22 35.18
N ARG C 364 -33.77 3.97 34.99
CA ARG C 364 -33.67 5.21 34.21
C ARG C 364 -32.66 6.15 34.84
N MET C 365 -32.77 6.37 36.15
CA MET C 365 -31.88 7.29 36.82
C MET C 365 -30.43 6.82 36.69
N TRP C 366 -30.18 5.56 37.03
CA TRP C 366 -28.81 5.04 36.93
C TRP C 366 -28.28 5.15 35.52
N PHE C 367 -29.14 4.94 34.52
CA PHE C 367 -28.68 4.95 33.13
C PHE C 367 -28.31 6.35 32.69
N TRP C 368 -29.10 7.35 33.07
CA TRP C 368 -28.74 8.72 32.73
C TRP C 368 -27.46 9.12 33.45
N PHE C 369 -27.28 8.66 34.68
CA PHE C 369 -26.00 8.87 35.34
C PHE C 369 -24.87 8.23 34.56
N LEU C 370 -25.13 7.08 33.94
CA LEU C 370 -24.10 6.41 33.15
C LEU C 370 -23.74 7.22 31.91
N VAL C 371 -24.74 7.76 31.23
CA VAL C 371 -24.48 8.60 30.07
C VAL C 371 -23.65 9.82 30.47
N LEU C 372 -24.02 10.44 31.59
CA LEU C 372 -23.24 11.56 32.10
C LEU C 372 -21.81 11.13 32.40
N ASP C 373 -21.63 9.95 32.97
CA ASP C 373 -20.29 9.45 33.24
C ASP C 373 -19.48 9.29 31.97
N PHE C 374 -20.11 8.78 30.91
CA PHE C 374 -19.42 8.66 29.64
C PHE C 374 -18.95 10.02 29.15
N VAL C 375 -19.85 11.00 29.16
CA VAL C 375 -19.48 12.34 28.70
C VAL C 375 -18.34 12.89 29.55
N VAL C 376 -18.41 12.71 30.86
CA VAL C 376 -17.37 13.22 31.75
C VAL C 376 -16.04 12.59 31.44
N LEU C 377 -16.00 11.27 31.32
CA LEU C 377 -14.76 10.59 30.95
C LEU C 377 -14.22 11.15 29.64
N THR C 378 -15.10 11.38 28.67
CA THR C 378 -14.66 11.97 27.41
C THR C 378 -13.98 13.31 27.66
N TRP C 379 -14.54 14.12 28.55
CA TRP C 379 -13.99 15.45 28.81
C TRP C 379 -12.74 15.42 29.68
N VAL C 380 -12.51 14.33 30.39
CA VAL C 380 -11.41 14.29 31.36
C VAL C 380 -10.12 13.76 30.75
N GLY C 381 -10.21 12.84 29.80
CA GLY C 381 -9.01 12.31 29.18
C GLY C 381 -8.15 13.36 28.52
N ALA C 382 -8.70 14.55 28.28
CA ALA C 382 -7.97 15.64 27.66
C ALA C 382 -7.29 16.54 28.67
N MET C 383 -7.75 16.55 29.90
CA MET C 383 -7.23 17.45 30.92
C MET C 383 -6.15 16.76 31.74
N PRO C 384 -5.18 17.51 32.25
CA PRO C 384 -4.05 16.89 32.95
C PRO C 384 -4.47 16.05 34.14
N THR C 385 -3.51 15.31 34.67
CA THR C 385 -3.72 14.45 35.83
C THR C 385 -3.56 15.19 37.15
N GLU C 386 -3.58 16.52 37.12
CA GLU C 386 -3.46 17.30 38.34
C GLU C 386 -4.81 17.42 39.03
N TYR C 387 -4.76 17.60 40.34
CA TYR C 387 -5.97 17.83 41.10
C TYR C 387 -6.80 18.92 40.42
N PRO C 388 -8.14 18.82 40.43
CA PRO C 388 -8.98 17.77 41.02
C PRO C 388 -9.35 16.64 40.06
N TYR C 389 -8.90 16.76 38.81
CA TYR C 389 -9.35 15.85 37.76
C TYR C 389 -9.12 14.38 38.13
N ASP C 390 -8.12 14.10 38.96
CA ASP C 390 -7.84 12.72 39.34
C ASP C 390 -9.01 12.11 40.09
N TRP C 391 -9.52 12.83 41.10
CA TRP C 391 -10.68 12.34 41.84
C TRP C 391 -11.87 12.13 40.93
N ILE C 392 -12.07 13.04 39.98
CA ILE C 392 -13.19 12.93 39.05
C ILE C 392 -13.07 11.66 38.23
N SER C 393 -11.90 11.43 37.63
CA SER C 393 -11.71 10.24 36.82
C SER C 393 -11.91 8.97 37.63
N LEU C 394 -11.39 8.95 38.86
CA LEU C 394 -11.55 7.78 39.70
C LEU C 394 -13.02 7.52 39.99
N ILE C 395 -13.75 8.57 40.35
CA ILE C 395 -15.18 8.43 40.64
C ILE C 395 -15.91 7.87 39.42
N ALA C 396 -15.61 8.41 38.24
CA ALA C 396 -16.34 8.02 37.04
C ALA C 396 -16.07 6.57 36.69
N SER C 397 -14.81 6.16 36.71
CA SER C 397 -14.49 4.76 36.43
C SER C 397 -15.15 3.84 37.45
N THR C 398 -15.10 4.23 38.73
CA THR C 398 -15.73 3.42 39.76
C THR C 398 -17.22 3.27 39.50
N TYR C 399 -17.88 4.34 39.06
CA TYR C 399 -19.30 4.23 38.80
C TYR C 399 -19.59 3.35 37.60
N TRP C 400 -18.78 3.48 36.54
CA TRP C 400 -18.94 2.59 35.39
C TRP C 400 -18.94 1.12 35.84
N PHE C 401 -17.87 0.75 36.56
CA PHE C 401 -17.76 -0.64 37.01
C PHE C 401 -18.89 -1.00 37.95
N ALA C 402 -19.27 -0.08 38.83
CA ALA C 402 -20.32 -0.36 39.80
C ALA C 402 -21.63 -0.64 39.09
N TYR C 403 -22.04 0.26 38.22
CA TYR C 403 -23.23 0.04 37.40
C TYR C 403 -23.17 -1.38 36.89
N PHE C 404 -22.19 -1.65 36.01
CA PHE C 404 -22.24 -2.88 35.22
C PHE C 404 -22.09 -4.13 36.07
N LEU C 405 -21.53 -4.04 37.28
CA LEU C 405 -21.34 -5.23 38.10
C LEU C 405 -22.45 -5.43 39.13
N VAL C 406 -22.72 -4.43 39.96
CA VAL C 406 -23.63 -4.59 41.07
C VAL C 406 -25.01 -4.03 40.76
N ILE C 407 -25.11 -2.90 40.05
CA ILE C 407 -26.36 -2.17 40.04
C ILE C 407 -27.46 -3.00 39.40
N LEU C 408 -27.13 -3.72 38.33
CA LEU C 408 -28.15 -4.41 37.55
C LEU C 408 -28.74 -5.58 38.32
N PRO C 409 -27.93 -6.38 39.02
CA PRO C 409 -28.51 -7.42 39.88
C PRO C 409 -29.50 -6.90 40.92
N LEU C 410 -29.12 -5.86 41.67
CA LEU C 410 -30.01 -5.31 42.68
C LEU C 410 -31.33 -4.88 42.06
N LEU C 411 -31.27 -4.23 40.90
CA LEU C 411 -32.49 -3.85 40.21
C LEU C 411 -33.31 -5.08 39.85
N GLY C 412 -32.70 -6.03 39.15
CA GLY C 412 -33.40 -7.24 38.77
C GLY C 412 -34.07 -7.90 39.95
N ALA C 413 -33.53 -7.64 41.14
CA ALA C 413 -34.16 -8.14 42.35
C ALA C 413 -35.38 -7.33 42.74
N THR C 414 -35.24 -6.01 42.87
CA THR C 414 -36.26 -5.17 43.49
C THR C 414 -36.64 -3.98 42.60
N GLU C 415 -36.96 -4.26 41.34
CA GLU C 415 -37.22 -3.20 40.34
C GLU C 415 -38.43 -3.52 39.47
N LYS C 416 -39.59 -3.82 40.07
CA LYS C 416 -40.82 -4.03 39.31
C LYS C 416 -42.02 -3.28 39.89
N PRO C 417 -41.90 -1.96 40.12
CA PRO C 417 -43.07 -1.12 40.37
C PRO C 417 -43.63 -0.44 39.10
N GLU C 418 -43.93 -1.24 38.06
CA GLU C 418 -44.48 -0.67 36.84
C GLU C 418 -45.41 -1.63 36.11
N PRO C 419 -46.51 -1.11 35.54
CA PRO C 419 -47.40 -1.97 34.74
C PRO C 419 -46.89 -2.12 33.31
N ILE C 420 -46.45 -3.33 32.97
CA ILE C 420 -45.87 -3.60 31.66
C ILE C 420 -46.96 -3.50 30.60
N PRO C 421 -46.63 -3.07 29.38
CA PRO C 421 -47.65 -2.96 28.34
C PRO C 421 -47.77 -4.22 27.50
N ALA C 422 -49.01 -4.62 27.26
CA ALA C 422 -49.32 -5.72 26.35
C ALA C 422 -49.66 -5.16 24.99
N SER C 423 -49.94 -6.06 24.04
CA SER C 423 -50.52 -5.68 22.75
C SER C 423 -49.61 -4.66 22.04
N ILE C 424 -48.47 -5.18 21.58
CA ILE C 424 -47.46 -4.37 20.91
C ILE C 424 -48.11 -3.45 19.87
N GLU C 425 -49.34 -3.76 19.48
CA GLU C 425 -50.16 -2.80 18.76
C GLU C 425 -50.62 -1.72 19.74
N GLU C 426 -49.81 -0.68 19.91
CA GLU C 426 -50.09 0.39 20.86
C GLU C 426 -50.75 1.54 20.10
N ASP C 427 -52.05 1.38 19.86
CA ASP C 427 -52.86 2.42 19.21
C ASP C 427 -53.36 3.36 20.29
N PHE C 428 -52.51 4.30 20.66
CA PHE C 428 -52.83 5.26 21.71
C PHE C 428 -53.29 6.58 21.11
N PRO D 26 -12.33 45.98 14.54
CA PRO D 26 -12.05 45.02 15.61
C PRO D 26 -11.08 43.83 15.49
N ASP D 27 -11.62 42.63 15.31
CA ASP D 27 -10.78 41.45 15.14
C ASP D 27 -10.10 41.41 13.78
N HIS D 28 -10.41 42.34 12.88
CA HIS D 28 -9.80 42.39 11.56
C HIS D 28 -9.99 41.07 10.83
N ALA D 29 -11.25 40.65 10.75
CA ALA D 29 -11.58 39.43 10.03
C ALA D 29 -11.12 39.52 8.58
N PHE D 30 -10.73 38.38 8.03
CA PHE D 30 -10.30 38.33 6.63
C PHE D 30 -11.52 38.22 5.73
N SER D 31 -11.28 37.98 4.45
CA SER D 31 -12.39 37.81 3.50
C SER D 31 -12.95 36.40 3.57
N PHE D 32 -12.08 35.40 3.64
CA PHE D 32 -12.49 34.00 3.62
C PHE D 32 -13.10 33.53 4.93
N GLU D 33 -13.10 34.38 5.96
CA GLU D 33 -13.60 33.97 7.28
C GLU D 33 -15.12 33.97 7.24
N GLY D 34 -15.68 32.87 6.72
CA GLY D 34 -17.11 32.72 6.69
C GLY D 34 -17.53 31.70 5.64
N ILE D 35 -18.84 31.70 5.37
CA ILE D 35 -19.43 30.81 4.37
C ILE D 35 -19.12 31.25 2.95
N PHE D 36 -18.45 32.38 2.79
CA PHE D 36 -18.09 32.91 1.47
C PHE D 36 -16.68 33.47 1.59
N GLY D 37 -16.27 34.30 0.63
CA GLY D 37 -14.97 34.94 0.72
C GLY D 37 -13.87 34.25 -0.04
N LYS D 38 -14.05 34.09 -1.35
CA LYS D 38 -13.09 33.34 -2.16
C LYS D 38 -11.80 34.11 -2.40
N TYR D 39 -11.04 34.36 -1.33
CA TYR D 39 -9.62 34.71 -1.42
C TYR D 39 -9.37 35.87 -2.38
N ASP D 40 -9.79 37.05 -1.94
CA ASP D 40 -9.49 38.28 -2.67
C ASP D 40 -8.05 38.27 -3.16
N GLN D 41 -7.86 38.34 -4.47
CA GLN D 41 -6.58 37.95 -5.05
C GLN D 41 -5.54 39.05 -4.98
N ALA D 42 -5.94 40.32 -5.04
CA ALA D 42 -4.96 41.40 -4.89
C ALA D 42 -4.23 41.28 -3.57
N GLN D 43 -4.96 40.95 -2.51
CA GLN D 43 -4.34 40.71 -1.22
C GLN D 43 -3.26 39.64 -1.32
N LEU D 44 -3.51 38.60 -2.12
CA LEU D 44 -2.56 37.51 -2.23
C LEU D 44 -1.35 37.91 -3.06
N ARG D 45 -1.55 38.72 -4.10
CA ARG D 45 -0.42 39.23 -4.86
C ARG D 45 0.47 40.10 -3.97
N ARG D 46 -0.15 40.89 -3.10
CA ARG D 46 0.63 41.70 -2.16
C ARG D 46 1.40 40.80 -1.21
N GLY D 47 0.74 39.79 -0.66
CA GLY D 47 1.43 38.84 0.19
C GLY D 47 2.57 38.14 -0.51
N PHE D 48 2.44 37.92 -1.81
CA PHE D 48 3.51 37.29 -2.56
C PHE D 48 4.69 38.24 -2.74
N GLN D 49 4.40 39.51 -3.00
CA GLN D 49 5.47 40.50 -3.13
C GLN D 49 6.29 40.54 -1.84
N VAL D 50 5.63 40.35 -0.71
CA VAL D 50 6.31 40.39 0.58
C VAL D 50 7.06 39.09 0.90
N TYR D 51 6.39 37.96 0.68
CA TYR D 51 6.98 36.66 0.97
C TYR D 51 8.30 36.37 0.24
N ASN D 52 8.36 36.72 -1.03
CA ASN D 52 9.56 36.46 -1.83
C ASN D 52 10.70 37.43 -1.57
N GLU D 53 10.36 38.58 -1.00
CA GLU D 53 11.32 39.64 -0.72
C GLU D 53 11.72 39.75 0.75
N VAL D 54 11.00 39.08 1.65
CA VAL D 54 11.24 39.19 3.08
C VAL D 54 11.34 37.79 3.69
N CYS D 55 10.23 37.07 3.72
CA CYS D 55 10.19 35.80 4.45
C CYS D 55 11.03 34.73 3.78
N SER D 56 11.19 34.79 2.46
CA SER D 56 11.92 33.76 1.73
C SER D 56 13.39 33.69 2.14
N ALA D 57 13.93 34.77 2.72
CA ALA D 57 15.33 34.79 3.11
C ALA D 57 15.66 33.70 4.12
N CYS D 58 14.70 33.34 4.97
CA CYS D 58 14.86 32.31 5.99
C CYS D 58 13.93 31.13 5.81
N HIS D 59 12.68 31.37 5.40
CA HIS D 59 11.65 30.35 5.33
C HIS D 59 11.55 29.76 3.92
N GLY D 60 10.85 28.62 3.85
CA GLY D 60 10.57 27.95 2.59
C GLY D 60 9.18 27.39 2.59
N MET D 61 8.79 26.85 1.43
CA MET D 61 7.47 26.25 1.22
C MET D 61 7.63 25.11 0.22
N LYS D 62 8.26 24.03 0.67
CA LYS D 62 8.50 22.87 -0.19
C LYS D 62 7.18 22.24 -0.64
N PHE D 63 6.21 22.18 0.26
CA PHE D 63 4.91 21.60 -0.06
C PHE D 63 4.11 22.45 -1.03
N VAL D 64 4.77 23.42 -1.67
CA VAL D 64 4.08 24.29 -2.64
C VAL D 64 4.68 24.37 -4.05
N PRO D 65 3.99 23.80 -5.05
CA PRO D 65 4.55 23.94 -6.40
C PRO D 65 4.51 25.38 -6.92
N ILE D 66 5.39 25.70 -7.86
CA ILE D 66 5.46 27.05 -8.43
C ILE D 66 4.38 27.30 -9.49
N ARG D 67 3.76 26.22 -9.99
CA ARG D 67 2.72 26.24 -11.01
C ARG D 67 1.34 26.56 -10.42
N THR D 68 1.24 26.68 -9.08
CA THR D 68 -0.01 27.03 -8.43
C THR D 68 -0.30 28.51 -8.48
N LEU D 69 0.69 29.32 -8.85
CA LEU D 69 0.50 30.75 -9.00
C LEU D 69 -0.23 31.12 -10.26
N ALA D 70 -0.68 30.12 -10.99
CA ALA D 70 -1.57 30.30 -12.14
C ALA D 70 -2.91 29.63 -11.97
N ASP D 71 -2.98 28.56 -11.17
CA ASP D 71 -4.24 27.90 -10.90
C ASP D 71 -5.25 28.90 -10.33
N ASP D 72 -6.52 28.70 -10.67
CA ASP D 72 -7.56 29.60 -10.21
C ASP D 72 -7.68 29.55 -8.69
N GLY D 73 -8.48 30.47 -8.17
CA GLY D 73 -8.75 30.52 -6.75
C GLY D 73 -7.90 31.53 -6.01
N GLY D 74 -6.63 31.61 -6.36
CA GLY D 74 -5.71 32.50 -5.69
C GLY D 74 -5.10 33.50 -6.66
N PRO D 75 -3.79 33.72 -6.57
CA PRO D 75 -3.14 34.62 -7.52
C PRO D 75 -3.09 34.01 -8.90
N GLN D 76 -3.93 34.50 -9.80
CA GLN D 76 -3.96 34.01 -11.17
C GLN D 76 -2.94 34.74 -12.05
N LEU D 77 -1.68 34.70 -11.61
CA LEU D 77 -0.63 35.41 -12.28
C LEU D 77 -0.45 34.91 -13.71
N ASP D 78 0.38 35.63 -14.46
CA ASP D 78 0.66 35.26 -15.84
C ASP D 78 1.74 34.17 -15.88
N PRO D 79 1.47 33.03 -16.49
CA PRO D 79 2.45 31.92 -16.50
C PRO D 79 3.87 32.33 -16.82
N THR D 80 4.06 33.20 -17.82
CA THR D 80 5.40 33.58 -18.22
C THR D 80 6.17 34.20 -17.04
N PHE D 81 5.51 35.08 -16.30
CA PHE D 81 6.14 35.63 -15.11
C PHE D 81 6.48 34.53 -14.12
N VAL D 82 5.66 33.47 -14.07
CA VAL D 82 5.94 32.38 -13.16
C VAL D 82 7.22 31.66 -13.57
N ARG D 83 7.38 31.38 -14.86
CA ARG D 83 8.60 30.73 -15.32
C ARG D 83 9.81 31.60 -15.06
N GLU D 84 9.68 32.91 -15.29
CA GLU D 84 10.78 33.83 -15.01
C GLU D 84 11.16 33.78 -13.53
N TYR D 85 10.17 33.99 -12.65
CA TYR D 85 10.44 33.99 -11.22
C TYR D 85 11.01 32.67 -10.76
N ALA D 86 10.61 31.57 -11.39
CA ALA D 86 11.17 30.27 -11.04
C ALA D 86 12.64 30.19 -11.41
N ALA D 87 12.95 30.47 -12.68
CA ALA D 87 14.35 30.45 -13.10
C ALA D 87 15.21 31.41 -12.29
N GLY D 88 14.61 32.44 -11.70
CA GLY D 88 15.35 33.37 -10.89
C GLY D 88 15.58 32.96 -9.45
N LEU D 89 15.18 31.75 -9.07
CA LEU D 89 15.32 31.26 -7.71
C LEU D 89 16.58 30.39 -7.60
N ASP D 90 16.72 29.73 -6.45
CA ASP D 90 17.86 28.86 -6.20
C ASP D 90 17.88 27.70 -7.18
N THR D 91 18.90 26.85 -7.10
CA THR D 91 19.08 25.75 -8.03
C THR D 91 18.72 24.45 -7.34
N ILE D 92 17.66 23.80 -7.81
CA ILE D 92 17.27 22.47 -7.37
C ILE D 92 17.85 21.49 -8.38
N ILE D 93 18.74 20.61 -7.93
CA ILE D 93 19.68 19.98 -8.84
C ILE D 93 18.99 19.02 -9.81
N ASP D 94 18.45 17.91 -9.30
CA ASP D 94 17.87 16.89 -10.15
C ASP D 94 17.39 15.72 -9.30
N LYS D 95 16.76 14.73 -9.93
CA LYS D 95 16.48 13.46 -9.28
C LYS D 95 17.14 12.26 -9.96
N ASP D 96 17.53 12.39 -11.23
CA ASP D 96 18.14 11.29 -11.97
C ASP D 96 19.63 11.50 -12.18
N SER D 97 20.04 12.65 -12.70
CA SER D 97 21.44 12.95 -13.00
C SER D 97 21.84 14.18 -12.20
N GLY D 98 22.75 14.01 -11.25
CA GLY D 98 23.18 15.11 -10.42
C GLY D 98 23.78 16.23 -11.25
N GLU D 99 23.02 17.32 -11.38
CA GLU D 99 23.47 18.48 -12.15
C GLU D 99 22.55 19.66 -11.89
N GLU D 100 23.12 20.78 -11.49
CA GLU D 100 22.32 21.96 -11.16
C GLU D 100 21.53 22.46 -12.37
N ARG D 101 20.23 22.26 -12.33
CA ARG D 101 19.37 22.64 -13.44
C ARG D 101 18.94 24.10 -13.46
N ASP D 102 17.78 24.33 -14.05
CA ASP D 102 17.22 25.68 -14.19
C ASP D 102 16.05 25.94 -13.26
N ARG D 103 15.83 25.03 -12.31
CA ARG D 103 14.73 25.15 -11.35
C ARG D 103 13.38 25.42 -12.03
N LYS D 104 12.95 24.46 -12.85
CA LYS D 104 11.68 24.54 -13.57
C LYS D 104 10.49 24.62 -12.62
N GLU D 105 9.46 25.35 -13.05
CA GLU D 105 8.28 25.60 -12.24
C GLU D 105 7.69 24.31 -11.67
N THR D 106 7.69 23.24 -12.48
CA THR D 106 7.14 21.98 -12.02
C THR D 106 7.73 21.58 -10.67
N ASP D 107 8.94 22.05 -10.36
CA ASP D 107 9.54 21.80 -9.07
C ASP D 107 8.79 22.59 -7.99
N MET D 108 9.25 22.46 -6.76
CA MET D 108 8.63 23.12 -5.63
C MET D 108 9.47 24.29 -5.17
N PHE D 109 8.87 25.14 -4.35
CA PHE D 109 9.56 26.26 -3.77
C PHE D 109 10.78 25.74 -3.02
N PRO D 110 11.82 26.53 -2.81
CA PRO D 110 13.02 26.04 -2.14
C PRO D 110 12.76 25.77 -0.67
N THR D 111 13.82 25.36 0.02
CA THR D 111 13.75 25.03 1.44
C THR D 111 14.95 25.64 2.15
N ARG D 112 14.69 26.51 3.12
CA ARG D 112 15.71 27.00 4.04
C ARG D 112 15.62 26.18 5.31
N VAL D 113 16.73 25.55 5.69
CA VAL D 113 16.73 24.44 6.63
C VAL D 113 17.36 24.83 7.97
N GLY D 114 18.58 25.34 7.95
CA GLY D 114 19.30 25.56 9.19
C GLY D 114 20.28 26.71 9.19
N ASP D 115 21.05 26.83 10.27
CA ASP D 115 22.04 27.89 10.44
C ASP D 115 21.36 29.27 10.42
N GLY D 116 20.49 29.48 11.40
CA GLY D 116 19.78 30.73 11.50
C GLY D 116 18.50 30.81 10.71
N MET D 117 17.92 29.67 10.35
CA MET D 117 16.73 29.60 9.52
C MET D 117 15.59 28.96 10.31
N GLY D 118 14.40 29.00 9.71
CA GLY D 118 13.20 28.58 10.39
C GLY D 118 12.47 27.45 9.70
N PRO D 119 11.28 27.13 10.19
CA PRO D 119 10.50 26.01 9.67
C PRO D 119 9.90 26.32 8.30
N ASP D 120 9.08 25.40 7.83
CA ASP D 120 8.41 25.54 6.54
C ASP D 120 7.01 26.09 6.77
N LEU D 121 6.62 27.08 5.96
CA LEU D 121 5.36 27.76 6.09
C LEU D 121 4.29 27.20 5.17
N SER D 122 4.49 25.99 4.64
CA SER D 122 3.52 25.43 3.72
C SER D 122 2.14 25.32 4.38
N VAL D 123 2.09 24.79 5.58
CA VAL D 123 0.82 24.51 6.26
C VAL D 123 0.82 25.09 7.66
N MET D 124 1.65 26.13 7.89
CA MET D 124 1.67 26.75 9.20
C MET D 124 0.34 27.42 9.54
N ALA D 125 -0.49 27.69 8.54
CA ALA D 125 -1.79 28.28 8.76
C ALA D 125 -2.81 27.27 9.28
N LYS D 126 -2.43 25.99 9.38
CA LYS D 126 -3.28 24.96 9.94
C LYS D 126 -2.71 24.30 11.18
N ALA D 127 -1.40 24.40 11.39
CA ALA D 127 -0.75 23.85 12.57
C ALA D 127 -0.86 24.74 13.79
N ARG D 128 -1.78 25.70 13.78
CA ARG D 128 -1.97 26.60 14.90
C ARG D 128 -3.45 26.73 15.25
N GLY D 147 -7.01 31.05 15.51
CA GLY D 147 -7.72 30.43 14.40
C GLY D 147 -6.87 30.25 13.18
N GLY D 148 -5.55 30.25 13.37
CA GLY D 148 -4.62 30.06 12.29
C GLY D 148 -4.01 31.37 11.81
N PRO D 149 -4.50 31.90 10.69
CA PRO D 149 -3.95 33.15 10.18
C PRO D 149 -3.94 34.28 11.19
N GLU D 150 -4.92 34.32 12.08
CA GLU D 150 -4.90 35.33 13.13
C GLU D 150 -3.68 35.18 14.01
N TYR D 151 -3.21 33.95 14.20
CA TYR D 151 -1.96 33.74 14.94
C TYR D 151 -0.81 34.43 14.23
N ILE D 152 -0.70 34.25 12.93
CA ILE D 152 0.39 34.86 12.18
C ILE D 152 0.29 36.38 12.23
N TYR D 153 -0.92 36.91 12.06
CA TYR D 153 -1.11 38.35 12.10
C TYR D 153 -0.70 38.91 13.46
N ASN D 154 -1.28 38.38 14.53
CA ASN D 154 -1.01 38.86 15.88
C ASN D 154 0.37 38.43 16.38
N TYR D 155 1.12 37.66 15.60
CA TYR D 155 2.48 37.29 15.92
C TYR D 155 3.48 38.22 15.25
N VAL D 156 3.44 38.30 13.92
CA VAL D 156 4.18 39.30 13.18
C VAL D 156 3.91 40.66 13.82
N ILE D 157 2.63 40.92 14.11
CA ILE D 157 2.26 42.08 14.92
C ILE D 157 2.63 41.76 16.36
N GLY D 158 3.59 42.50 16.89
CA GLY D 158 4.03 42.33 18.25
C GLY D 158 5.46 41.82 18.33
N PHE D 159 6.38 42.78 18.48
CA PHE D 159 7.77 42.49 18.81
C PHE D 159 8.31 43.57 19.74
N GLU D 160 7.44 44.20 20.52
CA GLU D 160 7.78 45.40 21.24
C GLU D 160 8.98 45.16 22.16
N GLU D 161 9.51 46.26 22.67
CA GLU D 161 10.71 46.18 23.50
C GLU D 161 10.45 45.31 24.72
N ASN D 162 11.54 44.96 25.40
CA ASN D 162 11.43 44.10 26.56
C ASN D 162 10.67 44.84 27.66
N PRO D 163 9.82 44.15 28.42
CA PRO D 163 8.99 44.84 29.42
C PRO D 163 9.79 45.31 30.62
N GLU D 164 9.10 45.87 31.61
CA GLU D 164 9.77 46.36 32.81
C GLU D 164 9.83 45.27 33.89
N CYS D 165 10.30 44.10 33.48
CA CYS D 165 10.63 43.01 34.41
C CYS D 165 12.01 42.47 34.07
N ALA D 166 12.40 42.58 32.80
CA ALA D 166 13.70 42.10 32.33
C ALA D 166 14.15 42.95 31.14
N PRO D 167 14.30 44.26 31.33
CA PRO D 167 14.64 45.12 30.19
C PRO D 167 15.92 44.72 29.49
N GLU D 168 16.89 44.16 30.20
CA GLU D 168 18.10 43.68 29.55
C GLU D 168 17.76 42.63 28.49
N GLY D 169 16.82 41.74 28.80
CA GLY D 169 16.39 40.74 27.84
C GLY D 169 17.34 39.58 27.72
N ILE D 170 17.66 39.19 26.48
CA ILE D 170 18.54 38.07 26.21
C ILE D 170 19.36 38.38 24.96
N ASP D 171 20.55 37.79 24.89
CA ASP D 171 21.45 37.98 23.76
C ASP D 171 21.13 36.95 22.68
N GLY D 172 20.75 37.43 21.50
CA GLY D 172 20.43 36.57 20.39
C GLY D 172 18.97 36.18 20.28
N TYR D 173 18.18 36.42 21.33
CA TYR D 173 16.76 36.14 21.33
C TYR D 173 16.00 37.45 21.44
N TYR D 174 14.86 37.54 20.76
CA TYR D 174 14.04 38.73 20.76
C TYR D 174 12.64 38.38 21.23
N TYR D 175 11.91 39.41 21.67
CA TYR D 175 10.69 39.26 22.43
C TYR D 175 9.46 39.38 21.54
N ASN D 176 8.44 38.55 21.75
CA ASN D 176 7.23 38.61 20.95
C ASN D 176 5.99 38.55 21.87
N LYS D 177 5.00 39.40 21.62
CA LYS D 177 3.80 39.43 22.46
C LYS D 177 2.97 38.15 22.45
N THR D 178 2.84 37.51 21.28
CA THR D 178 1.98 36.33 21.17
C THR D 178 2.60 34.92 21.06
N PHE D 179 3.90 34.79 20.82
CA PHE D 179 4.44 33.45 20.68
C PHE D 179 4.32 32.86 22.06
N GLN D 180 3.84 31.64 22.21
CA GLN D 180 3.76 31.09 23.56
C GLN D 180 4.73 29.93 23.83
N ILE D 181 5.51 29.53 22.83
CA ILE D 181 6.36 28.36 23.02
C ILE D 181 7.84 28.72 23.16
N GLY D 182 8.15 29.91 23.68
CA GLY D 182 9.51 30.36 23.86
C GLY D 182 9.93 30.38 25.31
N GLY D 183 11.23 30.55 25.51
CA GLY D 183 11.79 30.64 26.85
C GLY D 183 11.38 31.96 27.50
N VAL D 184 11.52 32.00 28.83
CA VAL D 184 11.23 33.19 29.63
C VAL D 184 12.31 33.31 30.69
N PRO D 185 12.87 34.48 30.99
CA PRO D 185 13.84 34.58 32.08
C PRO D 185 13.20 34.26 33.42
N ASP D 186 14.03 33.82 34.36
CA ASP D 186 13.55 33.52 35.71
C ASP D 186 12.98 34.76 36.39
N THR D 187 13.46 35.95 35.99
CA THR D 187 12.94 37.19 36.57
C THR D 187 11.46 37.41 36.25
N CYS D 188 10.96 36.83 35.16
CA CYS D 188 9.57 37.00 34.73
C CYS D 188 8.66 35.84 35.10
N LYS D 189 9.20 34.73 35.59
CA LYS D 189 8.38 33.60 35.99
C LYS D 189 7.82 33.82 37.40
N ASP D 190 6.70 33.16 37.66
CA ASP D 190 6.06 33.26 38.97
C ASP D 190 6.70 32.26 39.93
N ALA D 191 6.03 31.96 41.05
CA ALA D 191 6.61 31.09 42.05
C ALA D 191 6.67 29.62 41.62
N ALA D 192 5.90 29.24 40.61
CA ALA D 192 5.80 27.84 40.18
C ALA D 192 6.03 27.72 38.68
N GLY D 193 6.99 28.47 38.15
CA GLY D 193 7.47 28.28 36.79
C GLY D 193 6.65 28.94 35.69
N VAL D 194 5.44 29.39 35.97
CA VAL D 194 4.59 29.98 34.95
C VAL D 194 5.08 31.40 34.67
N LYS D 195 4.97 31.81 33.40
CA LYS D 195 5.45 33.12 32.99
C LYS D 195 4.39 34.19 33.27
N ILE D 196 4.86 35.37 33.67
CA ILE D 196 4.01 36.54 33.88
C ILE D 196 3.86 37.41 32.64
N THR D 197 4.55 37.08 31.54
CA THR D 197 4.44 37.82 30.30
C THR D 197 3.34 37.25 29.42
N HIS D 198 2.79 38.10 28.54
CA HIS D 198 1.75 37.66 27.63
C HIS D 198 2.29 36.60 26.67
N GLY D 199 3.43 36.89 26.02
CA GLY D 199 4.06 35.98 25.09
C GLY D 199 5.36 35.41 25.63
N SER D 200 6.37 35.32 24.79
CA SER D 200 7.66 34.79 25.19
C SER D 200 8.70 35.24 24.17
N TRP D 201 9.91 34.70 24.29
CA TRP D 201 11.04 35.11 23.47
C TRP D 201 11.19 34.17 22.28
N ALA D 202 11.10 34.74 21.08
CA ALA D 202 11.17 34.00 19.82
C ALA D 202 12.52 34.27 19.16
N ARG D 203 13.02 33.26 18.45
CA ARG D 203 14.30 33.37 17.76
C ARG D 203 14.22 34.12 16.44
N MET D 204 13.04 34.58 16.03
CA MET D 204 12.90 35.32 14.78
C MET D 204 13.06 36.81 15.03
N PRO D 205 13.87 37.47 14.17
CA PRO D 205 13.83 38.91 14.37
C PRO D 205 12.63 39.63 13.76
N PRO D 206 12.50 40.94 14.06
CA PRO D 206 11.39 41.70 13.52
C PRO D 206 11.55 41.63 12.03
N PRO D 207 10.48 41.25 11.34
CA PRO D 207 10.65 41.10 9.90
C PRO D 207 10.49 42.41 9.17
N LEU D 208 9.60 43.29 9.64
CA LEU D 208 9.42 44.55 8.89
C LEU D 208 9.44 45.86 9.68
N VAL D 209 9.82 46.93 8.98
CA VAL D 209 9.86 48.27 9.53
C VAL D 209 8.61 49.04 9.07
N ASP D 210 8.67 50.37 9.13
CA ASP D 210 7.53 51.22 8.73
C ASP D 210 7.09 51.15 7.26
N ASP D 211 8.06 51.13 6.34
CA ASP D 211 7.75 51.08 4.91
C ASP D 211 8.82 50.27 4.20
N GLN D 212 8.79 48.96 4.42
CA GLN D 212 9.79 48.04 3.87
C GLN D 212 9.75 47.88 2.35
N VAL D 213 8.56 47.81 1.77
CA VAL D 213 8.42 47.62 0.32
C VAL D 213 7.30 48.45 -0.31
N THR D 214 7.36 48.59 -1.63
CA THR D 214 6.35 49.33 -2.36
C THR D 214 5.36 48.38 -3.01
N TYR D 215 4.10 48.81 -3.07
CA TYR D 215 3.05 48.09 -3.77
C TYR D 215 2.83 48.73 -5.13
N GLU D 216 2.80 47.88 -6.14
CA GLU D 216 2.62 48.42 -7.49
C GLU D 216 1.21 48.95 -7.70
N ASP D 217 0.21 48.32 -7.08
CA ASP D 217 -1.16 48.75 -7.29
C ASP D 217 -1.42 50.13 -6.71
N GLY D 218 -0.66 50.51 -5.68
CA GLY D 218 -0.86 51.78 -5.00
C GLY D 218 -1.63 51.58 -3.72
N THR D 219 -0.93 51.57 -2.59
CA THR D 219 -1.55 51.28 -1.31
C THR D 219 -0.56 51.59 -0.19
N PRO D 220 -1.01 52.11 0.95
CA PRO D 220 -0.09 52.35 2.06
C PRO D 220 0.48 51.05 2.60
N ALA D 221 1.78 50.83 2.39
CA ALA D 221 2.41 49.57 2.76
C ALA D 221 2.92 49.58 4.19
N THR D 222 2.05 49.92 5.13
CA THR D 222 2.44 49.86 6.53
C THR D 222 2.57 48.40 6.96
N VAL D 223 2.98 48.21 8.22
CA VAL D 223 3.28 46.88 8.71
C VAL D 223 2.01 46.04 8.80
N ASP D 224 0.90 46.65 9.22
CA ASP D 224 -0.32 45.90 9.45
C ASP D 224 -0.87 45.31 8.15
N GLN D 225 -0.91 46.12 7.10
CA GLN D 225 -1.43 45.64 5.82
C GLN D 225 -0.57 44.50 5.29
N MET D 226 0.76 44.65 5.40
CA MET D 226 1.65 43.58 4.96
C MET D 226 1.42 42.30 5.75
N ALA D 227 1.20 42.43 7.06
CA ALA D 227 0.95 41.25 7.88
C ALA D 227 -0.32 40.54 7.45
N GLN D 228 -1.40 41.30 7.28
CA GLN D 228 -2.64 40.71 6.80
C GLN D 228 -2.44 40.01 5.47
N ASP D 229 -1.77 40.68 4.53
CA ASP D 229 -1.59 40.13 3.20
C ASP D 229 -0.80 38.84 3.23
N VAL D 230 0.29 38.81 3.99
CA VAL D 230 1.12 37.62 4.02
C VAL D 230 0.39 36.50 4.73
N SER D 231 -0.40 36.82 5.75
CA SER D 231 -1.23 35.79 6.39
C SER D 231 -2.17 35.15 5.39
N ALA D 232 -2.82 35.98 4.57
CA ALA D 232 -3.71 35.42 3.55
C ALA D 232 -2.94 34.57 2.55
N PHE D 233 -1.73 35.01 2.17
CA PHE D 233 -0.94 34.23 1.23
C PHE D 233 -0.60 32.86 1.81
N LEU D 234 -0.23 32.82 3.08
CA LEU D 234 0.09 31.54 3.70
C LEU D 234 -1.15 30.65 3.79
N MET D 235 -2.29 31.24 4.13
CA MET D 235 -3.53 30.46 4.14
C MET D 235 -3.81 29.88 2.77
N TRP D 236 -3.53 30.63 1.71
CA TRP D 236 -3.63 30.07 0.37
C TRP D 236 -2.70 28.88 0.22
N ALA D 237 -1.42 29.10 0.52
CA ALA D 237 -0.43 28.04 0.40
C ALA D 237 -0.86 26.77 1.13
N ALA D 238 -1.67 26.92 2.17
CA ALA D 238 -2.12 25.77 2.95
C ALA D 238 -3.45 25.22 2.43
N GLU D 239 -4.44 26.08 2.21
CA GLU D 239 -5.76 25.68 1.72
C GLU D 239 -6.02 26.39 0.40
N PRO D 240 -5.52 25.86 -0.71
CA PRO D 240 -5.79 26.47 -2.02
C PRO D 240 -7.18 26.18 -2.55
N LYS D 241 -7.75 25.05 -2.12
CA LYS D 241 -9.03 24.56 -2.62
C LYS D 241 -10.17 24.95 -1.69
N LEU D 242 -10.09 26.14 -1.12
CA LEU D 242 -11.10 26.60 -0.18
C LEU D 242 -12.41 26.93 -0.89
N VAL D 243 -12.35 27.74 -1.95
CA VAL D 243 -13.56 28.19 -2.62
C VAL D 243 -14.33 27.01 -3.19
N ALA D 244 -13.61 26.04 -3.76
CA ALA D 244 -14.27 24.83 -4.24
C ALA D 244 -14.95 24.10 -3.09
N ARG D 245 -14.29 24.08 -1.93
CA ARG D 245 -14.91 23.53 -0.73
C ARG D 245 -16.26 24.18 -0.47
N LYS D 246 -16.28 25.51 -0.44
CA LYS D 246 -17.51 26.21 -0.10
C LYS D 246 -18.60 25.97 -1.13
N GLN D 247 -18.25 25.99 -2.42
CA GLN D 247 -19.24 25.79 -3.45
C GLN D 247 -19.81 24.37 -3.40
N MET D 248 -18.95 23.38 -3.17
CA MET D 248 -19.43 22.02 -2.99
C MET D 248 -20.38 21.94 -1.80
N GLY D 249 -20.01 22.59 -0.70
CA GLY D 249 -20.87 22.56 0.47
C GLY D 249 -22.24 23.14 0.18
N LEU D 250 -22.28 24.26 -0.52
CA LEU D 250 -23.56 24.85 -0.89
C LEU D 250 -24.39 23.89 -1.74
N VAL D 251 -23.80 23.39 -2.82
CA VAL D 251 -24.52 22.50 -3.73
C VAL D 251 -25.07 21.30 -2.97
N ALA D 252 -24.24 20.72 -2.09
CA ALA D 252 -24.65 19.50 -1.41
C ALA D 252 -25.73 19.78 -0.37
N MET D 253 -25.57 20.85 0.41
CA MET D 253 -26.62 21.24 1.34
C MET D 253 -27.95 21.37 0.60
N VAL D 254 -27.93 22.02 -0.56
CA VAL D 254 -29.17 22.24 -1.31
C VAL D 254 -29.77 20.92 -1.75
N MET D 255 -28.98 20.11 -2.47
CA MET D 255 -29.51 18.86 -3.02
C MET D 255 -30.02 17.96 -1.91
N LEU D 256 -29.31 17.89 -0.79
CA LEU D 256 -29.72 17.01 0.29
C LEU D 256 -30.93 17.53 1.05
N GLY D 257 -31.05 18.85 1.20
CA GLY D 257 -32.28 19.39 1.73
C GLY D 257 -33.47 19.04 0.87
N LEU D 258 -33.29 19.11 -0.45
CA LEU D 258 -34.37 18.73 -1.37
C LEU D 258 -34.74 17.27 -1.20
N LEU D 259 -33.74 16.39 -1.27
CA LEU D 259 -33.99 14.96 -1.11
C LEU D 259 -34.68 14.68 0.22
N SER D 260 -34.23 15.33 1.29
CA SER D 260 -34.79 15.08 2.61
C SER D 260 -36.24 15.54 2.69
N VAL D 261 -36.55 16.69 2.07
CA VAL D 261 -37.93 17.16 2.07
C VAL D 261 -38.82 16.16 1.34
N MET D 262 -38.37 15.71 0.17
CA MET D 262 -39.17 14.76 -0.59
C MET D 262 -39.39 13.47 0.19
N LEU D 263 -38.35 12.99 0.88
CA LEU D 263 -38.50 11.80 1.68
C LEU D 263 -39.44 12.02 2.85
N TYR D 264 -39.43 13.22 3.44
CA TYR D 264 -40.36 13.53 4.51
C TYR D 264 -41.79 13.48 4.02
N LEU D 265 -42.04 14.03 2.83
CA LEU D 265 -43.38 13.96 2.26
C LEU D 265 -43.79 12.51 2.03
N THR D 266 -42.89 11.71 1.46
CA THR D 266 -43.20 10.31 1.21
C THR D 266 -43.52 9.57 2.50
N ASN D 267 -42.76 9.86 3.56
CA ASN D 267 -43.01 9.22 4.85
C ASN D 267 -44.36 9.64 5.41
N LYS D 268 -44.61 10.94 5.48
CA LYS D 268 -45.90 11.42 5.96
C LYS D 268 -47.04 10.77 5.20
N ARG D 269 -46.86 10.53 3.91
CA ARG D 269 -47.90 9.88 3.13
C ARG D 269 -48.08 8.43 3.54
N LEU D 270 -47.02 7.63 3.39
CA LEU D 270 -47.11 6.21 3.67
C LEU D 270 -47.68 5.95 5.06
N TRP D 271 -47.23 6.70 6.06
CA TRP D 271 -47.66 6.49 7.43
C TRP D 271 -48.95 7.21 7.76
N ALA D 272 -49.73 7.62 6.75
CA ALA D 272 -50.96 8.35 7.03
C ALA D 272 -52.06 7.46 7.55
N PRO D 273 -52.42 6.35 6.90
CA PRO D 273 -53.57 5.54 7.36
C PRO D 273 -53.35 4.89 8.72
N TYR D 274 -52.18 5.09 9.32
CA TYR D 274 -51.89 4.55 10.64
C TYR D 274 -51.72 5.62 11.70
N LYS D 275 -51.85 6.90 11.36
CA LYS D 275 -51.72 7.99 12.30
C LYS D 275 -52.80 9.04 12.05
N GLY D 276 -54.04 8.59 11.86
CA GLY D 276 -55.13 9.49 11.54
C GLY D 276 -56.23 9.55 12.58
N HIS D 277 -56.48 8.42 13.24
CA HIS D 277 -57.53 8.37 14.26
C HIS D 277 -57.08 8.94 15.60
N LYS D 278 -55.78 8.91 15.88
CA LYS D 278 -55.23 9.45 17.11
C LYS D 278 -54.67 10.86 16.95
N ARG E 11 -49.53 14.30 -6.78
CA ARG E 11 -50.03 13.08 -7.43
C ARG E 11 -49.13 11.85 -7.32
N ARG E 12 -49.76 10.68 -7.27
CA ARG E 12 -49.06 9.41 -7.11
C ARG E 12 -47.84 9.32 -8.02
N ASP E 13 -48.09 9.33 -9.34
CA ASP E 13 -47.11 9.19 -10.40
C ASP E 13 -46.03 10.26 -10.30
N PHE E 14 -46.45 11.52 -10.26
CA PHE E 14 -45.49 12.62 -10.24
C PHE E 14 -44.56 12.51 -9.04
N LEU E 15 -45.13 12.39 -7.84
CA LEU E 15 -44.33 12.38 -6.64
C LEU E 15 -43.36 11.20 -6.61
N TYR E 16 -43.88 10.00 -6.89
CA TYR E 16 -43.02 8.81 -6.87
C TYR E 16 -41.88 8.95 -7.87
N HIS E 17 -42.21 9.29 -9.12
CA HIS E 17 -41.19 9.38 -10.15
C HIS E 17 -40.19 10.48 -9.85
N ALA E 18 -40.64 11.57 -9.22
CA ALA E 18 -39.73 12.66 -8.91
C ALA E 18 -38.76 12.27 -7.80
N THR E 19 -39.25 11.56 -6.78
CA THR E 19 -38.36 11.05 -5.75
C THR E 19 -37.29 10.14 -6.37
N ALA E 20 -37.72 9.25 -7.26
CA ALA E 20 -36.75 8.38 -7.92
C ALA E 20 -35.73 9.19 -8.70
N ALA E 21 -36.19 10.20 -9.43
CA ALA E 21 -35.27 11.02 -10.23
C ALA E 21 -34.25 11.73 -9.35
N THR E 22 -34.71 12.28 -8.23
CA THR E 22 -33.79 12.98 -7.33
C THR E 22 -32.77 12.02 -6.74
N GLY E 23 -33.22 10.84 -6.33
CA GLY E 23 -32.27 9.84 -5.87
C GLY E 23 -31.22 9.50 -6.90
N VAL E 24 -31.66 9.34 -8.15
CA VAL E 24 -30.72 9.02 -9.23
C VAL E 24 -29.71 10.14 -9.42
N VAL E 25 -30.20 11.38 -9.42
CA VAL E 25 -29.31 12.52 -9.63
C VAL E 25 -28.25 12.59 -8.54
N VAL E 26 -28.69 12.44 -7.29
CA VAL E 26 -27.74 12.48 -6.18
C VAL E 26 -26.74 11.34 -6.29
N THR E 27 -27.21 10.14 -6.64
CA THR E 27 -26.32 9.01 -6.81
C THR E 27 -25.24 9.31 -7.84
N GLY E 28 -25.65 9.88 -8.98
CA GLY E 28 -24.67 10.18 -10.02
C GLY E 28 -23.68 11.26 -9.60
N ALA E 29 -24.18 12.29 -8.91
CA ALA E 29 -23.29 13.34 -8.43
C ALA E 29 -22.30 12.78 -7.42
N ALA E 30 -22.67 11.72 -6.71
CA ALA E 30 -21.73 11.09 -5.78
C ALA E 30 -20.78 10.15 -6.49
N VAL E 31 -21.20 9.55 -7.60
CA VAL E 31 -20.38 8.56 -8.29
C VAL E 31 -19.29 9.23 -9.12
N TRP E 32 -19.64 10.29 -9.84
CA TRP E 32 -18.69 10.95 -10.74
C TRP E 32 -17.30 11.15 -10.14
N PRO E 33 -17.13 11.66 -8.92
CA PRO E 33 -15.76 11.86 -8.41
C PRO E 33 -14.99 10.57 -8.21
N LEU E 34 -15.67 9.48 -7.84
CA LEU E 34 -15.02 8.18 -7.78
C LEU E 34 -14.45 7.76 -9.12
N ILE E 35 -14.91 8.36 -10.20
CA ILE E 35 -14.38 8.11 -11.54
C ILE E 35 -13.47 9.26 -12.00
N ASN E 36 -13.49 10.38 -11.27
CA ASN E 36 -12.68 11.55 -11.63
C ASN E 36 -11.31 11.52 -10.96
N GLN E 37 -11.22 10.98 -9.76
CA GLN E 37 -9.97 10.90 -9.01
C GLN E 37 -8.93 10.10 -9.76
N MET E 38 -9.35 9.10 -10.54
CA MET E 38 -8.41 8.29 -11.28
C MET E 38 -7.82 9.04 -12.46
N ASN E 39 -8.41 10.17 -12.86
CA ASN E 39 -7.86 10.93 -13.96
C ASN E 39 -6.57 11.61 -13.51
N ALA E 40 -5.96 12.34 -14.45
CA ALA E 40 -4.65 12.91 -14.20
C ALA E 40 -4.70 13.90 -13.05
N SER E 41 -3.91 13.64 -12.01
CA SER E 41 -3.79 14.57 -10.90
C SER E 41 -2.98 15.78 -11.32
N ALA E 42 -2.96 16.79 -10.44
CA ALA E 42 -2.27 18.03 -10.76
C ALA E 42 -0.76 17.83 -10.86
N ASP E 43 -0.20 16.90 -10.11
CA ASP E 43 1.23 16.65 -10.15
C ASP E 43 1.68 16.03 -11.46
N VAL E 44 0.74 15.77 -12.39
CA VAL E 44 1.08 15.25 -13.72
C VAL E 44 0.61 16.05 -14.93
N LYS E 45 -0.51 16.79 -14.84
CA LYS E 45 -1.00 17.55 -15.99
C LYS E 45 0.03 18.50 -16.58
N ALA E 46 0.83 19.11 -15.73
CA ALA E 46 1.86 20.05 -16.18
C ALA E 46 2.89 19.35 -17.05
N MET E 47 3.27 18.14 -16.65
CA MET E 47 4.27 17.36 -17.38
C MET E 47 3.99 17.20 -18.87
N ALA E 48 2.73 17.01 -19.24
CA ALA E 48 2.36 16.83 -20.64
C ALA E 48 2.81 17.99 -21.53
N SER E 49 2.69 19.22 -21.03
CA SER E 49 3.08 20.37 -21.84
C SER E 49 4.34 21.05 -21.30
N ILE E 50 5.45 20.92 -22.01
CA ILE E 50 6.69 21.56 -21.53
C ILE E 50 7.28 22.44 -22.62
N PHE E 51 7.61 23.68 -22.27
CA PHE E 51 8.17 24.62 -23.22
C PHE E 51 9.66 24.92 -22.97
N VAL E 52 10.40 25.09 -24.05
CA VAL E 52 11.82 25.41 -23.99
C VAL E 52 12.06 26.73 -24.69
N ASP E 53 12.56 27.72 -23.94
CA ASP E 53 12.85 29.05 -24.48
C ASP E 53 14.22 29.00 -25.15
N VAL E 54 14.22 28.85 -26.47
CA VAL E 54 15.49 28.80 -27.22
C VAL E 54 16.32 30.04 -26.89
N SER E 55 15.82 31.21 -27.20
CA SER E 55 16.39 32.49 -26.75
C SER E 55 17.91 32.54 -27.00
N ALA E 56 18.28 32.57 -28.28
CA ALA E 56 19.65 32.85 -28.68
C ALA E 56 20.62 31.83 -28.08
N VAL E 57 20.49 30.60 -28.58
CA VAL E 57 21.28 29.47 -28.09
C VAL E 57 22.62 29.44 -28.82
N GLU E 58 22.98 30.53 -29.49
CA GLU E 58 24.19 30.58 -30.31
C GLU E 58 24.14 29.50 -31.39
N VAL E 59 23.18 29.72 -32.30
CA VAL E 59 22.76 28.74 -33.28
C VAL E 59 23.96 27.97 -33.86
N GLY E 60 23.88 26.65 -33.81
CA GLY E 60 24.88 25.82 -34.43
C GLY E 60 25.58 24.82 -33.53
N THR E 61 25.48 24.95 -32.20
CA THR E 61 26.20 24.00 -31.37
C THR E 61 25.30 22.91 -30.80
N GLN E 62 24.35 23.27 -29.92
CA GLN E 62 23.38 22.30 -29.42
C GLN E 62 22.48 22.90 -28.35
N LEU E 63 21.43 22.16 -27.97
CA LEU E 63 20.59 22.52 -26.83
C LEU E 63 19.88 21.27 -26.35
N THR E 64 20.03 20.93 -25.08
CA THR E 64 19.45 19.73 -24.49
C THR E 64 18.57 20.13 -23.30
N VAL E 65 17.43 19.46 -23.17
CA VAL E 65 16.53 19.70 -22.05
C VAL E 65 15.90 18.39 -21.61
N LYS E 66 15.70 18.27 -20.29
CA LYS E 66 15.11 17.08 -19.71
C LYS E 66 13.59 17.09 -19.86
N TRP E 67 13.02 15.93 -20.12
CA TRP E 67 11.57 15.79 -20.26
C TRP E 67 11.21 14.32 -20.33
N ARG E 68 10.17 13.93 -19.60
CA ARG E 68 9.69 12.55 -19.60
C ARG E 68 10.77 11.58 -19.12
N GLY E 69 11.80 12.14 -18.48
CA GLY E 69 12.93 11.35 -18.03
C GLY E 69 14.00 11.11 -19.09
N LYS E 70 13.82 11.64 -20.29
CA LYS E 70 14.80 11.53 -21.36
C LYS E 70 15.13 12.90 -21.92
N PRO E 71 16.30 13.05 -22.54
CA PRO E 71 16.68 14.36 -23.09
C PRO E 71 16.04 14.61 -24.44
N VAL E 72 15.74 15.88 -24.71
CA VAL E 72 15.18 16.32 -25.98
C VAL E 72 16.18 17.27 -26.62
N PHE E 73 16.82 16.81 -27.70
CA PHE E 73 17.88 17.54 -28.36
C PHE E 73 17.29 18.60 -29.28
N ILE E 74 17.66 19.86 -29.05
CA ILE E 74 17.30 20.97 -29.92
C ILE E 74 18.61 21.59 -30.40
N ARG E 75 18.99 21.31 -31.65
CA ARG E 75 20.25 21.79 -32.20
C ARG E 75 20.00 22.57 -33.48
N ARG E 76 20.58 23.76 -33.57
CA ARG E 76 20.57 24.52 -34.80
C ARG E 76 21.42 23.81 -35.85
N ARG E 77 21.43 24.35 -37.07
CA ARG E 77 22.09 23.72 -38.20
C ARG E 77 23.31 24.52 -38.64
N ASP E 78 24.38 23.80 -38.96
CA ASP E 78 25.60 24.36 -39.54
C ASP E 78 25.67 23.96 -41.02
N GLU E 79 25.88 24.96 -41.88
CA GLU E 79 25.74 24.76 -43.32
C GLU E 79 26.40 23.46 -43.77
N LYS E 80 27.67 23.25 -43.40
CA LYS E 80 28.33 22.01 -43.77
C LYS E 80 27.52 20.79 -43.32
N ASP E 81 26.99 20.83 -42.10
CA ASP E 81 26.09 19.78 -41.65
C ASP E 81 24.87 19.68 -42.54
N ILE E 82 24.32 20.82 -42.95
CA ILE E 82 23.12 20.83 -43.78
C ILE E 82 23.39 20.17 -45.12
N GLU E 83 24.38 20.68 -45.85
CA GLU E 83 24.66 20.16 -47.18
C GLU E 83 24.93 18.66 -47.15
N LEU E 84 25.67 18.20 -46.13
CA LEU E 84 25.85 16.76 -45.96
C LEU E 84 24.51 16.05 -45.81
N ALA E 85 23.57 16.67 -45.09
CA ALA E 85 22.23 16.12 -44.94
C ALA E 85 21.50 16.08 -46.27
N ARG E 86 21.26 17.25 -46.87
CA ARG E 86 20.47 17.32 -48.08
C ARG E 86 21.06 16.52 -49.23
N SER E 87 22.32 16.11 -49.13
CA SER E 87 22.99 15.33 -50.17
C SER E 87 22.98 13.83 -49.86
N VAL E 88 21.94 13.35 -49.18
CA VAL E 88 21.83 11.94 -48.84
C VAL E 88 20.63 11.34 -49.56
N PRO E 89 20.84 10.59 -50.64
CA PRO E 89 19.72 9.92 -51.29
C PRO E 89 19.16 8.81 -50.42
N LEU E 90 17.85 8.58 -50.55
CA LEU E 90 17.19 7.57 -49.73
C LEU E 90 17.92 6.22 -49.81
N GLY E 91 18.54 5.93 -50.95
CA GLY E 91 19.31 4.71 -51.05
C GLY E 91 20.46 4.70 -50.05
N ALA E 92 20.77 3.51 -49.55
CA ALA E 92 21.84 3.32 -48.57
C ALA E 92 21.49 3.96 -47.22
N LEU E 93 20.21 4.17 -46.96
CA LEU E 93 19.72 4.75 -45.72
C LEU E 93 18.97 3.66 -44.97
N ARG E 94 19.52 3.23 -43.83
CA ARG E 94 18.95 2.13 -43.07
C ARG E 94 17.44 2.32 -42.83
N ASP E 95 17.08 3.40 -42.14
CA ASP E 95 15.69 3.70 -41.82
C ASP E 95 15.26 4.92 -42.62
N THR E 96 14.40 4.71 -43.61
CA THR E 96 13.88 5.78 -44.45
C THR E 96 12.44 6.13 -44.10
N SER E 97 12.09 6.12 -42.83
CA SER E 97 10.71 6.33 -42.40
C SER E 97 10.47 7.71 -41.78
N ALA E 98 11.52 8.46 -41.47
CA ALA E 98 11.36 9.78 -40.87
C ALA E 98 10.50 9.70 -39.61
N GLU E 99 11.04 8.95 -38.64
CA GLU E 99 10.43 8.60 -37.32
C GLU E 99 9.61 9.75 -36.71
N ASN E 100 9.87 10.99 -37.12
CA ASN E 100 9.15 12.19 -36.62
C ASN E 100 7.64 11.93 -36.62
N ALA E 101 6.99 12.04 -35.45
CA ALA E 101 5.58 11.77 -35.27
C ALA E 101 4.69 12.98 -35.52
N ASN E 102 5.28 14.14 -35.83
CA ASN E 102 4.49 15.32 -36.18
C ASN E 102 3.93 15.26 -37.59
N LYS E 103 4.18 14.18 -38.31
CA LYS E 103 3.73 14.03 -39.69
C LYS E 103 3.57 12.54 -40.00
N PRO E 104 3.08 12.19 -41.19
CA PRO E 104 2.91 10.77 -41.53
C PRO E 104 4.23 10.07 -41.80
N GLY E 105 4.16 8.83 -42.27
CA GLY E 105 5.34 8.03 -42.53
C GLY E 105 6.11 8.45 -43.77
N ALA E 106 5.97 9.72 -44.15
CA ALA E 106 6.66 10.24 -45.32
C ALA E 106 8.14 9.88 -45.28
N GLU E 107 8.74 9.77 -46.46
CA GLU E 107 10.14 9.39 -46.58
C GLU E 107 11.01 10.20 -45.63
N ALA E 108 12.08 9.56 -45.14
CA ALA E 108 13.02 10.21 -44.22
C ALA E 108 13.90 11.18 -45.02
N THR E 109 13.27 12.29 -45.41
CA THR E 109 13.92 13.33 -46.18
C THR E 109 14.17 14.55 -45.30
N ASP E 110 15.25 15.25 -45.60
CA ASP E 110 15.62 16.42 -44.79
C ASP E 110 14.55 17.50 -44.87
N GLU E 111 13.88 17.62 -46.02
CA GLU E 111 12.83 18.62 -46.14
C GLU E 111 11.73 18.36 -45.12
N ASN E 112 11.32 17.10 -44.98
CA ASN E 112 10.32 16.75 -43.97
C ASN E 112 10.97 16.52 -42.60
N ARG E 113 12.23 16.06 -42.60
CA ARG E 113 12.91 15.61 -41.34
C ARG E 113 13.56 16.71 -40.50
N THR E 114 13.71 17.95 -41.01
CA THR E 114 14.38 18.95 -40.18
C THR E 114 13.48 19.48 -39.07
N LEU E 115 12.46 20.29 -39.42
CA LEU E 115 11.42 20.69 -38.47
C LEU E 115 10.45 21.67 -39.10
N PRO E 116 9.34 21.99 -38.40
CA PRO E 116 8.50 23.13 -38.82
C PRO E 116 9.31 24.40 -38.99
N ALA E 117 8.68 25.45 -39.54
CA ALA E 117 9.42 26.59 -40.06
C ALA E 117 9.20 27.88 -39.27
N PHE E 118 9.25 27.81 -37.94
CA PHE E 118 9.19 28.98 -37.07
C PHE E 118 7.86 29.70 -37.12
N ASP E 119 6.83 29.11 -37.72
CA ASP E 119 5.60 29.77 -38.14
C ASP E 119 5.86 30.50 -39.46
N GLY E 120 7.06 30.41 -40.01
CA GLY E 120 7.41 30.96 -41.31
C GLY E 120 7.55 29.87 -42.35
N THR E 121 8.54 30.05 -43.24
CA THR E 121 8.77 29.10 -44.33
C THR E 121 10.28 28.87 -44.45
N ASN E 122 10.78 27.87 -43.72
CA ASN E 122 12.15 27.40 -43.84
C ASN E 122 12.32 26.20 -42.93
N THR E 123 13.18 25.27 -43.35
CA THR E 123 13.39 24.03 -42.62
C THR E 123 14.84 23.67 -42.35
N GLY E 124 15.79 24.16 -43.14
CA GLY E 124 17.18 23.77 -42.99
C GLY E 124 17.95 24.57 -41.95
N GLU E 125 17.35 24.80 -40.78
CA GLU E 125 17.97 25.60 -39.72
C GLU E 125 17.76 25.06 -38.30
N TRP E 126 16.76 24.22 -38.04
CA TRP E 126 16.56 23.66 -36.71
C TRP E 126 16.09 22.21 -36.82
N LEU E 127 16.45 21.41 -35.81
CA LEU E 127 16.10 19.99 -35.80
C LEU E 127 16.09 19.51 -34.34
N VAL E 128 14.90 19.24 -33.82
CA VAL E 128 14.75 18.74 -32.45
C VAL E 128 14.20 17.31 -32.47
N MET E 129 15.05 16.40 -31.99
CA MET E 129 14.77 14.97 -31.94
C MET E 129 14.93 14.44 -30.52
N LEU E 130 14.48 13.19 -30.30
CA LEU E 130 14.60 12.54 -29.00
C LEU E 130 16.00 11.91 -28.90
N GLY E 131 16.93 12.43 -28.01
CA GLY E 131 18.30 12.06 -27.78
C GLY E 131 18.41 10.70 -27.12
N VAL E 132 17.81 9.69 -27.74
CA VAL E 132 17.70 8.34 -27.18
C VAL E 132 18.01 7.36 -28.30
N CYS E 133 19.11 6.64 -28.19
CA CYS E 133 19.49 5.67 -29.21
C CYS E 133 18.47 4.56 -29.30
N THR E 134 18.02 4.27 -30.52
CA THR E 134 16.99 3.25 -30.73
C THR E 134 17.47 1.84 -30.48
N HIS E 135 18.78 1.62 -30.35
CA HIS E 135 19.30 0.28 -30.04
C HIS E 135 18.79 -0.17 -28.69
N LEU E 136 19.23 0.51 -27.62
CA LEU E 136 18.80 0.16 -26.27
C LEU E 136 18.62 1.39 -25.37
N GLY E 137 18.63 2.59 -25.91
CA GLY E 137 18.26 3.79 -25.18
C GLY E 137 19.38 4.59 -24.57
N CYS E 138 20.61 4.47 -25.09
CA CYS E 138 21.70 5.29 -24.60
C CYS E 138 21.62 6.70 -25.20
N VAL E 139 22.47 7.59 -24.69
CA VAL E 139 22.51 8.99 -25.09
C VAL E 139 23.72 9.19 -26.01
N PRO E 140 23.55 9.37 -27.32
CA PRO E 140 24.72 9.61 -28.16
C PRO E 140 25.41 10.93 -27.86
N MET E 141 26.71 10.96 -28.12
CA MET E 141 27.50 12.18 -27.93
C MET E 141 27.36 13.05 -29.16
N GLY E 142 27.09 14.34 -28.95
CA GLY E 142 26.89 15.29 -30.02
C GLY E 142 28.13 16.14 -30.25
N ASP E 143 27.91 17.30 -30.87
CA ASP E 143 29.00 18.21 -31.18
C ASP E 143 29.90 17.73 -32.29
N LYS E 144 29.32 17.21 -33.37
CA LYS E 144 30.06 16.71 -34.52
C LYS E 144 30.97 15.57 -34.06
N SER E 145 30.47 14.34 -34.12
CA SER E 145 31.22 13.16 -33.71
C SER E 145 30.86 12.01 -34.64
N GLY E 146 31.68 10.95 -34.59
CA GLY E 146 31.47 9.78 -35.41
C GLY E 146 32.13 9.90 -36.77
N ASP E 147 31.77 8.96 -37.64
CA ASP E 147 32.32 8.87 -38.99
C ASP E 147 31.38 9.47 -40.04
N PHE E 148 30.39 10.27 -39.62
CA PHE E 148 29.45 10.90 -40.54
C PHE E 148 29.14 12.35 -40.16
N GLY E 149 29.90 12.96 -39.25
CA GLY E 149 29.67 14.33 -38.87
C GLY E 149 28.32 14.54 -38.20
N GLY E 150 28.01 13.70 -37.21
CA GLY E 150 26.76 13.79 -36.50
C GLY E 150 26.86 13.38 -35.04
N TRP E 151 26.25 12.25 -34.69
CA TRP E 151 26.21 11.75 -33.32
C TRP E 151 26.81 10.34 -33.28
N PHE E 152 27.40 10.00 -32.14
CA PHE E 152 28.04 8.72 -31.92
C PHE E 152 27.56 8.14 -30.60
N CYS E 153 27.08 6.90 -30.63
CA CYS E 153 26.61 6.22 -29.42
C CYS E 153 27.76 5.44 -28.80
N PRO E 154 28.19 5.72 -27.56
CA PRO E 154 29.34 4.99 -27.02
C PRO E 154 29.00 3.63 -26.42
N CYS E 155 27.72 3.28 -26.33
CA CYS E 155 27.35 2.02 -25.69
C CYS E 155 27.70 0.82 -26.55
N HIS E 156 27.51 0.92 -27.87
CA HIS E 156 27.84 -0.16 -28.79
C HIS E 156 28.43 0.32 -30.12
N GLY E 157 28.51 1.62 -30.37
CA GLY E 157 29.11 2.14 -31.59
C GLY E 157 28.13 2.31 -32.72
N SER E 158 27.14 3.20 -32.63
CA SER E 158 26.17 3.40 -33.68
C SER E 158 26.40 4.80 -34.22
N HIS E 159 26.63 4.92 -35.52
CA HIS E 159 26.90 6.22 -36.09
C HIS E 159 25.65 6.85 -36.68
N TYR E 160 25.31 8.02 -36.18
CA TYR E 160 24.16 8.76 -36.65
C TYR E 160 24.65 9.79 -37.65
N ASP E 161 23.75 10.30 -38.48
CA ASP E 161 24.13 11.28 -39.48
C ASP E 161 23.72 12.68 -39.03
N SER E 162 23.80 13.65 -39.94
CA SER E 162 23.49 15.03 -39.60
C SER E 162 22.03 15.18 -39.19
N ALA E 163 21.12 14.61 -39.99
CA ALA E 163 19.70 14.72 -39.70
C ALA E 163 19.23 13.72 -38.65
N GLY E 164 20.12 12.86 -38.15
CA GLY E 164 19.77 11.92 -37.12
C GLY E 164 19.43 10.53 -37.60
N ARG E 165 19.49 10.26 -38.90
CA ARG E 165 19.18 8.93 -39.41
C ARG E 165 20.31 7.97 -39.07
N ILE E 166 19.94 6.76 -38.64
CA ILE E 166 20.93 5.81 -38.15
C ILE E 166 21.84 5.37 -39.29
N ARG E 167 23.10 5.12 -38.93
CA ARG E 167 24.10 4.64 -39.89
C ARG E 167 25.21 3.94 -39.12
N LYS E 168 25.77 2.91 -39.75
CA LYS E 168 27.00 2.26 -39.27
C LYS E 168 26.86 1.80 -37.82
N GLY E 169 25.96 0.84 -37.62
CA GLY E 169 25.81 0.24 -36.32
C GLY E 169 24.58 -0.65 -36.18
N PRO E 170 24.38 -1.19 -34.98
CA PRO E 170 23.22 -2.08 -34.78
C PRO E 170 21.90 -1.34 -34.67
N ALA E 171 21.92 -0.08 -34.21
CA ALA E 171 20.71 0.72 -34.07
C ALA E 171 19.87 0.61 -35.33
N PRO E 172 18.64 0.12 -35.22
CA PRO E 172 17.84 -0.16 -36.44
C PRO E 172 17.28 1.09 -37.11
N ARG E 173 16.82 2.05 -36.31
CA ARG E 173 16.11 3.21 -36.86
C ARG E 173 16.79 4.49 -36.40
N ASN E 174 16.40 5.60 -37.03
CA ASN E 174 16.99 6.90 -36.76
C ASN E 174 16.46 7.47 -35.44
N LEU E 175 16.83 8.71 -35.14
CA LEU E 175 16.36 9.38 -33.93
C LEU E 175 14.97 9.94 -34.16
N ASP E 176 13.99 9.45 -33.40
CA ASP E 176 12.62 9.90 -33.55
C ASP E 176 12.51 11.41 -33.32
N ILE E 177 11.38 11.96 -33.73
CA ILE E 177 11.10 13.38 -33.57
C ILE E 177 9.74 13.54 -32.91
N PRO E 178 9.67 14.02 -31.67
CA PRO E 178 8.37 14.16 -31.01
C PRO E 178 7.51 15.21 -31.68
N VAL E 179 6.26 15.30 -31.22
CA VAL E 179 5.33 16.29 -31.73
C VAL E 179 5.66 17.65 -31.13
N ALA E 180 6.01 18.61 -31.98
CA ALA E 180 6.42 19.92 -31.52
C ALA E 180 6.06 20.97 -32.55
N ALA E 181 5.60 22.13 -32.07
CA ALA E 181 5.30 23.28 -32.90
C ALA E 181 5.90 24.52 -32.25
N PHE E 182 5.98 25.60 -33.02
CA PHE E 182 6.67 26.78 -32.53
C PHE E 182 5.69 27.77 -31.89
N VAL E 183 6.27 28.71 -31.14
CA VAL E 183 5.53 29.66 -30.31
C VAL E 183 5.78 31.07 -30.82
N ASP E 184 5.86 31.21 -32.15
CA ASP E 184 6.15 32.50 -32.77
C ASP E 184 7.56 33.00 -32.51
N GLU E 185 8.54 32.24 -33.01
CA GLU E 185 9.93 32.62 -33.29
C GLU E 185 10.84 32.68 -32.06
N THR E 186 10.32 32.59 -30.83
CA THR E 186 11.24 32.27 -29.73
C THR E 186 10.50 31.43 -28.70
N THR E 187 10.44 30.13 -28.97
CA THR E 187 9.99 29.12 -28.01
C THR E 187 9.92 27.77 -28.73
N ILE E 188 9.84 26.68 -27.97
CA ILE E 188 9.51 25.38 -28.53
C ILE E 188 8.54 24.68 -27.59
N LYS E 189 7.54 24.01 -28.16
CA LYS E 189 6.51 23.31 -27.39
C LYS E 189 6.72 21.81 -27.58
N LEU E 190 7.06 21.12 -26.49
CA LEU E 190 7.35 19.68 -26.51
C LEU E 190 6.20 18.95 -25.85
N GLY E 191 5.26 18.47 -26.66
CA GLY E 191 4.10 17.77 -26.16
C GLY E 191 2.79 18.29 -26.75
N ARG F 11 -5.08 -49.94 14.64
CA ARG F 11 -6.36 -49.75 15.33
C ARG F 11 -7.12 -48.46 15.01
N ARG F 12 -8.44 -48.56 15.05
CA ARG F 12 -9.33 -47.44 14.71
C ARG F 12 -8.85 -46.15 15.37
N ASP F 13 -8.88 -46.12 16.70
CA ASP F 13 -8.57 -44.98 17.55
C ASP F 13 -7.15 -44.48 17.28
N PHE F 14 -6.17 -45.38 17.36
CA PHE F 14 -4.78 -44.97 17.20
C PHE F 14 -4.55 -44.33 15.83
N LEU F 15 -4.96 -45.02 14.77
CA LEU F 15 -4.70 -44.52 13.43
C LEU F 15 -5.38 -43.19 13.18
N TYR F 16 -6.68 -43.10 13.50
CA TYR F 16 -7.40 -41.86 13.28
C TYR F 16 -6.77 -40.70 14.06
N HIS F 17 -6.54 -40.90 15.36
CA HIS F 17 -5.98 -39.82 16.17
C HIS F 17 -4.58 -39.45 15.72
N ALA F 18 -3.80 -40.41 15.24
CA ALA F 18 -2.44 -40.11 14.78
C ALA F 18 -2.47 -39.29 13.49
N THR F 19 -3.37 -39.64 12.57
CA THR F 19 -3.51 -38.82 11.36
C THR F 19 -3.88 -37.39 11.74
N ALA F 20 -4.81 -37.24 12.67
CA ALA F 20 -5.18 -35.89 13.09
C ALA F 20 -3.99 -35.16 13.70
N ALA F 21 -3.21 -35.84 14.53
CA ALA F 21 -2.06 -35.21 15.17
C ALA F 21 -1.04 -34.76 14.13
N THR F 22 -0.77 -35.60 13.13
CA THR F 22 0.19 -35.25 12.11
C THR F 22 -0.29 -34.05 11.30
N GLY F 23 -1.58 -34.04 10.94
CA GLY F 23 -2.12 -32.88 10.26
C GLY F 23 -1.95 -31.60 11.07
N VAL F 24 -2.21 -31.69 12.38
CA VAL F 24 -2.08 -30.52 13.24
C VAL F 24 -0.63 -30.05 13.27
N VAL F 25 0.31 -30.98 13.41
CA VAL F 25 1.71 -30.62 13.48
C VAL F 25 2.16 -29.93 12.21
N VAL F 26 1.78 -30.48 11.06
CA VAL F 26 2.16 -29.87 9.79
C VAL F 26 1.54 -28.48 9.66
N THR F 27 0.27 -28.34 10.06
CA THR F 27 -0.39 -27.05 10.02
C THR F 27 0.37 -26.01 10.84
N GLY F 28 0.79 -26.40 12.05
CA GLY F 28 1.51 -25.46 12.89
C GLY F 28 2.86 -25.09 12.32
N ALA F 29 3.57 -26.09 11.77
CA ALA F 29 4.87 -25.82 11.16
C ALA F 29 4.72 -24.90 9.97
N ALA F 30 3.56 -24.92 9.31
CA ALA F 30 3.32 -24.01 8.20
C ALA F 30 2.88 -22.63 8.68
N VAL F 31 2.23 -22.56 9.83
CA VAL F 31 1.70 -21.28 10.30
C VAL F 31 2.80 -20.43 10.93
N TRP F 32 3.66 -21.04 11.75
CA TRP F 32 4.69 -20.29 12.47
C TRP F 32 5.41 -19.25 11.62
N PRO F 33 5.88 -19.54 10.40
CA PRO F 33 6.60 -18.50 9.66
C PRO F 33 5.73 -17.32 9.27
N LEU F 34 4.45 -17.56 9.00
CA LEU F 34 3.53 -16.45 8.77
C LEU F 34 3.44 -15.51 9.96
N ILE F 35 3.85 -15.97 11.13
CA ILE F 35 3.90 -15.13 12.32
C ILE F 35 5.35 -14.71 12.64
N ASN F 36 6.32 -15.32 11.97
CA ASN F 36 7.74 -15.02 12.20
C ASN F 36 8.24 -13.91 11.28
N GLN F 37 7.72 -13.84 10.07
CA GLN F 37 8.13 -12.83 9.09
C GLN F 37 7.85 -11.43 9.59
N MET F 38 6.81 -11.25 10.40
CA MET F 38 6.50 -9.93 10.93
C MET F 38 7.49 -9.49 12.01
N ASN F 39 8.28 -10.41 12.55
CA ASN F 39 9.26 -10.02 13.54
C ASN F 39 10.39 -9.23 12.88
N ALA F 40 11.35 -8.81 13.70
CA ALA F 40 12.40 -7.92 13.22
C ALA F 40 13.22 -8.59 12.13
N SER F 41 13.18 -8.03 10.88
CA SER F 41 13.89 -8.46 9.70
C SER F 41 15.39 -8.19 9.87
N ALA F 42 16.17 -8.71 8.93
CA ALA F 42 17.62 -8.56 9.01
C ALA F 42 18.05 -7.11 8.87
N ASP F 43 17.32 -6.32 8.08
CA ASP F 43 17.68 -4.92 7.88
C ASP F 43 17.48 -4.08 9.13
N VAL F 44 17.01 -4.69 10.23
CA VAL F 44 16.86 -3.98 11.52
C VAL F 44 17.59 -4.58 12.72
N LYS F 45 17.79 -5.90 12.79
CA LYS F 45 18.45 -6.50 13.94
C LYS F 45 19.80 -5.88 14.26
N ALA F 46 20.57 -5.54 13.23
CA ALA F 46 21.88 -4.95 13.42
C ALA F 46 21.79 -3.60 14.13
N MET F 47 20.78 -2.81 13.77
CA MET F 47 20.57 -1.49 14.36
C MET F 47 20.54 -1.48 15.88
N ALA F 48 19.91 -2.48 16.49
CA ALA F 48 19.81 -2.54 17.95
C ALA F 48 21.17 -2.50 18.64
N SER F 49 22.17 -3.20 18.09
CA SER F 49 23.48 -3.20 18.71
C SER F 49 24.51 -2.44 17.89
N ILE F 50 24.95 -1.28 18.40
CA ILE F 50 25.94 -0.50 17.67
C ILE F 50 27.14 -0.19 18.55
N PHE F 51 28.33 -0.44 18.04
CA PHE F 51 29.56 -0.21 18.80
C PHE F 51 30.37 0.97 18.26
N VAL F 52 30.94 1.69 19.17
CA VAL F 52 31.78 2.82 18.81
C VAL F 52 33.18 2.58 19.36
N ASP F 53 34.16 2.52 18.45
CA ASP F 53 35.56 2.30 18.82
C ASP F 53 36.15 3.64 19.22
N VAL F 54 36.22 3.89 20.54
CA VAL F 54 36.79 5.14 21.03
C VAL F 54 38.18 5.35 20.45
N SER F 55 39.11 4.44 20.75
CA SER F 55 40.41 4.37 20.11
C SER F 55 41.11 5.73 20.06
N ALA F 56 41.47 6.23 21.25
CA ALA F 56 42.33 7.41 21.36
C ALA F 56 41.69 8.63 20.69
N VAL F 57 40.61 9.09 21.30
CA VAL F 57 39.82 10.21 20.76
C VAL F 57 40.43 11.52 21.22
N GLU F 58 41.66 11.48 21.73
CA GLU F 58 42.30 12.67 22.29
C GLU F 58 41.47 13.21 23.45
N VAL F 59 41.43 12.39 24.50
CA VAL F 59 40.52 12.55 25.62
C VAL F 59 40.39 14.01 26.02
N GLY F 60 39.15 14.49 26.10
CA GLY F 60 38.88 15.83 26.57
C GLY F 60 38.12 16.75 25.65
N THR F 61 38.00 16.42 24.36
CA THR F 61 37.30 17.35 23.48
C THR F 61 35.87 16.91 23.18
N GLN F 62 35.69 15.80 22.47
CA GLN F 62 34.35 15.26 22.23
C GLN F 62 34.38 14.04 21.31
N LEU F 63 33.23 13.36 21.18
CA LEU F 63 33.07 12.30 20.19
C LEU F 63 31.58 12.11 19.96
N THR F 64 31.14 12.22 18.70
CA THR F 64 29.74 12.11 18.34
C THR F 64 29.56 11.00 17.31
N VAL F 65 28.49 10.22 17.44
CA VAL F 65 28.19 9.15 16.50
C VAL F 65 26.68 9.09 16.27
N LYS F 66 26.31 8.77 15.04
CA LYS F 66 24.91 8.66 14.67
C LYS F 66 24.34 7.31 15.11
N TRP F 67 23.10 7.32 15.56
CA TRP F 67 22.42 6.09 15.97
C TRP F 67 20.96 6.39 16.23
N ARG F 68 20.08 5.52 15.73
CA ARG F 68 18.63 5.66 15.93
C ARG F 68 18.12 6.96 15.34
N GLY F 69 18.93 7.57 14.48
CA GLY F 69 18.60 8.85 13.90
C GLY F 69 18.98 10.04 14.74
N LYS F 70 19.56 9.84 15.92
CA LYS F 70 19.99 10.91 16.80
C LYS F 70 21.46 10.72 17.16
N PRO F 71 22.14 11.79 17.55
CA PRO F 71 23.57 11.67 17.91
C PRO F 71 23.75 11.17 19.33
N VAL F 72 24.81 10.41 19.55
CA VAL F 72 25.17 9.90 20.86
C VAL F 72 26.53 10.49 21.24
N PHE F 73 26.52 11.40 22.21
CA PHE F 73 27.71 12.16 22.59
C PHE F 73 28.57 11.30 23.52
N ILE F 74 29.82 11.07 23.13
CA ILE F 74 30.82 10.41 23.96
C ILE F 74 31.96 11.40 24.14
N ARG F 75 32.04 12.02 25.31
CA ARG F 75 33.06 13.03 25.58
C ARG F 75 33.86 12.65 26.81
N ARG F 76 35.18 12.70 26.69
CA ARG F 76 36.05 12.53 27.85
C ARG F 76 35.91 13.75 28.78
N ARG F 77 36.58 13.70 29.92
CA ARG F 77 36.43 14.71 30.96
C ARG F 77 37.71 15.53 31.09
N ASP F 78 37.53 16.83 31.28
CA ASP F 78 38.60 17.78 31.56
C ASP F 78 38.49 18.21 33.02
N GLU F 79 39.61 18.10 33.75
CA GLU F 79 39.59 18.27 35.21
C GLU F 79 38.74 19.46 35.63
N LYS F 80 38.99 20.63 35.05
CA LYS F 80 38.18 21.80 35.38
C LYS F 80 36.69 21.51 35.19
N ASP F 81 36.34 20.84 34.10
CA ASP F 81 34.96 20.42 33.90
C ASP F 81 34.51 19.48 35.01
N ILE F 82 35.40 18.57 35.42
CA ILE F 82 35.05 17.60 36.46
C ILE F 82 34.76 18.30 37.77
N GLU F 83 35.73 19.08 38.27
CA GLU F 83 35.56 19.74 39.56
C GLU F 83 34.31 20.60 39.59
N LEU F 84 34.03 21.31 38.49
CA LEU F 84 32.77 22.04 38.41
C LEU F 84 31.59 21.11 38.57
N ALA F 85 31.67 19.92 37.99
CA ALA F 85 30.61 18.92 38.14
C ALA F 85 30.48 18.46 39.57
N ARG F 86 31.53 17.84 40.11
CA ARG F 86 31.47 17.27 41.44
C ARG F 86 31.14 18.29 42.52
N SER F 87 31.25 19.58 42.22
CA SER F 87 30.96 20.64 43.17
C SER F 87 29.56 21.22 42.99
N VAL F 88 28.61 20.39 42.55
CA VAL F 88 27.23 20.84 42.35
C VAL F 88 26.32 20.10 43.34
N PRO F 89 25.88 20.75 44.41
CA PRO F 89 24.93 20.11 45.32
C PRO F 89 23.57 19.94 44.65
N LEU F 90 22.87 18.88 45.04
CA LEU F 90 21.56 18.60 44.44
C LEU F 90 20.65 19.82 44.49
N GLY F 91 20.81 20.65 45.51
CA GLY F 91 20.02 21.88 45.57
C GLY F 91 20.32 22.78 44.38
N ALA F 92 19.29 23.49 43.91
CA ALA F 92 19.40 24.38 42.77
C ALA F 92 19.64 23.62 41.47
N LEU F 93 19.27 22.34 41.44
CA LEU F 93 19.42 21.50 40.26
C LEU F 93 18.02 21.17 39.75
N ARG F 94 17.69 21.69 38.57
CA ARG F 94 16.35 21.53 38.02
C ARG F 94 15.90 20.06 38.04
N ASP F 95 16.62 19.20 37.36
CA ASP F 95 16.30 17.78 37.28
C ASP F 95 17.36 16.99 38.04
N THR F 96 16.97 16.45 39.20
CA THR F 96 17.85 15.64 40.03
C THR F 96 17.55 14.16 39.94
N SER F 97 17.21 13.66 38.74
CA SER F 97 16.80 12.29 38.56
C SER F 97 17.85 11.41 37.90
N ALA F 98 18.91 12.00 37.34
CA ALA F 98 19.95 11.22 36.67
C ALA F 98 19.34 10.31 35.60
N GLU F 99 18.73 10.97 34.62
CA GLU F 99 17.98 10.38 33.47
C GLU F 99 18.61 9.09 32.93
N ASN F 100 19.90 8.87 33.19
CA ASN F 100 20.62 7.65 32.73
C ASN F 100 19.79 6.39 33.04
N ALA F 101 19.46 5.61 32.01
CA ALA F 101 18.63 4.43 32.11
C ALA F 101 19.41 3.17 32.42
N ASN F 102 20.74 3.25 32.53
CA ASN F 102 21.55 2.11 32.91
C ASN F 102 21.48 1.81 34.41
N LYS F 103 20.71 2.59 35.16
CA LYS F 103 20.60 2.44 36.61
C LYS F 103 19.24 2.96 37.06
N PRO F 104 18.90 2.82 38.35
CA PRO F 104 17.60 3.30 38.81
C PRO F 104 17.53 4.82 38.88
N GLY F 105 16.45 5.33 39.46
CA GLY F 105 16.23 6.76 39.56
C GLY F 105 17.10 7.45 40.59
N ALA F 106 18.24 6.84 40.90
CA ALA F 106 19.16 7.41 41.87
C ALA F 106 19.42 8.88 41.58
N GLU F 107 19.74 9.63 42.64
CA GLU F 107 19.96 11.07 42.52
C GLU F 107 20.90 11.39 41.36
N ALA F 108 20.67 12.55 40.74
CA ALA F 108 21.50 13.00 39.62
C ALA F 108 22.84 13.48 40.15
N THR F 109 23.65 12.52 40.56
CA THR F 109 24.97 12.79 41.11
C THR F 109 26.04 12.37 40.11
N ASP F 110 27.15 13.10 40.14
CA ASP F 110 28.23 12.83 39.19
C ASP F 110 28.80 11.43 39.38
N GLU F 111 28.81 10.94 40.63
CA GLU F 111 29.33 9.60 40.85
C GLU F 111 28.50 8.57 40.10
N ASN F 112 27.17 8.71 40.13
CA ASN F 112 26.31 7.83 39.35
C ASN F 112 26.15 8.30 37.91
N ARG F 113 26.24 9.62 37.70
CA ARG F 113 25.91 10.26 36.39
C ARG F 113 27.05 10.26 35.35
N THR F 114 28.29 9.95 35.72
CA THR F 114 29.34 10.03 34.72
C THR F 114 29.30 8.84 33.75
N LEU F 115 29.69 7.64 34.21
CA LEU F 115 29.50 6.41 33.45
C LEU F 115 30.10 5.21 34.17
N PRO F 116 29.85 3.99 33.67
CA PRO F 116 30.60 2.82 34.14
C PRO F 116 32.10 3.04 34.06
N ALA F 117 32.88 2.11 34.63
CA ALA F 117 34.30 2.38 34.92
C ALA F 117 35.25 1.53 34.08
N PHE F 118 35.02 1.42 32.77
CA PHE F 118 35.92 0.77 31.83
C PHE F 118 36.05 -0.73 32.07
N ASP F 119 35.20 -1.32 32.90
CA ASP F 119 35.38 -2.64 33.49
C ASP F 119 36.32 -2.54 34.68
N GLY F 120 36.81 -1.34 34.99
CA GLY F 120 37.64 -1.07 36.15
C GLY F 120 36.86 -0.36 37.24
N THR F 121 37.54 0.58 37.91
CA THR F 121 36.94 1.34 39.02
C THR F 121 37.35 2.81 38.87
N ASN F 122 36.54 3.57 38.15
CA ASN F 122 36.68 5.01 38.04
C ASN F 122 35.51 5.54 37.21
N THR F 123 35.07 6.76 37.54
CA THR F 123 33.92 7.36 36.88
C THR F 123 34.14 8.78 36.37
N GLY F 124 35.07 9.54 36.93
CA GLY F 124 35.25 10.93 36.56
C GLY F 124 36.13 11.15 35.34
N GLU F 125 35.91 10.35 34.28
CA GLU F 125 36.72 10.43 33.06
C GLU F 125 35.95 10.27 31.75
N TRP F 126 34.75 9.69 31.75
CA TRP F 126 33.96 9.56 30.53
C TRP F 126 32.48 9.74 30.84
N LEU F 127 31.75 10.27 29.85
CA LEU F 127 30.32 10.54 30.02
C LEU F 127 29.66 10.53 28.64
N VAL F 128 28.87 9.50 28.36
CA VAL F 128 28.16 9.39 27.09
C VAL F 128 26.65 9.49 27.32
N MET F 129 26.09 10.57 26.77
CA MET F 129 24.67 10.91 26.88
C MET F 129 24.04 11.08 25.51
N LEU F 130 22.71 11.16 25.47
CA LEU F 130 21.97 11.36 24.23
C LEU F 130 21.94 12.86 23.91
N GLY F 131 22.65 13.36 22.83
CA GLY F 131 22.82 14.72 22.38
C GLY F 131 21.53 15.29 21.82
N VAL F 132 20.47 15.26 22.63
CA VAL F 132 19.13 15.65 22.20
C VAL F 132 18.52 16.48 23.32
N CYS F 133 18.28 17.76 23.06
CA CYS F 133 17.72 18.65 24.07
C CYS F 133 16.31 18.19 24.43
N THR F 134 16.05 18.08 25.74
CA THR F 134 14.77 17.61 26.21
C THR F 134 13.63 18.60 26.00
N HIS F 135 13.93 19.85 25.63
CA HIS F 135 12.89 20.82 25.35
C HIS F 135 12.07 20.36 24.14
N LEU F 136 12.70 20.33 22.97
CA LEU F 136 12.02 19.91 21.74
C LEU F 136 12.91 19.12 20.81
N GLY F 137 14.10 18.70 21.25
CA GLY F 137 14.92 17.77 20.49
C GLY F 137 16.01 18.36 19.63
N CYS F 138 16.46 19.58 19.92
CA CYS F 138 17.57 20.16 19.17
C CYS F 138 18.90 19.58 19.66
N VAL F 139 19.97 19.90 18.93
CA VAL F 139 21.31 19.41 19.22
C VAL F 139 22.10 20.55 19.86
N PRO F 140 22.40 20.49 21.16
CA PRO F 140 23.20 21.57 21.76
C PRO F 140 24.62 21.59 21.23
N MET F 141 25.21 22.79 21.23
CA MET F 141 26.59 22.97 20.81
C MET F 141 27.51 22.64 21.98
N GLY F 142 28.53 21.83 21.72
CA GLY F 142 29.49 21.41 22.72
C GLY F 142 30.78 22.20 22.66
N ASP F 143 31.83 21.60 23.19
CA ASP F 143 33.13 22.25 23.23
C ASP F 143 33.23 23.40 24.19
N LYS F 144 32.69 23.24 25.40
CA LYS F 144 32.69 24.29 26.42
C LYS F 144 31.96 25.51 25.89
N SER F 145 30.65 25.59 26.15
CA SER F 145 29.82 26.69 25.70
C SER F 145 28.77 26.97 26.77
N GLY F 146 28.14 28.14 26.65
CA GLY F 146 27.11 28.55 27.59
C GLY F 146 27.68 29.29 28.78
N ASP F 147 26.82 29.47 29.78
CA ASP F 147 27.15 30.18 31.01
C ASP F 147 27.48 29.23 32.16
N PHE F 148 27.74 27.96 31.86
CA PHE F 148 28.09 26.98 32.90
C PHE F 148 29.21 26.04 32.46
N GLY F 149 29.94 26.35 31.39
CA GLY F 149 31.03 25.52 30.94
C GLY F 149 30.59 24.13 30.52
N GLY F 150 29.56 24.06 29.68
CA GLY F 150 29.04 22.80 29.21
C GLY F 150 28.49 22.87 27.79
N TRP F 151 27.18 22.73 27.66
CA TRP F 151 26.50 22.73 26.36
C TRP F 151 25.45 23.83 26.33
N PHE F 152 25.21 24.35 25.12
CA PHE F 152 24.27 25.43 24.89
C PHE F 152 23.36 25.07 23.73
N CYS F 153 22.05 25.15 23.95
CA CYS F 153 21.07 24.84 22.90
C CYS F 153 20.72 26.12 22.15
N PRO F 154 20.97 26.22 20.83
CA PRO F 154 20.68 27.49 20.14
C PRO F 154 19.23 27.65 19.72
N CYS F 155 18.37 26.63 19.90
CA CYS F 155 17.00 26.74 19.45
C CYS F 155 16.18 27.68 20.32
N HIS F 156 16.39 27.64 21.64
CA HIS F 156 15.68 28.52 22.57
C HIS F 156 16.54 29.03 23.72
N GLY F 157 17.80 28.58 23.85
CA GLY F 157 18.68 29.09 24.88
C GLY F 157 18.62 28.28 26.16
N SER F 158 19.02 27.02 26.20
CA SER F 158 18.96 26.20 27.39
C SER F 158 20.40 25.90 27.75
N HIS F 159 20.80 26.25 28.97
CA HIS F 159 22.17 26.02 29.38
C HIS F 159 22.34 24.72 30.15
N TYR F 160 23.19 23.86 29.63
CA TYR F 160 23.47 22.58 30.25
C TYR F 160 24.75 22.72 31.05
N ASP F 161 24.98 21.81 31.98
CA ASP F 161 26.16 21.90 32.81
C ASP F 161 27.21 20.87 32.34
N SER F 162 28.24 20.67 33.15
CA SER F 162 29.32 19.77 32.76
C SER F 162 28.82 18.33 32.63
N ALA F 163 28.07 17.86 33.61
CA ALA F 163 27.55 16.50 33.59
C ALA F 163 26.31 16.36 32.72
N GLY F 164 25.82 17.44 32.14
CA GLY F 164 24.66 17.39 31.27
C GLY F 164 23.34 17.72 31.91
N ARG F 165 23.31 18.06 33.19
CA ARG F 165 22.06 18.40 33.86
C ARG F 165 21.59 19.78 33.39
N ILE F 166 20.28 19.88 33.14
CA ILE F 166 19.74 21.10 32.55
C ILE F 166 19.88 22.26 33.52
N ARG F 167 20.09 23.45 32.97
CA ARG F 167 20.19 24.68 33.75
C ARG F 167 19.88 25.86 32.85
N LYS F 168 19.26 26.88 33.43
CA LYS F 168 19.10 28.18 32.80
C LYS F 168 18.41 28.06 31.43
N GLY F 169 17.15 27.63 31.48
CA GLY F 169 16.36 27.55 30.28
C GLY F 169 15.05 26.80 30.45
N PRO F 170 14.30 26.67 29.35
CA PRO F 170 13.00 25.98 29.44
C PRO F 170 13.13 24.47 29.52
N ALA F 171 14.21 23.90 28.96
CA ALA F 171 14.43 22.46 28.99
C ALA F 171 14.20 21.92 30.39
N PRO F 172 13.24 21.01 30.56
CA PRO F 172 12.86 20.57 31.92
C PRO F 172 13.87 19.64 32.57
N ARG F 173 14.43 18.72 31.81
CA ARG F 173 15.29 17.68 32.39
C ARG F 173 16.65 17.69 31.71
N ASN F 174 17.58 16.96 32.31
CA ASN F 174 18.96 16.91 31.82
C ASN F 174 19.08 16.03 30.59
N LEU F 175 20.30 15.80 30.12
CA LEU F 175 20.53 14.93 28.98
C LEU F 175 20.53 13.47 29.42
N ASP F 176 19.58 12.70 28.89
CA ASP F 176 19.47 11.30 29.25
C ASP F 176 20.76 10.54 28.93
N ILE F 177 20.87 9.35 29.51
CA ILE F 177 22.03 8.49 29.28
C ILE F 177 21.52 7.11 28.89
N PRO F 178 21.75 6.68 27.64
CA PRO F 178 21.26 5.35 27.22
C PRO F 178 21.97 4.25 27.96
N VAL F 179 21.50 3.03 27.73
CA VAL F 179 22.10 1.84 28.34
C VAL F 179 23.37 1.49 27.57
N ALA F 180 24.50 1.52 28.27
CA ALA F 180 25.79 1.28 27.63
C ALA F 180 26.75 0.66 28.63
N ALA F 181 27.54 -0.29 28.14
CA ALA F 181 28.59 -0.93 28.93
C ALA F 181 29.86 -0.99 28.08
N PHE F 182 30.98 -1.28 28.74
CA PHE F 182 32.25 -1.22 28.04
C PHE F 182 32.66 -2.58 27.50
N VAL F 183 33.64 -2.56 26.59
CA VAL F 183 34.07 -3.73 25.84
C VAL F 183 35.53 -4.02 26.19
N ASP F 184 35.89 -3.82 27.46
CA ASP F 184 37.26 -4.03 27.92
C ASP F 184 38.24 -2.99 27.36
N GLU F 185 38.02 -1.73 27.72
CA GLU F 185 38.94 -0.60 27.71
C GLU F 185 39.17 0.03 26.33
N THR F 186 38.70 -0.57 25.23
CA THR F 186 38.64 0.23 24.00
C THR F 186 37.41 -0.23 23.20
N THR F 187 36.24 0.30 23.58
CA THR F 187 35.01 0.18 22.80
C THR F 187 33.87 0.78 23.62
N ILE F 188 32.74 1.06 22.99
CA ILE F 188 31.51 1.38 23.70
C ILE F 188 30.35 0.67 23.00
N LYS F 189 29.44 0.13 23.81
CA LYS F 189 28.28 -0.61 23.32
C LYS F 189 27.03 0.23 23.57
N LEU F 190 26.38 0.67 22.49
CA LEU F 190 25.20 1.53 22.58
C LEU F 190 23.97 0.71 22.20
N GLY F 191 23.30 0.17 23.21
CA GLY F 191 22.12 -0.65 22.98
C GLY F 191 22.16 -1.96 23.75
FE HEC G . -0.42 -10.72 -5.62
CHA HEC G . 2.64 -9.62 -6.84
CHB HEC G . -0.90 -12.46 -8.57
CHC HEC G . -3.33 -11.99 -4.38
CHD HEC G . 0.00 -8.80 -2.88
NA HEC G . 0.64 -10.93 -7.41
C1A HEC G . 1.93 -10.51 -7.63
C2A HEC G . 2.43 -11.16 -8.82
C3A HEC G . 1.46 -11.95 -9.30
C4A HEC G . 0.30 -11.81 -8.43
CMA HEC G . 1.55 -12.83 -10.56
CAA HEC G . 3.84 -10.97 -9.41
CBA HEC G . 4.82 -11.83 -8.60
CGA HEC G . 6.23 -11.38 -8.83
O1A HEC G . 7.10 -11.63 -7.94
O2A HEC G . 6.51 -10.75 -9.88
NB HEC G . -1.82 -12.03 -6.34
C1B HEC G . -1.88 -12.57 -7.61
C2B HEC G . -3.16 -13.25 -7.75
C3B HEC G . -3.83 -13.13 -6.58
C4B HEC G . -3.00 -12.34 -5.69
CMB HEC G . -3.58 -13.98 -9.04
CAB HEC G . -5.22 -13.63 -6.17
CBB HEC G . -6.18 -13.92 -7.07
NC HEC G . -1.45 -10.51 -3.92
C1C HEC G . -2.71 -11.01 -3.65
C2C HEC G . -3.21 -10.35 -2.46
C3C HEC G . -2.28 -9.46 -2.07
C4C HEC G . -1.15 -9.56 -2.97
CMC HEC G . -4.59 -10.62 -1.81
CAC HEC G . -2.25 -8.49 -0.89
CBC HEC G . -2.85 -8.74 0.26
ND HEC G . 1.04 -9.43 -5.00
C1D HEC G . 1.02 -8.78 -3.79
C2D HEC G . 2.26 -8.04 -3.64
C3D HEC G . 3.00 -8.26 -4.74
C4D HEC G . 2.24 -9.15 -5.61
CMD HEC G . 2.64 -7.17 -2.42
CAD HEC G . 4.40 -7.70 -5.02
CBD HEC G . 5.44 -8.58 -4.34
CGD HEC G . 5.73 -9.80 -5.16
O1D HEC G . 5.83 -10.92 -4.57
O2D HEC G . 5.88 -9.68 -6.41
FE HEC H . -15.85 -24.04 -10.25
CHA HEC H . -17.68 -26.80 -9.76
CHB HEC H . -14.76 -24.13 -6.96
CHC HEC H . -13.57 -21.44 -10.82
CHD HEC H . -17.10 -23.59 -13.35
NA HEC H . -16.17 -25.24 -8.64
C1A HEC H . -16.95 -26.38 -8.67
C2A HEC H . -16.83 -27.04 -7.38
C3A HEC H . -16.03 -26.28 -6.61
C4A HEC H . -15.60 -25.14 -7.39
CMA HEC H . -15.60 -26.58 -5.16
CAA HEC H . -17.53 -28.36 -6.96
CBA HEC H . -17.18 -29.53 -7.88
CGA HEC H . -15.76 -29.45 -8.36
O1A HEC H . -14.84 -29.43 -7.50
O2A HEC H . -15.55 -29.44 -9.60
NB HEC H . -14.39 -23.00 -9.11
C1B HEC H . -14.19 -23.15 -7.75
C2B HEC H . -13.28 -22.11 -7.30
C3B HEC H . -12.95 -21.35 -8.37
C4B HEC H . -13.64 -21.91 -9.52
CMB HEC H . -12.82 -21.94 -5.83
CAB HEC H . -12.02 -20.12 -8.49
CBB HEC H . -11.24 -19.65 -7.50
NC HEC H . -15.42 -22.71 -11.79
C1C HEC H . -14.40 -21.79 -11.86
C2C HEC H . -14.33 -21.30 -13.22
C3C HEC H . -15.30 -21.89 -13.94
C4C HEC H . -16.02 -22.79 -13.04
CMC HEC H . -13.26 -20.26 -13.68
CAC HEC H . -15.69 -21.73 -15.43
CBC HEC H . -15.31 -20.70 -16.19
ND HEC H . -17.17 -24.99 -11.34
C1D HEC H . -17.54 -24.68 -12.63
C2D HEC H . -18.46 -25.70 -13.08
C3D HEC H . -18.62 -26.58 -12.08
C4D HEC H . -17.80 -26.16 -10.97
CMD HEC H . -19.13 -25.72 -14.47
CAD HEC H . -19.49 -27.85 -12.05
CBD HEC H . -20.70 -27.60 -11.15
CGD HEC H . -21.55 -28.84 -11.07
O1D HEC H . -21.06 -29.94 -11.43
O2D HEC H . -22.73 -28.70 -10.65
FE HEC I . 32.29 -6.13 -15.96
CHA HEC I . 29.62 -6.09 -18.15
CHB HEC I . 31.40 -9.30 -14.97
CHC HEC I . 35.15 -6.34 -14.10
CHD HEC I . 33.19 -2.96 -16.98
NA HEC I . 30.84 -7.47 -16.52
C1A HEC I . 29.76 -7.19 -17.35
C2A HEC I . 28.80 -8.25 -17.21
C3A HEC I . 29.29 -9.14 -16.33
C4A HEC I . 30.58 -8.67 -15.89
CMA HEC I . 28.63 -10.46 -15.86
CAA HEC I . 27.45 -8.31 -17.97
CBA HEC I . 27.61 -9.01 -19.30
CGA HEC I . 26.28 -9.07 -19.99
O1A HEC I . 25.56 -8.03 -19.99
O2A HEC I . 25.92 -10.14 -20.54
NB HEC I . 33.14 -7.58 -14.81
C1B HEC I . 32.55 -8.78 -14.45
C2B HEC I . 33.36 -9.37 -13.40
C3B HEC I . 34.40 -8.56 -13.17
C4B HEC I . 34.28 -7.41 -14.05
CMB HEC I . 33.08 -10.71 -12.69
CAB HEC I . 35.53 -8.78 -12.13
CBB HEC I . 36.27 -10.12 -12.37
NC HEC I . 33.86 -4.87 -15.59
C1C HEC I . 34.97 -5.17 -14.83
C2C HEC I . 35.85 -4.01 -14.82
C3C HEC I . 35.38 -3.15 -15.74
C4C HEC I . 34.07 -3.63 -16.16
CMC HEC I . 37.26 -4.05 -14.19
CAC HEC I . 35.92 -1.76 -16.14
CBC HEC I . 37.45 -1.69 -16.34
ND HEC I . 31.52 -4.74 -17.35
C1D HEC I . 32.08 -3.49 -17.60
C2D HEC I . 31.32 -2.83 -18.63
C3D HEC I . 30.21 -3.81 -19.01
C4D HEC I . 30.41 -4.96 -18.15
CMD HEC I . 31.56 -1.44 -19.25
CAD HEC I . 29.09 -3.63 -20.05
CBD HEC I . 29.49 -4.44 -21.29
CGD HEC I . 28.53 -4.18 -22.42
O1D HEC I . 27.42 -3.65 -22.16
O2D HEC I . 28.89 -4.50 -23.59
FE HEC J . -8.77 4.77 6.87
CHA HEC J . -6.39 7.24 7.42
CHB HEC J . -10.04 5.39 10.03
CHC HEC J . -11.27 2.52 6.31
CHD HEC J . -7.35 4.07 3.89
NA HEC J . -8.26 6.02 8.47
C1A HEC J . -7.33 7.05 8.40
C2A HEC J . -7.51 7.90 9.56
C3A HEC J . -8.53 7.40 10.28
C4A HEC J . -9.01 6.20 9.60
CMA HEC J . -9.07 7.98 11.61
CAA HEC J . -6.70 9.18 9.87
CBA HEC J . -7.25 10.31 9.00
CGA HEC J . -6.25 11.44 8.93
O1A HEC J . -6.29 12.22 7.94
O2A HEC J . -5.39 11.55 9.85
NB HEC J . -10.38 4.12 7.97
C1B HEC J . -10.68 4.43 9.28
C2B HEC J . -11.76 3.58 9.71
C3B HEC J . -12.10 2.78 8.67
C4B HEC J . -11.24 3.11 7.56
CMB HEC J . -12.36 3.63 11.14
CAB HEC J . -13.18 1.68 8.57
CBB HEC J . -13.66 1.03 9.63
NC HEC J . -9.28 3.58 5.35
C1C HEC J . -10.27 2.61 5.36
C2C HEC J . -10.07 1.74 4.21
C3C HEC J . -8.97 2.18 3.58
C4C HEC J . -8.46 3.34 4.27
CMC HEC J . -10.96 0.53 3.85
CAC HEC J . -8.28 1.68 2.30
CBC HEC J . -8.93 1.11 1.31
ND HEC J . -7.16 5.50 5.87
C1D HEC J . -6.77 5.08 4.61
C2D HEC J . -5.66 5.89 4.18
C3D HEC J . -5.39 6.77 5.14
C4D HEC J . -6.33 6.55 6.23
CMD HEC J . -4.94 5.74 2.81
CAD HEC J . -4.28 7.85 5.12
CBD HEC J . -4.80 9.07 4.37
CGD HEC J . -5.65 9.93 5.26
O1D HEC J . -6.71 10.40 4.79
O2D HEC J . -5.27 10.16 6.43
FE HEC K . -26.00 -3.25 15.57
CHA HEC K . -29.31 -3.84 15.70
CHB HEC K . -26.23 -2.59 12.17
CHC HEC K . -22.67 -2.18 15.43
CHD HEC K . -25.54 -4.22 18.77
NA HEC K . -27.49 -3.23 14.19
C1A HEC K . -28.82 -3.46 14.47
C2A HEC K . -29.59 -3.24 13.26
C3A HEC K . -28.74 -2.90 12.29
C4A HEC K . -27.40 -2.89 12.84
CMA HEC K . -29.09 -2.56 10.82
CAA HEC K . -31.14 -3.38 13.13
CBA HEC K . -31.90 -2.48 14.10
CGA HEC K . -31.20 -1.17 14.31
O1A HEC K . -30.97 -0.44 13.31
O2A HEC K . -30.89 -0.85 15.48
NB HEC K . -24.70 -2.48 14.08
C1B HEC K . -24.98 -2.38 12.73
C2B HEC K . -23.77 -2.03 12.01
C3B HEC K . -22.78 -1.93 12.92
C4B HEC K . -23.35 -2.21 14.23
CMB HEC K . -23.69 -1.86 10.47
CAB HEC K . -21.27 -1.58 12.74
CBB HEC K . -20.72 -1.17 11.59
NC HEC K . -24.37 -3.24 16.85
C1C HEC K . -23.12 -2.68 16.64
C2C HEC K . -22.42 -2.66 17.90
C3C HEC K . -23.21 -3.21 18.83
C4C HEC K . -24.45 -3.61 18.17
CMC HEC K . -20.99 -2.06 18.05
CAC HEC K . -22.96 -3.47 20.35
CBC HEC K . -21.74 -3.46 20.90
ND HEC K . -27.19 -3.94 16.97
C1D HEC K . -26.83 -4.26 18.26
C2D HEC K . -28.03 -4.63 18.97
C3D HEC K . -29.06 -4.52 18.12
C4D HEC K . -28.55 -4.08 16.84
CMD HEC K . -28.07 -5.06 20.45
CAD HEC K . -30.56 -4.79 18.38
CBD HEC K . -30.94 -6.09 17.67
CGD HEC K . -32.41 -6.37 17.88
O1D HEC K . -33.16 -5.43 18.28
O2D HEC K . -32.82 -7.54 17.67
FE HEC L . 9.98 33.56 10.51
CHA HEC L . 9.38 31.39 13.12
CHB HEC L . 6.60 33.93 10.08
CHC HEC L . 10.56 36.02 8.20
CHD HEC L . 13.38 33.20 10.97
NA HEC L . 8.31 32.87 11.47
C1A HEC L . 8.30 31.87 12.43
C2A HEC L . 6.94 31.41 12.60
C3A HEC L . 6.16 32.12 11.76
C4A HEC L . 7.01 33.04 11.04
CMA HEC L . 4.63 32.01 11.57
CAA HEC L . 6.50 30.30 13.58
CBA HEC L . 6.17 30.89 14.94
CGA HEC L . 5.74 29.78 15.86
O1A HEC L . 6.40 28.71 15.87
O2A HEC L . 4.73 29.97 16.59
NB HEC L . 8.78 34.79 9.40
C1B HEC L . 7.41 34.70 9.29
C2B HEC L . 6.99 35.56 8.19
C3B HEC L . 8.08 36.14 7.68
C4B HEC L . 9.23 35.66 8.43
CMB HEC L . 5.54 35.76 7.72
CAB HEC L . 8.13 37.13 6.50
CBB HEC L . 7.24 38.37 6.75
NC HEC L . 11.66 34.42 9.72
C1C HEC L . 11.67 35.46 8.80
C2C HEC L . 13.05 35.79 8.49
C3C HEC L . 13.83 35.12 9.37
C4C HEC L . 12.97 34.18 10.08
CMC HEC L . 13.45 37.01 7.63
CAC HEC L . 15.37 35.08 9.51
CBC HEC L . 16.05 36.46 9.42
ND HEC L . 11.20 32.47 11.82
C1D HEC L . 12.59 32.50 11.83
C2D HEC L . 13.07 31.65 12.90
C3D HEC L . 11.82 31.09 13.57
C4D HEC L . 10.71 31.64 12.85
CMD HEC L . 14.54 31.37 13.29
CAD HEC L . 11.75 30.12 14.78
CBD HEC L . 11.39 30.95 16.01
CGD HEC L . 11.47 30.12 17.26
O1D HEC L . 11.47 28.86 17.14
O2D HEC L . 11.53 30.70 18.37
FE1 FES M . 22.84 3.16 -28.47
FE2 FES M . 23.83 0.25 -28.21
S1 FES M . 24.01 1.81 -29.75
S2 FES M . 22.62 1.59 -26.96
FE1 FES N . 16.66 22.59 22.91
FE2 FES N . 14.39 24.66 22.71
S1 FES N . 16.09 24.39 24.05
S2 FES N . 14.91 22.84 21.61
#